data_6NJG
# 
_entry.id   6NJG 
# 
_audit_conform.dict_name       mmcif_pdbx.dic 
_audit_conform.dict_version    5.379 
_audit_conform.dict_location   http://mmcif.pdb.org/dictionaries/ascii/mmcif_pdbx.dic 
# 
loop_
_database_2.database_id 
_database_2.database_code 
_database_2.pdbx_database_accession 
_database_2.pdbx_DOI 
PDB   6NJG         pdb_00006njg 10.2210/pdb6njg/pdb 
WWPDB D_1000238827 ?            ?                   
# 
_pdbx_database_PDB_obs_spr.id               SPRSDE 
_pdbx_database_PDB_obs_spr.date             2019-03-06 
_pdbx_database_PDB_obs_spr.pdb_id           6NJG 
_pdbx_database_PDB_obs_spr.replace_pdb_id   5UCL 
_pdbx_database_PDB_obs_spr.details          ? 
# 
_pdbx_database_status.status_code                     REL 
_pdbx_database_status.status_code_sf                  REL 
_pdbx_database_status.status_code_mr                  ? 
_pdbx_database_status.entry_id                        6NJG 
_pdbx_database_status.recvd_initial_deposition_date   2019-01-03 
_pdbx_database_status.SG_entry                        N 
_pdbx_database_status.deposit_site                    RCSB 
_pdbx_database_status.process_site                    RCSB 
_pdbx_database_status.status_code_cs                  ? 
_pdbx_database_status.methods_development_category    ? 
_pdbx_database_status.pdb_format_compatible           Y 
_pdbx_database_status.status_code_nmr_data            ? 
# 
loop_
_audit_author.name 
_audit_author.pdbx_ordinal 
_audit_author.identifier_ORCID 
'Manczyk, N.' 1 ? 
'Sicheri, F.' 2 ? 
# 
_citation.abstract                  ? 
_citation.abstract_id_CAS           ? 
_citation.book_id_ISBN              ? 
_citation.book_publisher            ? 
_citation.book_publisher_city       ? 
_citation.book_title                ? 
_citation.coordinate_linkage        ? 
_citation.country                   US 
_citation.database_id_Medline       ? 
_citation.details                   ? 
_citation.id                        primary 
_citation.journal_abbrev            'Protein Sci.' 
_citation.journal_id_ASTM           PRCIEI 
_citation.journal_id_CSD            0795 
_citation.journal_id_ISSN           1469-896X 
_citation.journal_full              ? 
_citation.journal_issue             ? 
_citation.journal_volume            28 
_citation.language                  ? 
_citation.page_first                848 
_citation.page_last                 856 
_citation.title                     
'Dimerization of a ubiquitin variant leads to high affinity interactions with a ubiquitin interacting motif.' 
_citation.year                      2019 
_citation.database_id_CSD           ? 
_citation.pdbx_database_id_DOI      10.1002/pro.3593 
_citation.pdbx_database_id_PubMed   30793400 
_citation.unpublished_flag          ? 
# 
loop_
_citation_author.citation_id 
_citation_author.name 
_citation_author.ordinal 
_citation_author.identifier_ORCID 
primary 'Manczyk, N.'  1 ? 
primary 'Veggiani, G.' 2 ? 
primary 'Gish, G.D.'   3 ? 
primary 'Yates, B.P.'  4 ? 
primary 'Ernst, A.'    5 ? 
primary 'Sidhu, S.S.'  6 ? 
primary 'Sicheri, F.'  7 ? 
# 
_cell.angle_alpha                  90.00 
_cell.angle_alpha_esd              ? 
_cell.angle_beta                   90.00 
_cell.angle_beta_esd               ? 
_cell.angle_gamma                  90.00 
_cell.angle_gamma_esd              ? 
_cell.entry_id                     6NJG 
_cell.details                      ? 
_cell.formula_units_Z              ? 
_cell.length_a                     44.613 
_cell.length_a_esd                 ? 
_cell.length_b                     44.613 
_cell.length_b_esd                 ? 
_cell.length_c                     104.343 
_cell.length_c_esd                 ? 
_cell.volume                       ? 
_cell.volume_esd                   ? 
_cell.Z_PDB                        8 
_cell.reciprocal_angle_alpha       ? 
_cell.reciprocal_angle_beta        ? 
_cell.reciprocal_angle_gamma       ? 
_cell.reciprocal_angle_alpha_esd   ? 
_cell.reciprocal_angle_beta_esd    ? 
_cell.reciprocal_angle_gamma_esd   ? 
_cell.reciprocal_length_a          ? 
_cell.reciprocal_length_b          ? 
_cell.reciprocal_length_c          ? 
_cell.reciprocal_length_a_esd      ? 
_cell.reciprocal_length_b_esd      ? 
_cell.reciprocal_length_c_esd      ? 
_cell.pdbx_unique_axis             ? 
# 
_symmetry.entry_id                         6NJG 
_symmetry.cell_setting                     ? 
_symmetry.Int_Tables_number                96 
_symmetry.space_group_name_Hall            ? 
_symmetry.space_group_name_H-M             'P 43 21 2' 
_symmetry.pdbx_full_space_group_name_H-M   ? 
# 
loop_
_entity.id 
_entity.type 
_entity.src_method 
_entity.pdbx_description 
_entity.formula_weight 
_entity.pdbx_number_of_molecules 
_entity.pdbx_ec 
_entity.pdbx_mutation 
_entity.pdbx_fragment 
_entity.details 
1 polymer syn 'Vacuolar protein sorting-associated protein 27' 2824.103 1 ? ? ? ? 
2 polymer man Polyubiquitin-B                                  9742.091 1 ? 
'K6Q, L8I, G10V, K11M, T12R, T14A, K48M, Q62K, K63R, E64D, T66N, H68Y, L71S, R72S, G75S, G76L, M77R, Q78A' ? ? 
3 water   nat water                                            18.015   8 ? ? ? ? 
# 
_entity_name_com.entity_id   1 
_entity_name_com.name        'Golgi retention defective protein 11' 
# 
loop_
_entity_poly.entity_id 
_entity_poly.type 
_entity_poly.nstd_linkage 
_entity_poly.nstd_monomer 
_entity_poly.pdbx_seq_one_letter_code 
_entity_poly.pdbx_seq_one_letter_code_can 
_entity_poly.pdbx_strand_id 
_entity_poly.pdbx_target_identifier 
1 'polypeptide(L)' no no YPEDEEELIRKAIELSLKESRNSA                                                                     
YPEDEEELIRKAIELSLKESRNSA                                                                     B ? 
2 'polypeptide(L)' no no 
;GGAAQPAMQIFVQTITVMRIALEVEPSDTIENVKAKIQDKEGIPPDQQRLIFAGMQLEDGRTLSDYNIKRDSNLYLVSSL
RSLRAGAAA
;
;GGAAQPAMQIFVQTITVMRIALEVEPSDTIENVKAKIQDKEGIPPDQQRLIFAGMQLEDGRTLSDYNIKRDSNLYLVSSL
RSLRAGAAA
;
C ? 
# 
loop_
_entity_poly_seq.entity_id 
_entity_poly_seq.num 
_entity_poly_seq.mon_id 
_entity_poly_seq.hetero 
1 1  TYR n 
1 2  PRO n 
1 3  GLU n 
1 4  ASP n 
1 5  GLU n 
1 6  GLU n 
1 7  GLU n 
1 8  LEU n 
1 9  ILE n 
1 10 ARG n 
1 11 LYS n 
1 12 ALA n 
1 13 ILE n 
1 14 GLU n 
1 15 LEU n 
1 16 SER n 
1 17 LEU n 
1 18 LYS n 
1 19 GLU n 
1 20 SER n 
1 21 ARG n 
1 22 ASN n 
1 23 SER n 
1 24 ALA n 
2 1  GLY n 
2 2  GLY n 
2 3  ALA n 
2 4  ALA n 
2 5  GLN n 
2 6  PRO n 
2 7  ALA n 
2 8  MET n 
2 9  GLN n 
2 10 ILE n 
2 11 PHE n 
2 12 VAL n 
2 13 GLN n 
2 14 THR n 
2 15 ILE n 
2 16 THR n 
2 17 VAL n 
2 18 MET n 
2 19 ARG n 
2 20 ILE n 
2 21 ALA n 
2 22 LEU n 
2 23 GLU n 
2 24 VAL n 
2 25 GLU n 
2 26 PRO n 
2 27 SER n 
2 28 ASP n 
2 29 THR n 
2 30 ILE n 
2 31 GLU n 
2 32 ASN n 
2 33 VAL n 
2 34 LYS n 
2 35 ALA n 
2 36 LYS n 
2 37 ILE n 
2 38 GLN n 
2 39 ASP n 
2 40 LYS n 
2 41 GLU n 
2 42 GLY n 
2 43 ILE n 
2 44 PRO n 
2 45 PRO n 
2 46 ASP n 
2 47 GLN n 
2 48 GLN n 
2 49 ARG n 
2 50 LEU n 
2 51 ILE n 
2 52 PHE n 
2 53 ALA n 
2 54 GLY n 
2 55 MET n 
2 56 GLN n 
2 57 LEU n 
2 58 GLU n 
2 59 ASP n 
2 60 GLY n 
2 61 ARG n 
2 62 THR n 
2 63 LEU n 
2 64 SER n 
2 65 ASP n 
2 66 TYR n 
2 67 ASN n 
2 68 ILE n 
2 69 LYS n 
2 70 ARG n 
2 71 ASP n 
2 72 SER n 
2 73 ASN n 
2 74 LEU n 
2 75 TYR n 
2 76 LEU n 
2 77 VAL n 
2 78 SER n 
2 79 SER n 
2 80 LEU n 
2 81 ARG n 
2 82 SER n 
2 83 LEU n 
2 84 ARG n 
2 85 ALA n 
2 86 GLY n 
2 87 ALA n 
2 88 ALA n 
2 89 ALA n 
# 
_entity_src_gen.entity_id                          2 
_entity_src_gen.pdbx_src_id                        1 
_entity_src_gen.pdbx_alt_source_flag               sample 
_entity_src_gen.pdbx_seq_type                      'Biological sequence' 
_entity_src_gen.pdbx_beg_seq_num                   1 
_entity_src_gen.pdbx_end_seq_num                   89 
_entity_src_gen.gene_src_common_name               Human 
_entity_src_gen.gene_src_genus                     ? 
_entity_src_gen.pdbx_gene_src_gene                 UBB 
_entity_src_gen.gene_src_species                   ? 
_entity_src_gen.gene_src_strain                    ? 
_entity_src_gen.gene_src_tissue                    ? 
_entity_src_gen.gene_src_tissue_fraction           ? 
_entity_src_gen.gene_src_details                   ? 
_entity_src_gen.pdbx_gene_src_fragment             ? 
_entity_src_gen.pdbx_gene_src_scientific_name      'Homo sapiens' 
_entity_src_gen.pdbx_gene_src_ncbi_taxonomy_id     9606 
_entity_src_gen.pdbx_gene_src_variant              ? 
_entity_src_gen.pdbx_gene_src_cell_line            ? 
_entity_src_gen.pdbx_gene_src_atcc                 ? 
_entity_src_gen.pdbx_gene_src_organ                ? 
_entity_src_gen.pdbx_gene_src_organelle            ? 
_entity_src_gen.pdbx_gene_src_cell                 ? 
_entity_src_gen.pdbx_gene_src_cellular_location    ? 
_entity_src_gen.host_org_common_name               ? 
_entity_src_gen.pdbx_host_org_scientific_name      'Escherichia coli' 
_entity_src_gen.pdbx_host_org_ncbi_taxonomy_id     562 
_entity_src_gen.host_org_genus                     ? 
_entity_src_gen.pdbx_host_org_gene                 ? 
_entity_src_gen.pdbx_host_org_organ                ? 
_entity_src_gen.host_org_species                   ? 
_entity_src_gen.pdbx_host_org_tissue               ? 
_entity_src_gen.pdbx_host_org_tissue_fraction      ? 
_entity_src_gen.pdbx_host_org_strain               ? 
_entity_src_gen.pdbx_host_org_variant              ? 
_entity_src_gen.pdbx_host_org_cell_line            ? 
_entity_src_gen.pdbx_host_org_atcc                 ? 
_entity_src_gen.pdbx_host_org_culture_collection   ? 
_entity_src_gen.pdbx_host_org_cell                 ? 
_entity_src_gen.pdbx_host_org_organelle            ? 
_entity_src_gen.pdbx_host_org_cellular_location    ? 
_entity_src_gen.pdbx_host_org_vector_type          ? 
_entity_src_gen.pdbx_host_org_vector               ? 
_entity_src_gen.host_org_details                   ? 
_entity_src_gen.expression_system_id               ? 
_entity_src_gen.plasmid_name                       ? 
_entity_src_gen.plasmid_details                    ? 
_entity_src_gen.pdbx_description                   ? 
# 
_pdbx_entity_src_syn.entity_id              1 
_pdbx_entity_src_syn.pdbx_src_id            1 
_pdbx_entity_src_syn.pdbx_alt_source_flag   sample 
_pdbx_entity_src_syn.pdbx_beg_seq_num       1 
_pdbx_entity_src_syn.pdbx_end_seq_num       24 
_pdbx_entity_src_syn.organism_scientific    'Saccharomyces cerevisiae (strain ATCC 204508 / S288c)' 
_pdbx_entity_src_syn.organism_common_name   
;Baker's yeast
;
_pdbx_entity_src_syn.ncbi_taxonomy_id       559292 
_pdbx_entity_src_syn.details                ? 
# 
loop_
_struct_ref.id 
_struct_ref.db_name 
_struct_ref.db_code 
_struct_ref.pdbx_db_accession 
_struct_ref.pdbx_db_isoform 
_struct_ref.entity_id 
_struct_ref.pdbx_seq_one_letter_code 
_struct_ref.pdbx_align_begin 
1 UNP VPS27_YEAST  P40343 ? 1 PEDEEELIRKAIELSLKESRNSA                                                        256 
2 UNP J3QS39_HUMAN J3QS39 ? 2 MQIFVKTLTGKTITLEVEPSDTIENVKAKIQDKEGIPPDQQRLIFAGKQLEDGRTLSDYNIQKESTLHLVLRLRGGMQ 1   
# 
loop_
_struct_ref_seq.align_id 
_struct_ref_seq.ref_id 
_struct_ref_seq.pdbx_PDB_id_code 
_struct_ref_seq.pdbx_strand_id 
_struct_ref_seq.seq_align_beg 
_struct_ref_seq.pdbx_seq_align_beg_ins_code 
_struct_ref_seq.seq_align_end 
_struct_ref_seq.pdbx_seq_align_end_ins_code 
_struct_ref_seq.pdbx_db_accession 
_struct_ref_seq.db_align_beg 
_struct_ref_seq.pdbx_db_align_beg_ins_code 
_struct_ref_seq.db_align_end 
_struct_ref_seq.pdbx_db_align_end_ins_code 
_struct_ref_seq.pdbx_auth_seq_align_beg 
_struct_ref_seq.pdbx_auth_seq_align_end 
1 1 6NJG B 2 ? 24 ? P40343 256 ? 278 ? 1 23 
2 2 6NJG C 8 ? 85 ? J3QS39 1   ? 78  ? 1 78 
# 
loop_
_struct_ref_seq_dif.align_id 
_struct_ref_seq_dif.pdbx_pdb_id_code 
_struct_ref_seq_dif.mon_id 
_struct_ref_seq_dif.pdbx_pdb_strand_id 
_struct_ref_seq_dif.seq_num 
_struct_ref_seq_dif.pdbx_pdb_ins_code 
_struct_ref_seq_dif.pdbx_seq_db_name 
_struct_ref_seq_dif.pdbx_seq_db_accession_code 
_struct_ref_seq_dif.db_mon_id 
_struct_ref_seq_dif.pdbx_seq_db_seq_num 
_struct_ref_seq_dif.details 
_struct_ref_seq_dif.pdbx_auth_seq_num 
_struct_ref_seq_dif.pdbx_ordinal 
1 6NJG TYR B 1  ? UNP P40343 ?   ?  'expression tag'      0  1  
2 6NJG GLY C 1  ? UNP J3QS39 ?   ?  'expression tag'      -6 2  
2 6NJG GLY C 2  ? UNP J3QS39 ?   ?  'expression tag'      -5 3  
2 6NJG ALA C 3  ? UNP J3QS39 ?   ?  'expression tag'      -4 4  
2 6NJG ALA C 4  ? UNP J3QS39 ?   ?  'expression tag'      -3 5  
2 6NJG GLN C 5  ? UNP J3QS39 ?   ?  'expression tag'      -2 6  
2 6NJG PRO C 6  ? UNP J3QS39 ?   ?  'expression tag'      -1 7  
2 6NJG ALA C 7  ? UNP J3QS39 ?   ?  'expression tag'      0  8  
2 6NJG GLN C 13 ? UNP J3QS39 LYS 6  'engineered mutation' 6  9  
2 6NJG ILE C 15 ? UNP J3QS39 LEU 8  'engineered mutation' 8  10 
2 6NJG VAL C 17 ? UNP J3QS39 GLY 10 'engineered mutation' 10 11 
2 6NJG MET C 18 ? UNP J3QS39 LYS 11 'engineered mutation' 11 12 
2 6NJG ARG C 19 ? UNP J3QS39 THR 12 'engineered mutation' 12 13 
2 6NJG ALA C 21 ? UNP J3QS39 THR 14 'engineered mutation' 14 14 
2 6NJG MET C 55 ? UNP J3QS39 LYS 48 'engineered mutation' 48 15 
2 6NJG LYS C 69 ? UNP J3QS39 GLN 62 'engineered mutation' 62 16 
2 6NJG ARG C 70 ? UNP J3QS39 LYS 63 'engineered mutation' 63 17 
2 6NJG ASP C 71 ? UNP J3QS39 GLU 64 'engineered mutation' 64 18 
2 6NJG ASN C 73 ? UNP J3QS39 THR 66 'engineered mutation' 66 19 
2 6NJG TYR C 75 ? UNP J3QS39 HIS 68 'engineered mutation' 68 20 
2 6NJG SER C 78 ? UNP J3QS39 LEU 71 'engineered mutation' 71 21 
2 6NJG SER C 79 ? UNP J3QS39 ARG 72 'engineered mutation' 72 22 
2 6NJG SER C 82 ? UNP J3QS39 GLY 75 'engineered mutation' 75 23 
2 6NJG LEU C 83 ? UNP J3QS39 GLY 76 'engineered mutation' 76 24 
2 6NJG ARG C 84 ? UNP J3QS39 MET 77 'engineered mutation' 77 25 
2 6NJG ALA C 85 ? UNP J3QS39 GLN 78 'engineered mutation' 78 26 
2 6NJG GLY C 86 ? UNP J3QS39 ?   ?  'expression tag'      79 27 
2 6NJG ALA C 87 ? UNP J3QS39 ?   ?  'expression tag'      80 28 
2 6NJG ALA C 88 ? UNP J3QS39 ?   ?  'expression tag'      81 29 
2 6NJG ALA C 89 ? UNP J3QS39 ?   ?  'expression tag'      82 30 
# 
loop_
_chem_comp.id 
_chem_comp.type 
_chem_comp.mon_nstd_flag 
_chem_comp.name 
_chem_comp.pdbx_synonyms 
_chem_comp.formula 
_chem_comp.formula_weight 
ALA 'L-peptide linking' y ALANINE         ? 'C3 H7 N O2'     89.093  
ARG 'L-peptide linking' y ARGININE        ? 'C6 H15 N4 O2 1' 175.209 
ASN 'L-peptide linking' y ASPARAGINE      ? 'C4 H8 N2 O3'    132.118 
ASP 'L-peptide linking' y 'ASPARTIC ACID' ? 'C4 H7 N O4'     133.103 
GLN 'L-peptide linking' y GLUTAMINE       ? 'C5 H10 N2 O3'   146.144 
GLU 'L-peptide linking' y 'GLUTAMIC ACID' ? 'C5 H9 N O4'     147.129 
GLY 'peptide linking'   y GLYCINE         ? 'C2 H5 N O2'     75.067  
HIS 'L-peptide linking' y HISTIDINE       ? 'C6 H10 N3 O2 1' 156.162 
HOH non-polymer         . WATER           ? 'H2 O'           18.015  
ILE 'L-peptide linking' y ISOLEUCINE      ? 'C6 H13 N O2'    131.173 
LEU 'L-peptide linking' y LEUCINE         ? 'C6 H13 N O2'    131.173 
LYS 'L-peptide linking' y LYSINE          ? 'C6 H15 N2 O2 1' 147.195 
MET 'L-peptide linking' y METHIONINE      ? 'C5 H11 N O2 S'  149.211 
PHE 'L-peptide linking' y PHENYLALANINE   ? 'C9 H11 N O2'    165.189 
PRO 'L-peptide linking' y PROLINE         ? 'C5 H9 N O2'     115.130 
SER 'L-peptide linking' y SERINE          ? 'C3 H7 N O3'     105.093 
THR 'L-peptide linking' y THREONINE       ? 'C4 H9 N O3'     119.119 
TYR 'L-peptide linking' y TYROSINE        ? 'C9 H11 N O3'    181.189 
VAL 'L-peptide linking' y VALINE          ? 'C5 H11 N O2'    117.146 
# 
_exptl.absorpt_coefficient_mu     ? 
_exptl.absorpt_correction_T_max   ? 
_exptl.absorpt_correction_T_min   ? 
_exptl.absorpt_correction_type    ? 
_exptl.absorpt_process_details    ? 
_exptl.entry_id                   6NJG 
_exptl.crystals_number            1 
_exptl.details                    ? 
_exptl.method                     'X-RAY DIFFRACTION' 
_exptl.method_details             ? 
# 
_exptl_crystal.colour                      ? 
_exptl_crystal.density_diffrn              ? 
_exptl_crystal.density_Matthews            2.07 
_exptl_crystal.density_method              ? 
_exptl_crystal.density_percent_sol         40.65 
_exptl_crystal.description                 ? 
_exptl_crystal.F_000                       ? 
_exptl_crystal.id                          1 
_exptl_crystal.preparation                 ? 
_exptl_crystal.size_max                    ? 
_exptl_crystal.size_mid                    ? 
_exptl_crystal.size_min                    ? 
_exptl_crystal.size_rad                    ? 
_exptl_crystal.colour_lustre               ? 
_exptl_crystal.colour_modifier             ? 
_exptl_crystal.colour_primary              ? 
_exptl_crystal.density_meas                ? 
_exptl_crystal.density_meas_esd            ? 
_exptl_crystal.density_meas_gt             ? 
_exptl_crystal.density_meas_lt             ? 
_exptl_crystal.density_meas_temp           ? 
_exptl_crystal.density_meas_temp_esd       ? 
_exptl_crystal.density_meas_temp_gt        ? 
_exptl_crystal.density_meas_temp_lt        ? 
_exptl_crystal.pdbx_crystal_image_url      ? 
_exptl_crystal.pdbx_crystal_image_format   ? 
_exptl_crystal.pdbx_mosaicity              ? 
_exptl_crystal.pdbx_mosaicity_esd          ? 
# 
_exptl_crystal_grow.apparatus       ? 
_exptl_crystal_grow.atmosphere      ? 
_exptl_crystal_grow.crystal_id      1 
_exptl_crystal_grow.details         ? 
_exptl_crystal_grow.method          'VAPOR DIFFUSION, HANGING DROP' 
_exptl_crystal_grow.method_ref      ? 
_exptl_crystal_grow.pH              7.0 
_exptl_crystal_grow.pressure        ? 
_exptl_crystal_grow.pressure_esd    ? 
_exptl_crystal_grow.seeding         ? 
_exptl_crystal_grow.seeding_ref     ? 
_exptl_crystal_grow.temp            293 
_exptl_crystal_grow.temp_details    ? 
_exptl_crystal_grow.temp_esd        ? 
_exptl_crystal_grow.time            ? 
_exptl_crystal_grow.pdbx_details    '2.1 M DL-Malic acid' 
_exptl_crystal_grow.pdbx_pH_range   ? 
# 
_diffrn.ambient_environment              ? 
_diffrn.ambient_temp                     100 
_diffrn.ambient_temp_details             ? 
_diffrn.ambient_temp_esd                 ? 
_diffrn.crystal_id                       1 
_diffrn.crystal_support                  ? 
_diffrn.crystal_treatment                ? 
_diffrn.details                          ? 
_diffrn.id                               1 
_diffrn.ambient_pressure                 ? 
_diffrn.ambient_pressure_esd             ? 
_diffrn.ambient_pressure_gt              ? 
_diffrn.ambient_pressure_lt              ? 
_diffrn.ambient_temp_gt                  ? 
_diffrn.ambient_temp_lt                  ? 
_diffrn.pdbx_serial_crystal_experiment   N 
# 
_diffrn_detector.details                      ? 
_diffrn_detector.detector                     CCD 
_diffrn_detector.diffrn_id                    1 
_diffrn_detector.type                         'RIGAKU SATURN 944' 
_diffrn_detector.area_resol_mean              ? 
_diffrn_detector.dtime                        ? 
_diffrn_detector.pdbx_frames_total            ? 
_diffrn_detector.pdbx_collection_time_total   ? 
_diffrn_detector.pdbx_collection_date         2014-10-17 
_diffrn_detector.pdbx_frequency               ? 
# 
_diffrn_radiation.collimation                      ? 
_diffrn_radiation.diffrn_id                        1 
_diffrn_radiation.filter_edge                      ? 
_diffrn_radiation.inhomogeneity                    ? 
_diffrn_radiation.monochromator                    ? 
_diffrn_radiation.polarisn_norm                    ? 
_diffrn_radiation.polarisn_ratio                   ? 
_diffrn_radiation.probe                            ? 
_diffrn_radiation.type                             ? 
_diffrn_radiation.xray_symbol                      ? 
_diffrn_radiation.wavelength_id                    1 
_diffrn_radiation.pdbx_monochromatic_or_laue_m_l   M 
_diffrn_radiation.pdbx_wavelength_list             ? 
_diffrn_radiation.pdbx_wavelength                  ? 
_diffrn_radiation.pdbx_diffrn_protocol             'SINGLE WAVELENGTH' 
_diffrn_radiation.pdbx_analyzer                    ? 
_diffrn_radiation.pdbx_scattering_type             x-ray 
# 
_diffrn_radiation_wavelength.id           1 
_diffrn_radiation_wavelength.wavelength   1.5418 
_diffrn_radiation_wavelength.wt           1.0 
# 
_diffrn_source.current                     ? 
_diffrn_source.details                     ? 
_diffrn_source.diffrn_id                   1 
_diffrn_source.power                       ? 
_diffrn_source.size                        ? 
_diffrn_source.source                      'ROTATING ANODE' 
_diffrn_source.target                      ? 
_diffrn_source.type                        'RIGAKU FR-E DW' 
_diffrn_source.voltage                     ? 
_diffrn_source.take-off_angle              ? 
_diffrn_source.pdbx_wavelength_list        1.5418 
_diffrn_source.pdbx_wavelength             ? 
_diffrn_source.pdbx_synchrotron_beamline   ? 
_diffrn_source.pdbx_synchrotron_site       ? 
# 
_reflns.B_iso_Wilson_estimate            ? 
_reflns.entry_id                         6NJG 
_reflns.data_reduction_details           ? 
_reflns.data_reduction_method            ? 
_reflns.d_resolution_high                2.35 
_reflns.d_resolution_low                 50 
_reflns.details                          ? 
_reflns.limit_h_max                      ? 
_reflns.limit_h_min                      ? 
_reflns.limit_k_max                      ? 
_reflns.limit_k_min                      ? 
_reflns.limit_l_max                      ? 
_reflns.limit_l_min                      ? 
_reflns.number_all                       ? 
_reflns.number_obs                       4788 
_reflns.observed_criterion               ? 
_reflns.observed_criterion_F_max         ? 
_reflns.observed_criterion_F_min         ? 
_reflns.observed_criterion_I_max         ? 
_reflns.observed_criterion_I_min         ? 
_reflns.observed_criterion_sigma_F       ? 
_reflns.observed_criterion_sigma_I       ? 
_reflns.percent_possible_obs             98.3 
_reflns.R_free_details                   ? 
_reflns.Rmerge_F_all                     ? 
_reflns.Rmerge_F_obs                     ? 
_reflns.Friedel_coverage                 ? 
_reflns.number_gt                        ? 
_reflns.threshold_expression             ? 
_reflns.pdbx_redundancy                  9.1 
_reflns.pdbx_Rmerge_I_obs                0.059 
_reflns.pdbx_Rmerge_I_all                ? 
_reflns.pdbx_Rsym_value                  ? 
_reflns.pdbx_netI_over_av_sigmaI         ? 
_reflns.pdbx_netI_over_sigmaI            31.5 
_reflns.pdbx_res_netI_over_av_sigmaI_2   ? 
_reflns.pdbx_res_netI_over_sigmaI_2      ? 
_reflns.pdbx_chi_squared                 ? 
_reflns.pdbx_scaling_rejects             ? 
_reflns.pdbx_d_res_high_opt              ? 
_reflns.pdbx_d_res_low_opt               ? 
_reflns.pdbx_d_res_opt_method            ? 
_reflns.phase_calculation_details        ? 
_reflns.pdbx_Rrim_I_all                  ? 
_reflns.pdbx_Rpim_I_all                  ? 
_reflns.pdbx_d_opt                       ? 
_reflns.pdbx_number_measured_all         ? 
_reflns.pdbx_diffrn_id                   1 
_reflns.pdbx_ordinal                     1 
_reflns.pdbx_CC_half                     ? 
_reflns.pdbx_R_split                     ? 
# 
_reflns_shell.d_res_high                  2.35 
_reflns_shell.d_res_low                   2.43 
_reflns_shell.meanI_over_sigI_all         ? 
_reflns_shell.meanI_over_sigI_obs         3.41 
_reflns_shell.number_measured_all         ? 
_reflns_shell.number_measured_obs         ? 
_reflns_shell.number_possible             ? 
_reflns_shell.number_unique_all           424 
_reflns_shell.number_unique_obs           ? 
_reflns_shell.percent_possible_all        90.6 
_reflns_shell.percent_possible_obs        ? 
_reflns_shell.Rmerge_F_all                ? 
_reflns_shell.Rmerge_F_obs                ? 
_reflns_shell.Rmerge_I_all                ? 
_reflns_shell.Rmerge_I_obs                0.302 
_reflns_shell.meanI_over_sigI_gt          ? 
_reflns_shell.meanI_over_uI_all           ? 
_reflns_shell.meanI_over_uI_gt            ? 
_reflns_shell.number_measured_gt          ? 
_reflns_shell.number_unique_gt            ? 
_reflns_shell.percent_possible_gt         ? 
_reflns_shell.Rmerge_F_gt                 ? 
_reflns_shell.Rmerge_I_gt                 ? 
_reflns_shell.pdbx_redundancy             4.1 
_reflns_shell.pdbx_Rsym_value             ? 
_reflns_shell.pdbx_chi_squared            ? 
_reflns_shell.pdbx_netI_over_sigmaI_all   ? 
_reflns_shell.pdbx_netI_over_sigmaI_obs   ? 
_reflns_shell.pdbx_Rrim_I_all             ? 
_reflns_shell.pdbx_Rpim_I_all             ? 
_reflns_shell.pdbx_rejects                ? 
_reflns_shell.pdbx_ordinal                1 
_reflns_shell.pdbx_diffrn_id              1 
_reflns_shell.pdbx_CC_half                0.96 
_reflns_shell.pdbx_R_split                ? 
# 
_refine.aniso_B[1][1]                            ? 
_refine.aniso_B[1][2]                            ? 
_refine.aniso_B[1][3]                            ? 
_refine.aniso_B[2][2]                            ? 
_refine.aniso_B[2][3]                            ? 
_refine.aniso_B[3][3]                            ? 
_refine.B_iso_max                                ? 
_refine.B_iso_mean                               ? 
_refine.B_iso_min                                ? 
_refine.correlation_coeff_Fo_to_Fc               ? 
_refine.correlation_coeff_Fo_to_Fc_free          ? 
_refine.details                                  ? 
_refine.diff_density_max                         ? 
_refine.diff_density_max_esd                     ? 
_refine.diff_density_min                         ? 
_refine.diff_density_min_esd                     ? 
_refine.diff_density_rms                         ? 
_refine.diff_density_rms_esd                     ? 
_refine.entry_id                                 6NJG 
_refine.pdbx_refine_id                           'X-RAY DIFFRACTION' 
_refine.ls_abs_structure_details                 ? 
_refine.ls_abs_structure_Flack                   ? 
_refine.ls_abs_structure_Flack_esd               ? 
_refine.ls_abs_structure_Rogers                  ? 
_refine.ls_abs_structure_Rogers_esd              ? 
_refine.ls_d_res_high                            2.35 
_refine.ls_d_res_low                             27.430 
_refine.ls_extinction_coef                       ? 
_refine.ls_extinction_coef_esd                   ? 
_refine.ls_extinction_expression                 ? 
_refine.ls_extinction_method                     ? 
_refine.ls_goodness_of_fit_all                   ? 
_refine.ls_goodness_of_fit_all_esd               ? 
_refine.ls_goodness_of_fit_obs                   ? 
_refine.ls_goodness_of_fit_obs_esd               ? 
_refine.ls_hydrogen_treatment                    ? 
_refine.ls_matrix_type                           ? 
_refine.ls_number_constraints                    ? 
_refine.ls_number_parameters                     ? 
_refine.ls_number_reflns_all                     ? 
_refine.ls_number_reflns_obs                     4747 
_refine.ls_number_reflns_R_free                  240 
_refine.ls_number_reflns_R_work                  ? 
_refine.ls_number_restraints                     ? 
_refine.ls_percent_reflns_obs                    98.42 
_refine.ls_percent_reflns_R_free                 5.06 
_refine.ls_R_factor_all                          ? 
_refine.ls_R_factor_obs                          0.2086 
_refine.ls_R_factor_R_free                       0.2442 
_refine.ls_R_factor_R_free_error                 ? 
_refine.ls_R_factor_R_free_error_details         ? 
_refine.ls_R_factor_R_work                       0.2065 
_refine.ls_R_Fsqd_factor_obs                     ? 
_refine.ls_R_I_factor_obs                        ? 
_refine.ls_redundancy_reflns_all                 ? 
_refine.ls_redundancy_reflns_obs                 ? 
_refine.ls_restrained_S_all                      ? 
_refine.ls_restrained_S_obs                      ? 
_refine.ls_shift_over_esd_max                    ? 
_refine.ls_shift_over_esd_mean                   ? 
_refine.ls_structure_factor_coef                 ? 
_refine.ls_weighting_details                     ? 
_refine.ls_weighting_scheme                      ? 
_refine.ls_wR_factor_all                         ? 
_refine.ls_wR_factor_obs                         ? 
_refine.ls_wR_factor_R_free                      ? 
_refine.ls_wR_factor_R_work                      ? 
_refine.occupancy_max                            ? 
_refine.occupancy_min                            ? 
_refine.solvent_model_details                    ? 
_refine.solvent_model_param_bsol                 ? 
_refine.solvent_model_param_ksol                 ? 
_refine.ls_R_factor_gt                           ? 
_refine.ls_goodness_of_fit_gt                    ? 
_refine.ls_goodness_of_fit_ref                   ? 
_refine.ls_shift_over_su_max                     ? 
_refine.ls_shift_over_su_max_lt                  ? 
_refine.ls_shift_over_su_mean                    ? 
_refine.ls_shift_over_su_mean_lt                 ? 
_refine.pdbx_ls_sigma_I                          ? 
_refine.pdbx_ls_sigma_F                          1.34 
_refine.pdbx_ls_sigma_Fsqd                       ? 
_refine.pdbx_data_cutoff_high_absF               ? 
_refine.pdbx_data_cutoff_high_rms_absF           ? 
_refine.pdbx_data_cutoff_low_absF                ? 
_refine.pdbx_isotropic_thermal_model             ? 
_refine.pdbx_ls_cross_valid_method               'FREE R-VALUE' 
_refine.pdbx_method_to_determine_struct          'MOLECULAR REPLACEMENT' 
_refine.pdbx_starting_model                      '1Q0W, 1UBQ' 
_refine.pdbx_stereochemistry_target_values       ? 
_refine.pdbx_R_Free_selection_details            RANDOM 
_refine.pdbx_stereochem_target_val_spec_case     ? 
_refine.pdbx_overall_ESU_R                       ? 
_refine.pdbx_overall_ESU_R_Free                  ? 
_refine.pdbx_solvent_vdw_probe_radii             1.11 
_refine.pdbx_solvent_ion_probe_radii             ? 
_refine.pdbx_solvent_shrinkage_radii             0.90 
_refine.pdbx_real_space_R                        ? 
_refine.pdbx_density_correlation                 ? 
_refine.pdbx_pd_number_of_powder_patterns        ? 
_refine.pdbx_pd_number_of_points                 ? 
_refine.pdbx_pd_meas_number_of_points            ? 
_refine.pdbx_pd_proc_ls_prof_R_factor            ? 
_refine.pdbx_pd_proc_ls_prof_wR_factor           ? 
_refine.pdbx_pd_Marquardt_correlation_coeff      ? 
_refine.pdbx_pd_Fsqrd_R_factor                   ? 
_refine.pdbx_pd_ls_matrix_band_width             ? 
_refine.pdbx_overall_phase_error                 20.36 
_refine.pdbx_overall_SU_R_free_Cruickshank_DPI   ? 
_refine.pdbx_overall_SU_R_free_Blow_DPI          ? 
_refine.pdbx_overall_SU_R_Blow_DPI               ? 
_refine.pdbx_TLS_residual_ADP_flag               ? 
_refine.pdbx_diffrn_id                           1 
_refine.overall_SU_B                             ? 
_refine.overall_SU_ML                            0.34 
_refine.overall_SU_R_Cruickshank_DPI             ? 
_refine.overall_SU_R_free                        ? 
_refine.overall_FOM_free_R_set                   ? 
_refine.overall_FOM_work_R_set                   ? 
_refine.pdbx_average_fsc_overall                 ? 
_refine.pdbx_average_fsc_work                    ? 
_refine.pdbx_average_fsc_free                    ? 
# 
_refine_hist.pdbx_refine_id                   'X-RAY DIFFRACTION' 
_refine_hist.cycle_id                         LAST 
_refine_hist.pdbx_number_atoms_protein        718 
_refine_hist.pdbx_number_atoms_nucleic_acid   0 
_refine_hist.pdbx_number_atoms_ligand         0 
_refine_hist.number_atoms_solvent             8 
_refine_hist.number_atoms_total               726 
_refine_hist.d_res_high                       2.35 
_refine_hist.d_res_low                        27.430 
# 
loop_
_refine_ls_restr.pdbx_refine_id 
_refine_ls_restr.criterion 
_refine_ls_restr.dev_ideal 
_refine_ls_restr.dev_ideal_target 
_refine_ls_restr.number 
_refine_ls_restr.rejects 
_refine_ls_restr.type 
_refine_ls_restr.weight 
_refine_ls_restr.pdbx_restraint_function 
'X-RAY DIFFRACTION' ? 0.012 ? 725 ? f_bond_d           ? ? 
'X-RAY DIFFRACTION' ? 1.251 ? 982 ? f_angle_d          ? ? 
'X-RAY DIFFRACTION' ? 3.620 ? 454 ? f_dihedral_angle_d ? ? 
'X-RAY DIFFRACTION' ? 0.065 ? 120 ? f_chiral_restr     ? ? 
'X-RAY DIFFRACTION' ? 0.007 ? 127 ? f_plane_restr      ? ? 
# 
loop_
_refine_ls_shell.pdbx_refine_id 
_refine_ls_shell.d_res_high 
_refine_ls_shell.d_res_low 
_refine_ls_shell.number_reflns_all 
_refine_ls_shell.number_reflns_obs 
_refine_ls_shell.number_reflns_R_free 
_refine_ls_shell.number_reflns_R_work 
_refine_ls_shell.percent_reflns_obs 
_refine_ls_shell.percent_reflns_R_free 
_refine_ls_shell.R_factor_all 
_refine_ls_shell.R_factor_obs 
_refine_ls_shell.R_factor_R_free 
_refine_ls_shell.R_factor_R_free_error 
_refine_ls_shell.R_factor_R_work 
_refine_ls_shell.redundancy_reflns_all 
_refine_ls_shell.redundancy_reflns_obs 
_refine_ls_shell.wR_factor_all 
_refine_ls_shell.wR_factor_obs 
_refine_ls_shell.wR_factor_R_free 
_refine_ls_shell.wR_factor_R_work 
_refine_ls_shell.pdbx_total_number_of_bins_used 
_refine_ls_shell.pdbx_phase_error 
_refine_ls_shell.pdbx_fsc_work 
_refine_ls_shell.pdbx_fsc_free 
'X-RAY DIFFRACTION' 2.3458 2.9549  . . 115 2157 98.00 . . . 0.3543 . 0.2595 . . . . . . . . . . 
'X-RAY DIFFRACTION' 2.9549 27.4319 . . 125 2350 99.00 . . . 0.2232 . 0.1950 . . . . . . . . . . 
# 
_struct.entry_id                     6NJG 
_struct.title                        'Ubiquitin Variant in Complex with Ubiquitin Interacting Motif' 
_struct.pdbx_model_details           ? 
_struct.pdbx_formula_weight          ? 
_struct.pdbx_formula_weight_method   ? 
_struct.pdbx_model_type_details      ? 
_struct.pdbx_CASP_flag               N 
# 
_struct_keywords.entry_id        6NJG 
_struct_keywords.text            'Ubiquitin Variant, UIM, PROTEIN BINDING' 
_struct_keywords.pdbx_keywords   'PROTEIN BINDING' 
# 
loop_
_struct_asym.id 
_struct_asym.pdbx_blank_PDB_chainid_flag 
_struct_asym.pdbx_modified 
_struct_asym.entity_id 
_struct_asym.details 
A N N 1 ? 
B N N 2 ? 
C N N 3 ? 
D N N 3 ? 
# 
loop_
_struct_conf.conf_type_id 
_struct_conf.id 
_struct_conf.pdbx_PDB_helix_id 
_struct_conf.beg_label_comp_id 
_struct_conf.beg_label_asym_id 
_struct_conf.beg_label_seq_id 
_struct_conf.pdbx_beg_PDB_ins_code 
_struct_conf.end_label_comp_id 
_struct_conf.end_label_asym_id 
_struct_conf.end_label_seq_id 
_struct_conf.pdbx_end_PDB_ins_code 
_struct_conf.beg_auth_comp_id 
_struct_conf.beg_auth_asym_id 
_struct_conf.beg_auth_seq_id 
_struct_conf.end_auth_comp_id 
_struct_conf.end_auth_asym_id 
_struct_conf.end_auth_seq_id 
_struct_conf.pdbx_PDB_helix_class 
_struct_conf.details 
_struct_conf.pdbx_PDB_helix_length 
HELX_P HELX_P1 AA1 TYR A 1  ? SER A 16 ? TYR B 0  SER B 15 1 ? 16 
HELX_P HELX_P2 AA2 THR B 29 ? GLY B 42 ? THR C 22 GLY C 35 1 ? 14 
HELX_P HELX_P3 AA3 PRO B 44 ? ASP B 46 ? PRO C 37 ASP C 39 5 ? 3  
HELX_P HELX_P4 AA4 LEU B 63 ? ASN B 67 ? LEU C 56 ASN C 60 5 ? 5  
# 
_struct_conf_type.id          HELX_P 
_struct_conf_type.criteria    ? 
_struct_conf_type.reference   ? 
# 
_struct_sheet.id               AA1 
_struct_sheet.type             ? 
_struct_sheet.number_strands   3 
_struct_sheet.details          ? 
# 
loop_
_struct_sheet_order.sheet_id 
_struct_sheet_order.range_id_1 
_struct_sheet_order.range_id_2 
_struct_sheet_order.offset 
_struct_sheet_order.sense 
AA1 1 2 ? anti-parallel 
AA1 2 3 ? anti-parallel 
# 
loop_
_struct_sheet_range.sheet_id 
_struct_sheet_range.id 
_struct_sheet_range.beg_label_comp_id 
_struct_sheet_range.beg_label_asym_id 
_struct_sheet_range.beg_label_seq_id 
_struct_sheet_range.pdbx_beg_PDB_ins_code 
_struct_sheet_range.end_label_comp_id 
_struct_sheet_range.end_label_asym_id 
_struct_sheet_range.end_label_seq_id 
_struct_sheet_range.pdbx_end_PDB_ins_code 
_struct_sheet_range.beg_auth_comp_id 
_struct_sheet_range.beg_auth_asym_id 
_struct_sheet_range.beg_auth_seq_id 
_struct_sheet_range.end_auth_comp_id 
_struct_sheet_range.end_auth_asym_id 
_struct_sheet_range.end_auth_seq_id 
AA1 1 MET B 55 ? GLN B 56 ? MET C 48 GLN C 49 
AA1 2 GLN B 48 ? PHE B 52 ? GLN C 41 PHE C 45 
AA1 3 TYR B 75 ? SER B 78 ? TYR C 68 SER C 71 
# 
loop_
_pdbx_struct_sheet_hbond.sheet_id 
_pdbx_struct_sheet_hbond.range_id_1 
_pdbx_struct_sheet_hbond.range_id_2 
_pdbx_struct_sheet_hbond.range_1_label_atom_id 
_pdbx_struct_sheet_hbond.range_1_label_comp_id 
_pdbx_struct_sheet_hbond.range_1_label_asym_id 
_pdbx_struct_sheet_hbond.range_1_label_seq_id 
_pdbx_struct_sheet_hbond.range_1_PDB_ins_code 
_pdbx_struct_sheet_hbond.range_1_auth_atom_id 
_pdbx_struct_sheet_hbond.range_1_auth_comp_id 
_pdbx_struct_sheet_hbond.range_1_auth_asym_id 
_pdbx_struct_sheet_hbond.range_1_auth_seq_id 
_pdbx_struct_sheet_hbond.range_2_label_atom_id 
_pdbx_struct_sheet_hbond.range_2_label_comp_id 
_pdbx_struct_sheet_hbond.range_2_label_asym_id 
_pdbx_struct_sheet_hbond.range_2_label_seq_id 
_pdbx_struct_sheet_hbond.range_2_PDB_ins_code 
_pdbx_struct_sheet_hbond.range_2_auth_atom_id 
_pdbx_struct_sheet_hbond.range_2_auth_comp_id 
_pdbx_struct_sheet_hbond.range_2_auth_asym_id 
_pdbx_struct_sheet_hbond.range_2_auth_seq_id 
AA1 1 2 O MET B 55 ? O MET C 48 N PHE B 52 ? N PHE C 45 
AA1 2 3 N ILE B 51 ? N ILE C 44 O TYR B 75 ? O TYR C 68 
# 
_atom_sites.entry_id                    6NJG 
_atom_sites.fract_transf_matrix[1][1]   -0.00993313 
_atom_sites.fract_transf_matrix[1][2]   -0.01086040 
_atom_sites.fract_transf_matrix[1][3]   0.01690612 
_atom_sites.fract_transf_matrix[2][1]   -0.02008588 
_atom_sites.fract_transf_matrix[2][2]   0.00483361 
_atom_sites.fract_transf_matrix[2][3]   -0.00869630 
_atom_sites.fract_transf_matrix[3][1]   0.00024278 
_atom_sites.fract_transf_matrix[3][2]   -0.00812520 
_atom_sites.fract_transf_matrix[3][3]   -0.00507694 
_atom_sites.fract_transf_vector[1]      0.230849 
_atom_sites.fract_transf_vector[2]      0.941058 
_atom_sites.fract_transf_vector[3]      1.165121 
# 
loop_
_atom_type.symbol 
C 
N 
O 
S 
# 
loop_
_atom_site.group_PDB 
_atom_site.id 
_atom_site.type_symbol 
_atom_site.label_atom_id 
_atom_site.label_alt_id 
_atom_site.label_comp_id 
_atom_site.label_asym_id 
_atom_site.label_entity_id 
_atom_site.label_seq_id 
_atom_site.pdbx_PDB_ins_code 
_atom_site.Cartn_x 
_atom_site.Cartn_y 
_atom_site.Cartn_z 
_atom_site.occupancy 
_atom_site.B_iso_or_equiv 
_atom_site.pdbx_formal_charge 
_atom_site.auth_seq_id 
_atom_site.auth_comp_id 
_atom_site.auth_asym_id 
_atom_site.auth_atom_id 
_atom_site.pdbx_PDB_model_num 
ATOM   1   N N   . TYR A 1 1  ? -4.910  -12.564 -5.702  1.00 61.27  ?  0   TYR B N   1 
ATOM   2   C CA  . TYR A 1 1  ? -3.950  -13.653 -5.380  1.00 64.14  ?  0   TYR B CA  1 
ATOM   3   C C   . TYR A 1 1  ? -3.712  -13.790 -3.890  1.00 61.77  ?  0   TYR B C   1 
ATOM   4   O O   . TYR A 1 1  ? -2.682  -13.359 -3.387  1.00 59.02  ?  0   TYR B O   1 
ATOM   5   C CB  . TYR A 1 1  ? -2.607  -13.438 -6.068  1.00 49.09  ?  0   TYR B CB  1 
ATOM   6   C CG  . TYR A 1 1  ? -2.812  -12.946 -7.459  1.00 58.35  ?  0   TYR B CG  1 
ATOM   7   C CD1 . TYR A 1 1  ? -3.331  -13.790 -8.468  1.00 64.82  ?  0   TYR B CD1 1 
ATOM   8   C CD2 . TYR A 1 1  ? -2.501  -11.657 -7.788  1.00 57.42  ?  0   TYR B CD2 1 
ATOM   9   C CE1 . TYR A 1 1  ? -3.543  -13.314 -9.782  1.00 60.23  ?  0   TYR B CE1 1 
ATOM   10  C CE2 . TYR A 1 1  ? -2.689  -11.174 -9.081  1.00 63.47  ?  0   TYR B CE2 1 
ATOM   11  C CZ  . TYR A 1 1  ? -3.212  -11.994 -10.070 1.00 62.87  ?  0   TYR B CZ  1 
ATOM   12  O OH  . TYR A 1 1  ? -3.373  -11.411 -11.314 1.00 52.18  ?  0   TYR B OH  1 
ATOM   13  N N   . PRO A 1 2  ? -4.640  -14.439 -3.190  1.00 62.08  ?  1   PRO B N   1 
ATOM   14  C CA  . PRO A 1 2  ? -4.747  -14.177 -1.750  1.00 62.66  ?  1   PRO B CA  1 
ATOM   15  C C   . PRO A 1 2  ? -3.582  -14.727 -0.965  1.00 68.17  ?  1   PRO B C   1 
ATOM   16  O O   . PRO A 1 2  ? -3.131  -14.061 -0.025  1.00 73.91  ?  1   PRO B O   1 
ATOM   17  C CB  . PRO A 1 2  ? -6.080  -14.836 -1.353  1.00 60.53  ?  1   PRO B CB  1 
ATOM   18  C CG  . PRO A 1 2  ? -6.586  -15.537 -2.601  1.00 67.28  ?  1   PRO B CG  1 
ATOM   19  C CD  . PRO A 1 2  ? -5.494  -15.555 -3.622  1.00 66.76  ?  1   PRO B CD  1 
ATOM   20  N N   . GLU A 1 3  ? -3.067  -15.913 -1.318  1.00 62.80  ?  2   GLU B N   1 
ATOM   21  C CA  . GLU A 1 3  ? -2.030  -16.509 -0.479  1.00 53.74  ?  2   GLU B CA  1 
ATOM   22  C C   . GLU A 1 3  ? -0.698  -15.806 -0.682  1.00 53.72  ?  2   GLU B C   1 
ATOM   23  O O   . GLU A 1 3  ? 0.067   -15.625 0.279   1.00 66.95  ?  2   GLU B O   1 
ATOM   24  C CB  . GLU A 1 3  ? -1.920  -18.021 -0.728  1.00 56.67  ?  2   GLU B CB  1 
ATOM   25  N N   . ASP A 1 4  ? -0.406  -15.358 -1.905  1.00 46.66  ?  3   ASP B N   1 
ATOM   26  C CA  . ASP A 1 4  ? 0.798   -14.562 -2.097  1.00 43.35  ?  3   ASP B CA  1 
ATOM   27  C C   . ASP A 1 4  ? 0.647   -13.171 -1.466  1.00 58.15  ?  3   ASP B C   1 
ATOM   28  O O   . ASP A 1 4  ? 1.609   -12.635 -0.876  1.00 48.53  ?  3   ASP B O   1 
ATOM   29  C CB  . ASP A 1 4  ? 1.130   -14.464 -3.573  1.00 41.71  ?  3   ASP B CB  1 
ATOM   30  C CG  . ASP A 1 4  ? 1.774   -15.738 -4.105  1.00 62.10  ?  3   ASP B CG  1 
ATOM   31  O OD1 . ASP A 1 4  ? 2.201   -16.590 -3.297  1.00 68.62  ?  3   ASP B OD1 1 
ATOM   32  O OD2 . ASP A 1 4  ? 1.850   -15.908 -5.344  1.00 69.59  -1 3   ASP B OD2 1 
ATOM   33  N N   . GLU A 1 5  ? -0.562  -12.593 -1.557  1.00 64.18  ?  4   GLU B N   1 
ATOM   34  C CA  . GLU A 1 5  ? -0.801  -11.279 -0.951  1.00 58.27  ?  4   GLU B CA  1 
ATOM   35  C C   . GLU A 1 5  ? -0.599  -11.329 0.557   1.00 49.70  ?  4   GLU B C   1 
ATOM   36  O O   . GLU A 1 5  ? 0.071   -10.471 1.120   1.00 46.02  ?  4   GLU B O   1 
ATOM   37  C CB  . GLU A 1 5  ? -2.213  -10.779 -1.280  1.00 63.95  ?  4   GLU B CB  1 
ATOM   38  C CG  . GLU A 1 5  ? -2.281  -9.840  -2.480  1.00 66.89  ?  4   GLU B CG  1 
ATOM   39  C CD  . GLU A 1 5  ? -3.581  -9.039  -2.564  1.00 72.81  ?  4   GLU B CD  1 
ATOM   40  O OE1 . GLU A 1 5  ? -3.972  -8.292  -1.620  1.00 61.23  ?  4   GLU B OE1 1 
ATOM   41  O OE2 . GLU A 1 5  ? -4.236  -9.204  -3.603  1.00 71.46  -1 4   GLU B OE2 1 
ATOM   42  N N   . GLU A 1 6  ? -1.150  -12.348 1.234   1.00 53.88  ?  5   GLU B N   1 
ATOM   43  C CA  . GLU A 1 6  ? -0.954  -12.399 2.682   1.00 60.51  ?  5   GLU B CA  1 
ATOM   44  C C   . GLU A 1 6  ? 0.533   -12.547 3.017   1.00 62.30  ?  5   GLU B C   1 
ATOM   45  O O   . GLU A 1 6  ? 1.059   -11.841 3.894   1.00 56.27  ?  5   GLU B O   1 
ATOM   46  C CB  . GLU A 1 6  ? -1.784  -13.527 3.297   1.00 64.44  ?  5   GLU B CB  1 
ATOM   47  C CG  . GLU A 1 6  ? -3.277  -13.262 3.303   1.00 75.97  ?  5   GLU B CG  1 
ATOM   48  C CD  . GLU A 1 6  ? -4.125  -14.517 3.532   1.00 93.72  ?  5   GLU B CD  1 
ATOM   49  O OE1 . GLU A 1 6  ? -3.556  -15.628 3.559   1.00 98.84  ?  5   GLU B OE1 1 
ATOM   50  O OE2 . GLU A 1 6  ? -5.364  -14.388 3.675   1.00 98.37  -1 5   GLU B OE2 1 
ATOM   51  N N   . GLU A 1 7  ? 1.253   -13.385 2.259   1.00 55.69  ?  6   GLU B N   1 
ATOM   52  C CA  . GLU A 1 7  ? 2.682   -13.502 2.513   1.00 48.94  ?  6   GLU B CA  1 
ATOM   53  C C   . GLU A 1 7  ? 3.399   -12.165 2.323   1.00 52.46  ?  6   GLU B C   1 
ATOM   54  O O   . GLU A 1 7  ? 4.115   -11.715 3.220   1.00 54.95  ?  6   GLU B O   1 
ATOM   55  C CB  . GLU A 1 7  ? 3.260   -14.601 1.640   1.00 65.81  ?  6   GLU B CB  1 
ATOM   56  C CG  . GLU A 1 7  ? 2.824   -16.005 2.124   1.00 59.93  ?  6   GLU B CG  1 
ATOM   57  C CD  . GLU A 1 7  ? 3.506   -16.385 3.439   1.00 73.98  ?  6   GLU B CD  1 
ATOM   58  O OE1 . GLU A 1 7  ? 4.146   -15.518 4.095   1.00 74.73  ?  6   GLU B OE1 1 
ATOM   59  O OE2 . GLU A 1 7  ? 3.386   -17.555 3.836   1.00 89.09  -1 6   GLU B OE2 1 
ATOM   60  N N   . LEU A 1 8  ? 3.147   -11.469 1.213   1.00 51.02  ?  7   LEU B N   1 
ATOM   61  C CA  . LEU A 1 8  ? 3.820   -10.210 0.955   1.00 52.28  ?  7   LEU B CA  1 
ATOM   62  C C   . LEU A 1 8  ? 3.436   -9.144  1.969   1.00 58.61  ?  7   LEU B C   1 
ATOM   63  O O   . LEU A 1 8  ? 4.252   -8.274  2.292   1.00 53.99  ?  7   LEU B O   1 
ATOM   64  C CB  . LEU A 1 8  ? 3.517   -9.739  -0.461  1.00 49.84  ?  7   LEU B CB  1 
ATOM   65  C CG  . LEU A 1 8  ? 4.249   -10.699 -1.426  1.00 61.92  ?  7   LEU B CG  1 
ATOM   66  C CD1 . LEU A 1 8  ? 3.713   -10.585 -2.827  1.00 61.59  ?  7   LEU B CD1 1 
ATOM   67  C CD2 . LEU A 1 8  ? 5.748   -10.455 -1.423  1.00 50.99  ?  7   LEU B CD2 1 
ATOM   68  N N   . ILE A 1 9  ? 2.192   -9.174  2.443   1.00 52.38  ?  8   ILE B N   1 
ATOM   69  C CA  . ILE A 1 9  ? 1.790   -8.227  3.471   1.00 45.19  ?  8   ILE B CA  1 
ATOM   70  C C   . ILE A 1 9  ? 2.605   -8.465  4.729   1.00 42.31  ?  8   ILE B C   1 
ATOM   71  O O   . ILE A 1 9  ? 3.085   -7.528  5.387   1.00 51.02  ?  8   ILE B O   1 
ATOM   72  C CB  . ILE A 1 9  ? 0.283   -8.369  3.762   1.00 45.18  ?  8   ILE B CB  1 
ATOM   73  C CG1 . ILE A 1 9  ? -0.522  -7.851  2.564   1.00 48.42  ?  8   ILE B CG1 1 
ATOM   74  C CG2 . ILE A 1 9  ? -0.048  -7.709  5.140   1.00 48.97  ?  8   ILE B CG2 1 
ATOM   75  C CD1 . ILE A 1 9  ? -1.969  -7.997  2.750   1.00 51.61  ?  8   ILE B CD1 1 
ATOM   76  N N   . ARG A 1 10 ? 2.694   -9.727  5.116   1.00 46.51  ?  9   ARG B N   1 
ATOM   77  C CA  . ARG A 1 10 ? 3.462   -10.147 6.266   1.00 50.34  ?  9   ARG B CA  1 
ATOM   78  C C   . ARG A 1 10 ? 4.911   -9.765  6.094   1.00 55.69  ?  9   ARG B C   1 
ATOM   79  O O   . ARG A 1 10 ? 5.543   -9.280  7.035   1.00 70.60  ?  9   ARG B O   1 
ATOM   80  C CB  . ARG A 1 10 ? 3.257   -11.647 6.461   1.00 48.63  ?  9   ARG B CB  1 
ATOM   81  C CG  . ARG A 1 10 ? 3.970   -12.234 7.577   1.00 61.36  ?  9   ARG B CG  1 
ATOM   82  C CD  . ARG A 1 10 ? 3.302   -13.564 7.993   1.00 67.87  ?  9   ARG B CD  1 
ATOM   83  N NE  . ARG A 1 10 ? 2.236   -13.948 7.075   1.00 79.50  ?  9   ARG B NE  1 
ATOM   84  C CZ  . ARG A 1 10 ? 1.023   -14.364 7.442   1.00 85.37  ?  9   ARG B CZ  1 
ATOM   85  N NH1 . ARG A 1 10 ? 0.712   -14.471 8.713   1.00 91.77  ?  9   ARG B NH1 1 
ATOM   86  N NH2 . ARG A 1 10 ? 0.122   -14.700 6.543   1.00 77.90  ?  9   ARG B NH2 1 
ATOM   87  N N   . LYS A 1 11 ? 5.422   -9.854  4.866   1.00 50.48  ?  10  LYS B N   1 
ATOM   88  C CA  . LYS A 1 11 ? 6.791   -9.422  4.633   1.00 50.27  ?  10  LYS B CA  1 
ATOM   89  C C   . LYS A 1 11 ? 6.923   -7.902  4.708   1.00 54.47  ?  10  LYS B C   1 
ATOM   90  O O   . LYS A 1 11 ? 7.937   -7.391  5.200   1.00 48.35  ?  10  LYS B O   1 
ATOM   91  C CB  . LYS A 1 11 ? 7.265   -9.920  3.272   1.00 50.24  ?  10  LYS B CB  1 
ATOM   92  C CG  . LYS A 1 11 ? 8.670   -9.493  2.979   1.00 54.23  ?  10  LYS B CG  1 
ATOM   93  C CD  . LYS A 1 11 ? 9.666   -10.225 3.888   1.00 53.28  ?  10  LYS B CD  1 
ATOM   94  C CE  . LYS A 1 11 ? 11.061  -9.649  3.621   1.00 59.65  ?  10  LYS B CE  1 
ATOM   95  N NZ  . LYS A 1 11 ? 12.114  -10.495 4.277   1.00 66.85  ?  10  LYS B NZ  1 
ATOM   96  N N   . ALA A 1 12 ? 5.928   -7.160  4.180   1.00 53.61  ?  11  ALA B N   1 
ATOM   97  C CA  . ALA A 1 12 ? 5.973   -5.704  4.175   1.00 52.27  ?  11  ALA B CA  1 
ATOM   98  C C   . ALA A 1 12 ? 5.797   -5.162  5.588   1.00 60.83  ?  11  ALA B C   1 
ATOM   99  O O   . ALA A 1 12 ? 6.408   -4.149  5.947   1.00 60.83  ?  11  ALA B O   1 
ATOM   100 C CB  . ALA A 1 12 ? 4.905   -5.127  3.204   1.00 34.70  ?  11  ALA B CB  1 
ATOM   101 N N   . ILE A 1 13 ? 4.982   -5.835  6.401   1.00 65.95  ?  12  ILE B N   1 
ATOM   102 C CA  . ILE A 1 13 ? 4.870   -5.508  7.823   1.00 52.91  ?  12  ILE B CA  1 
ATOM   103 C C   . ILE A 1 13 ? 6.217   -5.649  8.504   1.00 62.12  ?  12  ILE B C   1 
ATOM   104 O O   . ILE A 1 13 ? 6.646   -4.765  9.247   1.00 61.10  ?  12  ILE B O   1 
ATOM   105 C CB  . ILE A 1 13 ? 3.812   -6.411  8.472   1.00 51.71  ?  12  ILE B CB  1 
ATOM   106 C CG1 . ILE A 1 13 ? 2.429   -5.814  8.295   1.00 59.75  ?  12  ILE B CG1 1 
ATOM   107 C CG2 . ILE A 1 13 ? 4.116   -6.675  9.928   1.00 48.47  ?  12  ILE B CG2 1 
ATOM   108 C CD1 . ILE A 1 13 ? 1.325   -6.799  8.603   1.00 57.65  ?  12  ILE B CD1 1 
ATOM   109 N N   . GLU A 1 14 ? 6.921   -6.756  8.241   1.00 60.26  ?  13  GLU B N   1 
ATOM   110 C CA  . GLU A 1 14 ? 8.283   -6.912  8.753   1.00 60.16  ?  13  GLU B CA  1 
ATOM   111 C C   . GLU A 1 14 ? 9.174   -5.779  8.269   1.00 61.66  ?  13  GLU B C   1 
ATOM   112 O O   . GLU A 1 14 ? 9.806   -5.093  9.074   1.00 66.19  ?  13  GLU B O   1 
ATOM   113 C CB  . GLU A 1 14 ? 8.848   -8.265  8.330   1.00 65.85  ?  13  GLU B CB  1 
ATOM   114 C CG  . GLU A 1 14 ? 10.360  -8.509  8.539   1.00 65.86  ?  13  GLU B CG  1 
ATOM   115 C CD  . GLU A 1 14 ? 10.848  -9.657  7.661   1.00 82.62  ?  13  GLU B CD  1 
ATOM   116 O OE1 . GLU A 1 14 ? 11.924  -9.508  7.033   1.00 92.15  ?  13  GLU B OE1 1 
ATOM   117 O OE2 . GLU A 1 14 ? 10.130  -10.691 7.567   1.00 83.06  -1 13  GLU B OE2 1 
ATOM   118 N N   . LEU A 1 15 ? 9.191   -5.527  6.954   1.00 53.50  ?  14  LEU B N   1 
ATOM   119 C CA  . LEU A 1 15 ? 10.065  -4.480  6.444   1.00 58.77  ?  14  LEU B CA  1 
ATOM   120 C C   . LEU A 1 15 ? 9.755   -3.134  7.081   1.00 58.18  ?  14  LEU B C   1 
ATOM   121 O O   . LEU A 1 15 ? 10.659  -2.309  7.250   1.00 51.66  ?  14  LEU B O   1 
ATOM   122 C CB  . LEU A 1 15 ? 9.969   -4.370  4.927   1.00 62.53  ?  14  LEU B CB  1 
ATOM   123 C CG  . LEU A 1 15 ? 10.562  -5.501  4.066   1.00 61.40  ?  14  LEU B CG  1 
ATOM   124 C CD1 . LEU A 1 15 ? 10.310  -5.226  2.560   1.00 53.60  ?  14  LEU B CD1 1 
ATOM   125 C CD2 . LEU A 1 15 ? 12.033  -5.691  4.328   1.00 59.35  ?  14  LEU B CD2 1 
ATOM   126 N N   . SER A 1 16 ? 8.502   -2.892  7.459   1.00 60.88  ?  15  SER B N   1 
ATOM   127 C CA  . SER A 1 16 ? 8.147   -1.583  8.006   1.00 62.06  ?  15  SER B CA  1 
ATOM   128 C C   . SER A 1 16 ? 8.639   -1.371  9.475   1.00 59.95  ?  15  SER B C   1 
ATOM   129 O O   . SER A 1 16 ? 8.313   -0.348  10.076  1.00 73.03  ?  15  SER B O   1 
ATOM   130 C CB  . SER A 1 16 ? 6.625   -1.359  7.883   1.00 56.92  ?  15  SER B CB  1 
ATOM   131 O OG  . SER A 1 16 ? 5.876   -2.092  8.841   1.00 58.47  ?  15  SER B OG  1 
ATOM   132 N N   . LEU A 1 17 ? 9.435   -2.274  10.032  1.00 65.68  ?  16  LEU B N   1 
ATOM   133 C CA  . LEU A 1 17 ? 9.912   -2.170  11.403  1.00 69.35  ?  16  LEU B CA  1 
ATOM   134 C C   . LEU A 1 17 ? 11.450  -2.222  11.481  1.00 71.78  ?  16  LEU B C   1 
ATOM   135 O O   . LEU A 1 17 ? 12.150  -1.912  10.504  1.00 76.47  ?  16  LEU B O   1 
ATOM   136 C CB  . LEU A 1 17 ? 9.299   -3.298  12.257  1.00 64.01  ?  16  LEU B CB  1 
ATOM   137 C CG  . LEU A 1 17 ? 7.764   -3.306  12.438  1.00 56.34  ?  16  LEU B CG  1 
ATOM   138 C CD1 . LEU A 1 17 ? 7.209   -4.712  12.780  1.00 52.79  ?  16  LEU B CD1 1 
ATOM   139 C CD2 . LEU A 1 17 ? 7.354   -2.325  13.514  1.00 45.71  ?  16  LEU B CD2 1 
ATOM   140 N N   . MET B 2 8  ? 3.340   -26.040 -24.042 1.00 110.94 ?  1   MET C N   1 
ATOM   141 C CA  . MET B 2 8  ? 3.696   -25.900 -22.639 1.00 97.63  ?  1   MET C CA  1 
ATOM   142 C C   . MET B 2 8  ? 3.377   -24.516 -22.030 1.00 94.44  ?  1   MET C C   1 
ATOM   143 O O   . MET B 2 8  ? 3.998   -23.515 -22.397 1.00 100.42 ?  1   MET C O   1 
ATOM   144 C CB  . MET B 2 8  ? 5.182   -26.205 -22.480 1.00 92.72  ?  1   MET C CB  1 
ATOM   145 C CG  . MET B 2 8  ? 5.574   -26.547 -21.060 1.00 100.81 ?  1   MET C CG  1 
ATOM   146 S SD  . MET B 2 8  ? 7.321   -26.896 -20.897 1.00 103.62 ?  1   MET C SD  1 
ATOM   147 C CE  . MET B 2 8  ? 7.646   -26.158 -19.311 1.00 96.80  ?  1   MET C CE  1 
ATOM   148 N N   . GLN B 2 9  ? 2.446   -24.429 -21.078 1.00 88.77  ?  2   GLN C N   1 
ATOM   149 C CA  . GLN B 2 9  ? 2.151   -23.149 -20.426 1.00 80.90  ?  2   GLN C CA  1 
ATOM   150 C C   . GLN B 2 9  ? 2.775   -23.160 -19.037 1.00 78.90  ?  2   GLN C C   1 
ATOM   151 O O   . GLN B 2 9  ? 2.565   -24.109 -18.269 1.00 81.55  ?  2   GLN C O   1 
ATOM   152 C CB  . GLN B 2 9  ? 0.640   -22.877 -20.349 1.00 71.60  ?  2   GLN C CB  1 
ATOM   153 N N   . ILE B 2 10 ? 3.558   -22.119 -18.723 1.00 72.47  ?  3   ILE C N   1 
ATOM   154 C CA  . ILE B 2 10 ? 4.015   -21.894 -17.353 1.00 68.69  ?  3   ILE C CA  1 
ATOM   155 C C   . ILE B 2 10 ? 3.346   -20.634 -16.804 1.00 62.88  ?  3   ILE C C   1 
ATOM   156 O O   . ILE B 2 10 ? 2.776   -19.817 -17.542 1.00 63.14  ?  3   ILE C O   1 
ATOM   157 C CB  . ILE B 2 10 ? 5.550   -21.791 -17.207 1.00 62.78  ?  3   ILE C CB  1 
ATOM   158 C CG1 . ILE B 2 10 ? 6.155   -20.725 -18.115 1.00 59.48  ?  3   ILE C CG1 1 
ATOM   159 C CG2 . ILE B 2 10 ? 6.216   -23.126 -17.407 1.00 69.74  ?  3   ILE C CG2 1 
ATOM   160 C CD1 . ILE B 2 10 ? 7.464   -20.142 -17.525 1.00 55.80  ?  3   ILE C CD1 1 
ATOM   161 N N   . PHE B 2 11 ? 3.410   -20.491 -15.482 1.00 49.12  ?  4   PHE C N   1 
ATOM   162 C CA  . PHE B 2 11 ? 2.814   -19.357 -14.780 1.00 59.40  ?  4   PHE C CA  1 
ATOM   163 C C   . PHE B 2 11 ? 3.920   -18.659 -14.047 1.00 60.26  ?  4   PHE C C   1 
ATOM   164 O O   . PHE B 2 11 ? 4.764   -19.316 -13.428 1.00 66.53  ?  4   PHE C O   1 
ATOM   165 C CB  . PHE B 2 11 ? 1.714   -19.768 -13.793 1.00 48.80  ?  4   PHE C CB  1 
ATOM   166 C CG  . PHE B 2 11 ? 0.616   -20.521 -14.443 1.00 60.49  ?  4   PHE C CG  1 
ATOM   167 C CD1 . PHE B 2 11 ? -0.461  -19.856 -14.966 1.00 65.71  ?  4   PHE C CD1 1 
ATOM   168 C CD2 . PHE B 2 11 ? 0.722   -21.892 -14.616 1.00 65.44  ?  4   PHE C CD2 1 
ATOM   169 C CE1 . PHE B 2 11 ? -1.441  -20.532 -15.593 1.00 71.87  ?  4   PHE C CE1 1 
ATOM   170 C CE2 . PHE B 2 11 ? -0.264  -22.594 -15.256 1.00 66.06  ?  4   PHE C CE2 1 
ATOM   171 C CZ  . PHE B 2 11 ? -1.341  -21.912 -15.746 1.00 72.95  ?  4   PHE C CZ  1 
ATOM   172 N N   . VAL B 2 12 ? 3.919   -17.335 -14.137 1.00 60.72  ?  5   VAL C N   1 
ATOM   173 C CA  . VAL B 2 12 ? 4.892   -16.503 -13.453 1.00 57.17  ?  5   VAL C CA  1 
ATOM   174 C C   . VAL B 2 12 ? 4.124   -15.569 -12.535 1.00 43.97  ?  5   VAL C C   1 
ATOM   175 O O   . VAL B 2 12 ? 3.249   -14.810 -12.995 1.00 55.59  ?  5   VAL C O   1 
ATOM   176 C CB  . VAL B 2 12 ? 5.783   -15.743 -14.442 1.00 56.92  ?  5   VAL C CB  1 
ATOM   177 C CG1 . VAL B 2 12 ? 6.909   -14.992 -13.678 1.00 50.87  ?  5   VAL C CG1 1 
ATOM   178 C CG2 . VAL B 2 12 ? 6.357   -16.745 -15.473 1.00 52.94  ?  5   VAL C CG2 1 
ATOM   179 N N   . GLN B 2 13 ? 4.356   -15.737 -11.222 1.00 46.33  ?  6   GLN C N   1 
ATOM   180 C CA  . GLN B 2 13 ? 3.876   -14.835 -10.183 1.00 55.12  ?  6   GLN C CA  1 
ATOM   181 C C   . GLN B 2 13 ? 4.819   -13.640 -10.146 1.00 56.12  ?  6   GLN C C   1 
ATOM   182 O O   . GLN B 2 13 ? 5.891   -13.714 -9.549  1.00 50.00  ?  6   GLN C O   1 
ATOM   183 C CB  . GLN B 2 13 ? 3.839   -15.551 -8.840  1.00 50.82  ?  6   GLN C CB  1 
ATOM   184 C CG  . GLN B 2 13 ? 2.937   -14.937 -7.782  1.00 62.69  ?  6   GLN C CG  1 
ATOM   185 C CD  . GLN B 2 13 ? 1.616   -14.357 -8.297  1.00 82.88  ?  6   GLN C CD  1 
ATOM   186 O OE1 . GLN B 2 13 ? 1.572   -13.257 -8.856  1.00 97.14  ?  6   GLN C OE1 1 
ATOM   187 N NE2 . GLN B 2 13 ? 0.528   -15.069 -8.053  1.00 86.34  ?  6   GLN C NE2 1 
ATOM   188 N N   . THR B 2 14 ? 4.458   -12.544 -10.821 1.00 55.07  ?  7   THR C N   1 
ATOM   189 C CA  . THR B 2 14 ? 5.318   -11.356 -10.854 1.00 48.89  ?  7   THR C CA  1 
ATOM   190 C C   . THR B 2 14 ? 5.023   -10.459 -9.662  1.00 49.13  ?  7   THR C C   1 
ATOM   191 O O   . THR B 2 14 ? 3.871   -10.068 -9.460  1.00 59.86  ?  7   THR C O   1 
ATOM   192 C CB  . THR B 2 14 ? 5.128   -10.559 -12.142 1.00 55.54  ?  7   THR C CB  1 
ATOM   193 O OG1 . THR B 2 14 ? 3.916   -9.832  -12.039 1.00 58.73  ?  7   THR C OG1 1 
ATOM   194 C CG2 . THR B 2 14 ? 5.025   -11.496 -13.379 1.00 57.16  ?  7   THR C CG2 1 
ATOM   195 N N   . ILE B 2 15 ? 6.068   -10.177 -8.882  1.00 42.13  ?  8   ILE C N   1 
ATOM   196 C CA  . ILE B 2 15 ? 6.092   -9.197  -7.779  1.00 49.24  ?  8   ILE C CA  1 
ATOM   197 C C   . ILE B 2 15 ? 6.915   -7.988  -8.245  1.00 56.83  ?  8   ILE C C   1 
ATOM   198 O O   . ILE B 2 15 ? 8.128   -8.109  -8.514  1.00 52.98  ?  8   ILE C O   1 
ATOM   199 C CB  . ILE B 2 15 ? 6.707   -9.827  -6.521  1.00 42.43  ?  8   ILE C CB  1 
ATOM   200 C CG1 . ILE B 2 15 ? 5.954   -11.088 -6.138  1.00 49.67  ?  8   ILE C CG1 1 
ATOM   201 C CG2 . ILE B 2 15 ? 6.760   -8.865  -5.266  1.00 34.40  ?  8   ILE C CG2 1 
ATOM   202 C CD1 . ILE B 2 15 ? 6.761   -11.952 -5.122  1.00 53.90  ?  8   ILE C CD1 1 
ATOM   203 N N   . THR B 2 16 ? 6.267   -6.820  -8.341  1.00 49.66  ?  9   THR C N   1 
ATOM   204 C CA  . THR B 2 16 ? 6.882   -5.612  -8.907  1.00 48.31  ?  9   THR C CA  1 
ATOM   205 C C   . THR B 2 16 ? 7.005   -4.501  -7.850  1.00 50.06  ?  9   THR C C   1 
ATOM   206 O O   . THR B 2 16 ? 6.044   -4.189  -7.136  1.00 49.44  ?  9   THR C O   1 
ATOM   207 C CB  . THR B 2 16 ? 6.067   -5.128  -10.124 1.00 56.56  ?  9   THR C CB  1 
ATOM   208 O OG1 . THR B 2 16 ? 5.923   -6.201  -11.071 1.00 64.69  ?  9   THR C OG1 1 
ATOM   209 C CG2 . THR B 2 16 ? 6.715   -3.911  -10.805 1.00 62.85  ?  9   THR C CG2 1 
ATOM   210 N N   . VAL B 2 17 ? 8.181   -3.890  -7.765  1.00 51.12  ?  10  VAL C N   1 
ATOM   211 C CA  . VAL B 2 17 ? 8.494   -2.894  -6.741  1.00 49.95  ?  10  VAL C CA  1 
ATOM   212 C C   . VAL B 2 17 ? 8.674   -1.541  -7.422  1.00 55.27  ?  10  VAL C C   1 
ATOM   213 O O   . VAL B 2 17 ? 9.502   -1.409  -8.333  1.00 54.63  ?  10  VAL C O   1 
ATOM   214 C CB  . VAL B 2 17 ? 9.752   -3.284  -5.940  1.00 57.96  ?  10  VAL C CB  1 
ATOM   215 C CG1 . VAL B 2 17 ? 9.803   -2.527  -4.605  1.00 47.79  ?  10  VAL C CG1 1 
ATOM   216 C CG2 . VAL B 2 17 ? 9.773   -4.756  -5.680  1.00 57.37  ?  10  VAL C CG2 1 
ATOM   217 N N   . MET B 2 18 ? 7.881   -0.549  -6.996  1.00 52.53  ?  11  MET C N   1 
ATOM   218 C CA  . MET B 2 18 ? 8.039   0.841   -7.443  1.00 57.69  ?  11  MET C CA  1 
ATOM   219 C C   . MET B 2 18 ? 7.734   1.837   -6.322  1.00 60.18  ?  11  MET C C   1 
ATOM   220 O O   . MET B 2 18 ? 6.696   1.759   -5.651  1.00 62.86  ?  11  MET C O   1 
ATOM   221 C CB  . MET B 2 18 ? 7.138   1.113   -8.653  1.00 56.84  ?  11  MET C CB  1 
ATOM   222 C CG  . MET B 2 18 ? 7.011   2.555   -9.053  1.00 62.64  ?  11  MET C CG  1 
ATOM   223 S SD  . MET B 2 18 ? 5.505   2.767   -10.018 1.00 77.83  ?  11  MET C SD  1 
ATOM   224 C CE  . MET B 2 18 ? 4.286   1.995   -8.950  1.00 81.76  ?  11  MET C CE  1 
ATOM   225 N N   . ARG B 2 19 ? 8.612   2.817   -6.162  1.00 66.82  ?  12  ARG C N   1 
ATOM   226 C CA  . ARG B 2 19 ? 8.530   3.777   -5.075  1.00 59.18  ?  12  ARG C CA  1 
ATOM   227 C C   . ARG B 2 19 ? 7.938   5.087   -5.581  1.00 58.47  ?  12  ARG C C   1 
ATOM   228 O O   . ARG B 2 19 ? 8.374   5.617   -6.606  1.00 58.76  ?  12  ARG C O   1 
ATOM   229 C CB  . ARG B 2 19 ? 9.917   3.978   -4.488  1.00 70.89  ?  12  ARG C CB  1 
ATOM   230 C CG  . ARG B 2 19 ? 10.011  5.099   -3.494  1.00 79.81  ?  12  ARG C CG  1 
ATOM   231 C CD  . ARG B 2 19 ? 11.461  5.490   -3.324  1.00 79.63  ?  12  ARG C CD  1 
ATOM   232 N NE  . ARG B 2 19 ? 11.685  6.166   -2.045  1.00 83.40  ?  12  ARG C NE  1 
ATOM   233 C CZ  . ARG B 2 19 ? 11.616  5.561   -0.867  1.00 83.94  ?  12  ARG C CZ  1 
ATOM   234 N NH1 . ARG B 2 19 ? 11.327  4.249   -0.810  1.00 93.18  ?  12  ARG C NH1 1 
ATOM   235 N NH2 . ARG B 2 19 ? 11.852  6.262   0.242   1.00 63.54  ?  12  ARG C NH2 1 
ATOM   236 N N   . ILE B 2 20 ? 6.888   5.564   -4.915  1.00 56.96  ?  13  ILE C N   1 
ATOM   237 C CA  . ILE B 2 20 ? 6.256   6.814   -5.295  1.00 59.90  ?  13  ILE C CA  1 
ATOM   238 C C   . ILE B 2 20 ? 6.347   7.778   -4.121  1.00 63.92  ?  13  ILE C C   1 
ATOM   239 O O   . ILE B 2 20 ? 6.580   7.396   -2.971  1.00 63.34  ?  13  ILE C O   1 
ATOM   240 C CB  . ILE B 2 20 ? 4.781   6.637   -5.726  1.00 69.71  ?  13  ILE C CB  1 
ATOM   241 C CG1 . ILE B 2 20 ? 3.951   6.115   -4.545  1.00 70.50  ?  13  ILE C CG1 1 
ATOM   242 C CG2 . ILE B 2 20 ? 4.663   5.725   -6.971  1.00 74.41  ?  13  ILE C CG2 1 
ATOM   243 C CD1 . ILE B 2 20 ? 2.505   5.702   -4.870  1.00 59.72  ?  13  ILE C CD1 1 
ATOM   244 N N   . ALA B 2 21 ? 6.156   9.044   -4.425  1.00 70.18  ?  14  ALA C N   1 
ATOM   245 C CA  . ALA B 2 21 ? 6.084   10.068  -3.402  1.00 74.87  ?  14  ALA C CA  1 
ATOM   246 C C   . ALA B 2 21 ? 4.697   10.684  -3.464  1.00 74.74  ?  14  ALA C C   1 
ATOM   247 O O   . ALA B 2 21 ? 4.077   10.719  -4.530  1.00 75.54  ?  14  ALA C O   1 
ATOM   248 C CB  . ALA B 2 21 ? 7.169   11.120  -3.603  1.00 77.02  ?  14  ALA C CB  1 
ATOM   249 N N   . LEU B 2 22 ? 4.186   11.126  -2.323  1.00 69.72  ?  15  LEU C N   1 
ATOM   250 C CA  . LEU B 2 22 ? 2.825   11.638  -2.275  1.00 81.74  ?  15  LEU C CA  1 
ATOM   251 C C   . LEU B 2 22 ? 2.777   12.934  -1.475  1.00 81.32  ?  15  LEU C C   1 
ATOM   252 O O   . LEU B 2 22 ? 3.425   13.047  -0.423  1.00 81.72  ?  15  LEU C O   1 
ATOM   253 C CB  . LEU B 2 22 ? 1.869   10.602  -1.668  1.00 87.08  ?  15  LEU C CB  1 
ATOM   254 C CG  . LEU B 2 22 ? 1.234   9.497   -2.511  1.00 78.97  ?  15  LEU C CG  1 
ATOM   255 C CD1 . LEU B 2 22 ? 0.359   8.638   -1.608  1.00 73.15  ?  15  LEU C CD1 1 
ATOM   256 C CD2 . LEU B 2 22 ? 0.399   10.102  -3.638  1.00 71.32  ?  15  LEU C CD2 1 
ATOM   257 N N   . GLU B 2 23 ? 1.992   13.896  -1.972  1.00 77.90  ?  16  GLU C N   1 
ATOM   258 C CA  . GLU B 2 23 ? 1.843   15.216  -1.344  1.00 81.91  ?  16  GLU C CA  1 
ATOM   259 C C   . GLU B 2 23 ? 0.564   15.205  -0.519  1.00 77.54  ?  16  GLU C C   1 
ATOM   260 O O   . GLU B 2 23 ? -0.536  15.109  -1.068  1.00 80.04  ?  16  GLU C O   1 
ATOM   261 C CB  . GLU B 2 23 ? 1.802   16.319  -2.399  1.00 85.44  ?  16  GLU C CB  1 
ATOM   262 N N   . VAL B 2 24 ? 0.706   15.251  0.798   1.00 77.59  ?  17  VAL C N   1 
ATOM   263 C CA  . VAL B 2 24 ? -0.398  14.984  1.714   1.00 73.58  ?  17  VAL C CA  1 
ATOM   264 C C   . VAL B 2 24 ? -0.380  16.037  2.809   1.00 79.56  ?  17  VAL C C   1 
ATOM   265 O O   . VAL B 2 24 ? 0.593   16.775  2.979   1.00 79.09  ?  17  VAL C O   1 
ATOM   266 C CB  . VAL B 2 24 ? -0.315  13.574  2.344   1.00 65.39  ?  17  VAL C CB  1 
ATOM   267 C CG1 . VAL B 2 24 ? -0.336  12.499  1.256   1.00 59.82  ?  17  VAL C CG1 1 
ATOM   268 C CG2 . VAL B 2 24 ? 0.953   13.445  3.203   1.00 64.62  ?  17  VAL C CG2 1 
ATOM   269 N N   . GLU B 2 25 ? -1.486  16.078  3.566   1.00 82.91  ?  18  GLU C N   1 
ATOM   270 C CA  . GLU B 2 25 ? -1.671  16.751  4.836   1.00 91.30  ?  18  GLU C CA  1 
ATOM   271 C C   . GLU B 2 25 ? -1.779  15.710  5.957   1.00 87.82  ?  18  GLU C C   1 
ATOM   272 O O   . GLU B 2 25 ? -2.316  14.615  5.751   1.00 82.51  ?  18  GLU C O   1 
ATOM   273 C CB  . GLU B 2 25 ? -2.923  17.637  4.823   1.00 86.74  ?  18  GLU C CB  1 
ATOM   274 N N   . PRO B 2 26 ? -1.248  16.011  7.147   1.00 84.23  ?  19  PRO C N   1 
ATOM   275 C CA  . PRO B 2 26 ? -1.477  15.112  8.291   1.00 80.12  ?  19  PRO C CA  1 
ATOM   276 C C   . PRO B 2 26 ? -2.947  14.756  8.459   1.00 85.44  ?  19  PRO C C   1 
ATOM   277 O O   . PRO B 2 26 ? -3.279  13.736  9.079   1.00 76.11  ?  19  PRO C O   1 
ATOM   278 C CB  . PRO B 2 26 ? -0.969  15.930  9.496   1.00 88.42  ?  19  PRO C CB  1 
ATOM   279 C CG  . PRO B 2 26 ? -0.003  16.936  8.926   1.00 85.38  ?  19  PRO C CG  1 
ATOM   280 C CD  . PRO B 2 26 ? -0.500  17.231  7.509   1.00 84.90  ?  19  PRO C CD  1 
ATOM   281 N N   . SER B 2 27 ? -3.846  15.589  7.939   1.00 95.97  ?  20  SER C N   1 
ATOM   282 C CA  . SER B 2 27 ? -5.256  15.396  8.204   1.00 100.66 ?  20  SER C CA  1 
ATOM   283 C C   . SER B 2 27 ? -5.911  14.466  7.199   1.00 85.06  ?  20  SER C C   1 
ATOM   284 O O   . SER B 2 27 ? -7.090  14.145  7.359   1.00 88.24  ?  20  SER C O   1 
ATOM   285 C CB  . SER B 2 27 ? -5.967  16.744  8.223   1.00 108.04 ?  20  SER C CB  1 
ATOM   286 O OG  . SER B 2 27 ? -7.301  16.578  7.800   1.00 114.96 ?  20  SER C OG  1 
ATOM   287 N N   . ASP B 2 28 ? -5.176  14.033  6.183   1.00 89.03  ?  21  ASP C N   1 
ATOM   288 C CA  . ASP B 2 28 ? -5.709  13.100  5.198   1.00 88.75  ?  21  ASP C CA  1 
ATOM   289 C C   . ASP B 2 28 ? -6.019  11.748  5.835   1.00 88.57  ?  21  ASP C C   1 
ATOM   290 O O   . ASP B 2 28 ? -5.223  11.210  6.612   1.00 69.58  ?  21  ASP C O   1 
ATOM   291 C CB  . ASP B 2 28 ? -4.706  12.900  4.069   1.00 83.15  ?  21  ASP C CB  1 
ATOM   292 C CG  . ASP B 2 28 ? -4.528  14.130  3.204   1.00 97.14  ?  21  ASP C CG  1 
ATOM   293 O OD1 . ASP B 2 28 ? -5.547  14.744  2.817   1.00 100.74 ?  21  ASP C OD1 1 
ATOM   294 O OD2 . ASP B 2 28 ? -3.368  14.443  2.853   1.00 100.15 -1 21  ASP C OD2 1 
ATOM   295 N N   . THR B 2 29 ? -7.173  11.185  5.483   1.00 98.37  ?  22  THR C N   1 
ATOM   296 C CA  . THR B 2 29 ? -7.472  9.830   5.915   1.00 90.55  ?  22  THR C CA  1 
ATOM   297 C C   . THR B 2 29 ? -6.709  8.823   5.061   1.00 80.13  ?  22  THR C C   1 
ATOM   298 O O   . THR B 2 29 ? -6.154  9.156   4.010   1.00 80.77  ?  22  THR C O   1 
ATOM   299 C CB  . THR B 2 29 ? -8.973  9.550   5.855   1.00 81.04  ?  22  THR C CB  1 
ATOM   300 O OG1 . THR B 2 29 ? -9.402  9.526   4.497   1.00 79.36  ?  22  THR C OG1 1 
ATOM   301 C CG2 . THR B 2 29 ? -9.738  10.618  6.582   1.00 67.54  ?  22  THR C CG2 1 
ATOM   302 N N   . ILE B 2 30 ? -6.660  7.578   5.548   1.00 70.33  ?  23  ILE C N   1 
ATOM   303 C CA  . ILE B 2 30 ? -6.099  6.475   4.759   1.00 63.40  ?  23  ILE C CA  1 
ATOM   304 C C   . ILE B 2 30 ? -6.868  6.297   3.452   1.00 63.14  ?  23  ILE C C   1 
ATOM   305 O O   . ILE B 2 30 ? -6.264  6.180   2.381   1.00 65.66  ?  23  ILE C O   1 
ATOM   306 C CB  . ILE B 2 30 ? -6.099  5.169   5.568   1.00 60.11  ?  23  ILE C CB  1 
ATOM   307 C CG1 . ILE B 2 30 ? -5.154  5.234   6.759   1.00 62.14  ?  23  ILE C CG1 1 
ATOM   308 C CG2 . ILE B 2 30 ? -5.678  4.035   4.683   1.00 56.71  ?  23  ILE C CG2 1 
ATOM   309 C CD1 . ILE B 2 30 ? -3.728  5.489   6.360   1.00 75.74  ?  23  ILE C CD1 1 
ATOM   310 N N   . GLU B 2 31 ? -8.208  6.243   3.530   1.00 65.74  ?  24  GLU C N   1 
ATOM   311 C CA  . GLU B 2 31 ? -9.051  6.215   2.333   1.00 76.79  ?  24  GLU C CA  1 
ATOM   312 C C   . GLU B 2 31 ? -8.604  7.256   1.318   1.00 79.30  ?  24  GLU C C   1 
ATOM   313 O O   . GLU B 2 31 ? -8.461  6.950   0.129   1.00 81.51  ?  24  GLU C O   1 
ATOM   314 C CB  . GLU B 2 31 ? -10.532 6.458   2.693   1.00 77.96  ?  24  GLU C CB  1 
ATOM   315 C CG  . GLU B 2 31 ? -11.465 6.245   1.489   1.00 87.94  ?  24  GLU C CG  1 
ATOM   316 C CD  . GLU B 2 31 ? -12.811 6.975   1.569   1.00 108.90 ?  24  GLU C CD  1 
ATOM   317 O OE1 . GLU B 2 31 ? -13.066 7.899   0.751   1.00 115.86 ?  24  GLU C OE1 1 
ATOM   318 O OE2 . GLU B 2 31 ? -13.642 6.596   2.421   1.00 113.06 -1 24  GLU C OE2 1 
ATOM   319 N N   . ASN B 2 32 ? -8.381  8.492   1.783   1.00 77.77  ?  25  ASN C N   1 
ATOM   320 C CA  . ASN B 2 32 ? -7.930  9.567   0.908   1.00 72.59  ?  25  ASN C CA  1 
ATOM   321 C C   . ASN B 2 32 ? -6.618  9.211   0.238   1.00 70.81  ?  25  ASN C C   1 
ATOM   322 O O   . ASN B 2 32 ? -6.431  9.445   -0.962  1.00 76.08  ?  25  ASN C O   1 
ATOM   323 C CB  . ASN B 2 32 ? -7.763  10.868  1.698   1.00 74.03  ?  25  ASN C CB  1 
ATOM   324 C CG  . ASN B 2 32 ? -9.051  11.343  2.295   1.00 95.81  ?  25  ASN C CG  1 
ATOM   325 O OD1 . ASN B 2 32 ? -10.097 10.739  2.059   1.00 108.28 ?  25  ASN C OD1 1 
ATOM   326 N ND2 . ASN B 2 32 ? -8.995  12.424  3.089   1.00 98.82  ?  25  ASN C ND2 1 
ATOM   327 N N   . VAL B 2 33 ? -5.683  8.675   1.002   1.00 67.50  ?  26  VAL C N   1 
ATOM   328 C CA  . VAL B 2 33 ? -4.390  8.353   0.422   1.00 71.18  ?  26  VAL C CA  1 
ATOM   329 C C   . VAL B 2 33 ? -4.548  7.300   -0.666  1.00 65.99  ?  26  VAL C C   1 
ATOM   330 O O   . VAL B 2 33 ? -3.965  7.421   -1.754  1.00 63.71  ?  26  VAL C O   1 
ATOM   331 C CB  . VAL B 2 33 ? -3.409  7.942   1.538   1.00 68.11  ?  26  VAL C CB  1 
ATOM   332 C CG1 . VAL B 2 33 ? -2.192  7.253   0.988   1.00 69.48  ?  26  VAL C CG1 1 
ATOM   333 C CG2 . VAL B 2 33 ? -2.978  9.213   2.288   1.00 66.62  ?  26  VAL C CG2 1 
ATOM   334 N N   . LYS B 2 34 ? -5.373  6.279   -0.421  1.00 63.55  ?  27  LYS C N   1 
ATOM   335 C CA  . LYS B 2 34 ? -5.562  5.252   -1.433  1.00 62.59  ?  27  LYS C CA  1 
ATOM   336 C C   . LYS B 2 34 ? -6.170  5.842   -2.704  1.00 68.19  ?  27  LYS C C   1 
ATOM   337 O O   . LYS B 2 34 ? -5.862  5.401   -3.815  1.00 67.93  ?  27  LYS C O   1 
ATOM   338 C CB  . LYS B 2 34 ? -6.437  4.135   -0.884  1.00 60.14  ?  27  LYS C CB  1 
ATOM   339 C CG  . LYS B 2 34 ? -5.746  3.226   0.086   1.00 49.82  ?  27  LYS C CG  1 
ATOM   340 C CD  . LYS B 2 34 ? -6.751  2.359   0.814   1.00 47.79  ?  27  LYS C CD  1 
ATOM   341 C CE  . LYS B 2 34 ? -6.021  1.493   1.834   1.00 49.40  ?  27  LYS C CE  1 
ATOM   342 N NZ  . LYS B 2 34 ? -6.910  0.440   2.455   1.00 51.80  ?  27  LYS C NZ  1 
ATOM   343 N N   . ALA B 2 35 ? -7.034  6.841   -2.558  1.00 66.47  ?  28  ALA C N   1 
ATOM   344 C CA  . ALA B 2 35 ? -7.564  7.543   -3.725  1.00 68.24  ?  28  ALA C CA  1 
ATOM   345 C C   . ALA B 2 35 ? -6.471  8.303   -4.473  1.00 70.93  ?  28  ALA C C   1 
ATOM   346 O O   . ALA B 2 35 ? -6.468  8.340   -5.713  1.00 64.19  ?  28  ALA C O   1 
ATOM   347 C CB  . ALA B 2 35 ? -8.682  8.492   -3.302  1.00 65.39  ?  28  ALA C CB  1 
ATOM   348 N N   . LYS B 2 36 ? -5.555  8.941   -3.749  1.00 74.09  ?  29  LYS C N   1 
ATOM   349 C CA  . LYS B 2 36 ? -4.449  9.589   -4.437  1.00 73.11  ?  29  LYS C CA  1 
ATOM   350 C C   . LYS B 2 36 ? -3.584  8.558   -5.165  1.00 71.72  ?  29  LYS C C   1 
ATOM   351 O O   . LYS B 2 36 ? -3.058  8.839   -6.248  1.00 82.64  ?  29  LYS C O   1 
ATOM   352 C CB  . LYS B 2 36 ? -3.638  10.434  -3.439  1.00 66.82  ?  29  LYS C CB  1 
ATOM   353 N N   . ILE B 2 37 ? -3.457  7.350   -4.622  1.00 60.10  ?  30  ILE C N   1 
ATOM   354 C CA  . ILE B 2 37 ? -2.588  6.378   -5.272  1.00 62.53  ?  30  ILE C CA  1 
ATOM   355 C C   . ILE B 2 37 ? -3.262  5.842   -6.518  1.00 63.65  ?  30  ILE C C   1 
ATOM   356 O O   . ILE B 2 37 ? -2.601  5.560   -7.522  1.00 65.41  ?  30  ILE C O   1 
ATOM   357 C CB  . ILE B 2 37 ? -2.208  5.258   -4.287  1.00 47.66  ?  30  ILE C CB  1 
ATOM   358 C CG1 . ILE B 2 37 ? -1.296  5.820   -3.190  1.00 46.77  ?  30  ILE C CG1 1 
ATOM   359 C CG2 . ILE B 2 37 ? -1.521  4.108   -4.986  1.00 52.00  ?  30  ILE C CG2 1 
ATOM   360 C CD1 . ILE B 2 37 ? -1.135  4.903   -1.960  1.00 44.54  ?  30  ILE C CD1 1 
ATOM   361 N N   . GLN B 2 38 ? -4.596  5.716   -6.478  1.00 63.65  ?  31  GLN C N   1 
ATOM   362 C CA  . GLN B 2 38 ? -5.358  5.320   -7.658  1.00 63.07  ?  31  GLN C CA  1 
ATOM   363 C C   . GLN B 2 38 ? -5.243  6.369   -8.746  1.00 68.72  ?  31  GLN C C   1 
ATOM   364 O O   . GLN B 2 38 ? -4.941  6.057   -9.905  1.00 65.93  ?  31  GLN C O   1 
ATOM   365 C CB  . GLN B 2 38 ? -6.829  5.097   -7.292  1.00 63.00  ?  31  GLN C CB  1 
ATOM   366 C CG  . GLN B 2 38 ? -7.749  4.898   -8.507  1.00 67.84  ?  31  GLN C CG  1 
ATOM   367 C CD  . GLN B 2 38 ? -9.213  5.128   -8.169  1.00 78.33  ?  31  GLN C CD  1 
ATOM   368 O OE1 . GLN B 2 38 ? -9.563  6.127   -7.539  1.00 91.06  ?  31  GLN C OE1 1 
ATOM   369 N NE2 . GLN B 2 38 ? -10.070 4.201   -8.575  1.00 80.28  ?  31  GLN C NE2 1 
ATOM   370 N N   . ASP B 2 39 ? -5.448  7.630   -8.363  1.00 70.66  ?  32  ASP C N   1 
ATOM   371 C CA  . ASP B 2 39 ? -5.351  8.751   -9.285  1.00 76.80  ?  32  ASP C CA  1 
ATOM   372 C C   . ASP B 2 39 ? -3.976  8.812   -9.942  1.00 81.34  ?  32  ASP C C   1 
ATOM   373 O O   . ASP B 2 39 ? -3.858  9.137   -11.129 1.00 88.80  ?  32  ASP C O   1 
ATOM   374 C CB  . ASP B 2 39 ? -5.655  10.036  -8.511  1.00 85.98  ?  32  ASP C CB  1 
ATOM   375 C CG  . ASP B 2 39 ? -5.880  11.230  -9.396  1.00 102.86 ?  32  ASP C CG  1 
ATOM   376 O OD1 . ASP B 2 39 ? -6.169  11.052  -10.599 1.00 110.89 ?  32  ASP C OD1 1 
ATOM   377 O OD2 . ASP B 2 39 ? -5.769  12.365  -8.869  1.00 118.34 -1 32  ASP C OD2 1 
ATOM   378 N N   . LYS B 2 40 ? -2.925  8.480   -9.199  1.00 78.60  ?  33  LYS C N   1 
ATOM   379 C CA  . LYS B 2 40 ? -1.593  8.569   -9.777  1.00 74.96  ?  33  LYS C CA  1 
ATOM   380 C C   . LYS B 2 40 ? -1.133  7.286   -10.465 1.00 73.38  ?  33  LYS C C   1 
ATOM   381 O O   . LYS B 2 40 ? -0.458  7.360   -11.495 1.00 70.76  ?  33  LYS C O   1 
ATOM   382 C CB  . LYS B 2 40 ? -0.583  8.965   -8.705  1.00 76.21  ?  33  LYS C CB  1 
ATOM   383 C CG  . LYS B 2 40 ? 0.802   9.174   -9.271  1.00 83.90  ?  33  LYS C CG  1 
ATOM   384 C CD  . LYS B 2 40 ? 1.874   8.834   -8.276  1.00 81.82  ?  33  LYS C CD  1 
ATOM   385 C CE  . LYS B 2 40 ? 1.936   9.926   -7.248  1.00 78.33  ?  33  LYS C CE  1 
ATOM   386 N NZ  . LYS B 2 40 ? 1.890   11.245  -7.929  1.00 84.48  ?  33  LYS C NZ  1 
ATOM   387 N N   . GLU B 2 41 ? -1.490  6.114   -9.941  1.00 77.75  ?  34  GLU C N   1 
ATOM   388 C CA  . GLU B 2 41 ? -0.949  4.857   -10.428 1.00 75.78  ?  34  GLU C CA  1 
ATOM   389 C C   . GLU B 2 41 ? -1.965  3.889   -11.022 1.00 74.74  ?  34  GLU C C   1 
ATOM   390 O O   . GLU B 2 41 ? -1.552  2.873   -11.601 1.00 70.24  ?  34  GLU C O   1 
ATOM   391 C CB  . GLU B 2 41 ? -0.216  4.117   -9.298  1.00 72.24  ?  34  GLU C CB  1 
ATOM   392 C CG  . GLU B 2 41 ? 1.037   4.759   -8.902  1.00 63.35  ?  34  GLU C CG  1 
ATOM   393 C CD  . GLU B 2 41 ? 1.887   5.143   -10.086 1.00 72.82  ?  34  GLU C CD  1 
ATOM   394 O OE1 . GLU B 2 41 ? 1.902   4.400   -11.114 1.00 74.56  ?  34  GLU C OE1 1 
ATOM   395 O OE2 . GLU B 2 41 ? 2.562   6.196   -9.967  1.00 80.16  -1 34  GLU C OE2 1 
ATOM   396 N N   . GLY B 2 42 ? -3.261  4.135   -10.858 1.00 78.96  ?  35  GLY C N   1 
ATOM   397 C CA  . GLY B 2 42 ? -4.265  3.257   -11.420 1.00 64.34  ?  35  GLY C CA  1 
ATOM   398 C C   . GLY B 2 42 ? -4.574  2.027   -10.606 1.00 67.31  ?  35  GLY C C   1 
ATOM   399 O O   . GLY B 2 42 ? -5.329  1.169   -11.080 1.00 86.24  ?  35  GLY C O   1 
ATOM   400 N N   . ILE B 2 43 ? -3.991  1.885   -9.418  1.00 60.14  ?  36  ILE C N   1 
ATOM   401 C CA  . ILE B 2 43 ? -4.366  0.788   -8.531  1.00 65.54  ?  36  ILE C CA  1 
ATOM   402 C C   . ILE B 2 43 ? -5.733  1.079   -7.900  1.00 69.31  ?  36  ILE C C   1 
ATOM   403 O O   . ILE B 2 43 ? -5.898  2.100   -7.216  1.00 59.88  ?  36  ILE C O   1 
ATOM   404 C CB  . ILE B 2 43 ? -3.301  0.549   -7.453  1.00 65.07  ?  36  ILE C CB  1 
ATOM   405 C CG1 . ILE B 2 43 ? -1.895  0.440   -8.068  1.00 73.67  ?  36  ILE C CG1 1 
ATOM   406 C CG2 . ILE B 2 43 ? -3.612  -0.737  -6.696  1.00 61.87  ?  36  ILE C CG2 1 
ATOM   407 C CD1 . ILE B 2 43 ? -0.743  0.357   -7.015  1.00 65.54  ?  36  ILE C CD1 1 
ATOM   408 N N   . PRO B 2 44 ? -6.736  0.236   -8.119  1.00 66.67  ?  37  PRO C N   1 
ATOM   409 C CA  . PRO B 2 44 ? -8.019  0.383   -7.395  1.00 71.10  ?  37  PRO C CA  1 
ATOM   410 C C   . PRO B 2 44 ? -7.802  0.384   -5.879  1.00 66.82  ?  37  PRO C C   1 
ATOM   411 O O   . PRO B 2 44 ? -7.044  -0.453  -5.355  1.00 62.33  ?  37  PRO C O   1 
ATOM   412 C CB  . PRO B 2 44 ? -8.825  -0.857  -7.836  1.00 77.75  ?  37  PRO C CB  1 
ATOM   413 C CG  . PRO B 2 44 ? -8.236  -1.272  -9.112  1.00 69.87  ?  37  PRO C CG  1 
ATOM   414 C CD  . PRO B 2 44 ? -6.777  -0.895  -9.077  1.00 68.66  ?  37  PRO C CD  1 
ATOM   415 N N   . PRO B 2 45 ? -8.485  1.286   -5.164  1.00 67.32  ?  38  PRO C N   1 
ATOM   416 C CA  . PRO B 2 45 ? -8.197  1.437   -3.715  1.00 67.82  ?  38  PRO C CA  1 
ATOM   417 C C   . PRO B 2 45 ? -8.597  0.217   -2.891  1.00 70.50  ?  38  PRO C C   1 
ATOM   418 O O   . PRO B 2 45 ? -8.009  0.001   -1.817  1.00 64.56  ?  38  PRO C O   1 
ATOM   419 C CB  . PRO B 2 45 ? -9.013  2.685   -3.307  1.00 64.79  ?  38  PRO C CB  1 
ATOM   420 C CG  . PRO B 2 45 ? -9.453  3.360   -4.604  1.00 68.02  ?  38  PRO C CG  1 
ATOM   421 C CD  . PRO B 2 45 ? -9.557  2.198   -5.608  1.00 76.93  ?  38  PRO C CD  1 
ATOM   422 N N   . ASP B 2 46 ? -9.584  -0.566  -3.356  1.00 67.45  ?  39  ASP C N   1 
ATOM   423 C CA  . ASP B 2 46 ? -10.029 -1.791  -2.691  1.00 75.41  ?  39  ASP C CA  1 
ATOM   424 C C   . ASP B 2 46 ? -9.090  -2.971  -2.919  1.00 73.52  ?  39  ASP C C   1 
ATOM   425 O O   . ASP B 2 46 ? -9.241  -3.995  -2.255  1.00 68.74  ?  39  ASP C O   1 
ATOM   426 C CB  . ASP B 2 46 ? -11.439 -2.176  -3.153  1.00 75.14  ?  39  ASP C CB  1 
ATOM   427 C CG  . ASP B 2 46 ? -11.641 -1.992  -4.655  1.00 101.99 ?  39  ASP C CG  1 
ATOM   428 O OD1 . ASP B 2 46 ? -11.073 -1.032  -5.218  1.00 99.12  ?  39  ASP C OD1 1 
ATOM   429 O OD2 . ASP B 2 46 ? -12.395 -2.785  -5.274  1.00 104.69 -1 39  ASP C OD2 1 
ATOM   430 N N   . GLN B 2 47 ? -8.133  -2.846  -3.825  1.00 69.98  ?  40  GLN C N   1 
ATOM   431 C CA  . GLN B 2 47 ? -7.028  -3.780  -3.957  1.00 62.75  ?  40  GLN C CA  1 
ATOM   432 C C   . GLN B 2 47 ? -5.772  -3.325  -3.224  1.00 71.05  ?  40  GLN C C   1 
ATOM   433 O O   . GLN B 2 47 ? -4.738  -3.987  -3.353  1.00 71.45  ?  40  GLN C O   1 
ATOM   434 C CB  . GLN B 2 47 ? -6.717  -3.983  -5.437  1.00 63.17  ?  40  GLN C CB  1 
ATOM   435 C CG  . GLN B 2 47 ? -7.851  -4.715  -6.153  1.00 70.97  ?  40  GLN C CG  1 
ATOM   436 C CD  . GLN B 2 47 ? -7.801  -4.579  -7.669  1.00 77.10  ?  40  GLN C CD  1 
ATOM   437 O OE1 . GLN B 2 47 ? -8.827  -4.644  -8.333  1.00 78.77  ?  40  GLN C OE1 1 
ATOM   438 N NE2 . GLN B 2 47 ? -6.604  -4.398  -8.218  1.00 81.45  ?  40  GLN C NE2 1 
ATOM   439 N N   . GLN B 2 48 ? -5.841  -2.210  -2.467  1.00 65.15  ?  41  GLN C N   1 
ATOM   440 C CA  . GLN B 2 48 ? -4.694  -1.581  -1.810  1.00 52.13  ?  41  GLN C CA  1 
ATOM   441 C C   . GLN B 2 48 ? -4.656  -1.920  -0.331  1.00 63.39  ?  41  GLN C C   1 
ATOM   442 O O   . GLN B 2 48 ? -5.653  -1.741  0.375   1.00 68.97  ?  41  GLN C O   1 
ATOM   443 C CB  . GLN B 2 48 ? -4.740  -0.051  -1.916  1.00 51.07  ?  41  GLN C CB  1 
ATOM   444 C CG  . GLN B 2 48 ? -4.441  0.523   -3.261  1.00 63.53  ?  41  GLN C CG  1 
ATOM   445 C CD  . GLN B 2 48 ? -4.417  2.033   -3.202  1.00 60.33  ?  41  GLN C CD  1 
ATOM   446 O OE1 . GLN B 2 48 ? -3.743  2.627   -2.349  1.00 57.21  ?  41  GLN C OE1 1 
ATOM   447 N NE2 . GLN B 2 48 ? -5.184  2.669   -4.085  1.00 62.74  ?  41  GLN C NE2 1 
ATOM   448 N N   . ARG B 2 49 ? -3.486  -2.333  0.158   1.00 59.97  ?  42  ARG C N   1 
ATOM   449 C CA  . ARG B 2 49 ? -3.294  -2.582  1.582   1.00 53.09  ?  42  ARG C CA  1 
ATOM   450 C C   . ARG B 2 49 ? -2.083  -1.754  1.983   1.00 54.51  ?  42  ARG C C   1 
ATOM   451 O O   . ARG B 2 49 ? -0.945  -2.057  1.607   1.00 52.95  ?  42  ARG C O   1 
ATOM   452 C CB  . ARG B 2 49 ? -3.176  -4.091  1.888   1.00 50.28  ?  42  ARG C CB  1 
ATOM   453 C CG  . ARG B 2 49 ? -4.501  -4.812  1.510   1.00 54.89  ?  42  ARG C CG  1 
ATOM   454 C CD  . ARG B 2 49 ? -4.829  -6.152  2.193   1.00 74.89  ?  42  ARG C CD  1 
ATOM   455 N NE  . ARG B 2 49 ? -4.765  -7.231  1.200   1.00 84.73  ?  42  ARG C NE  1 
ATOM   456 C CZ  . ARG B 2 49 ? -5.105  -8.515  1.365   1.00 85.94  ?  42  ARG C CZ  1 
ATOM   457 N NH1 . ARG B 2 49 ? -5.597  -8.992  2.505   1.00 83.68  ?  42  ARG C NH1 1 
ATOM   458 N NH2 . ARG B 2 49 ? -4.941  -9.340  0.343   1.00 91.71  ?  42  ARG C NH2 1 
ATOM   459 N N   . LEU B 2 50 ? -2.361  -0.646  2.673   1.00 52.63  ?  43  LEU C N   1 
ATOM   460 C CA  . LEU B 2 50 ? -1.337  0.298   3.096   1.00 46.15  ?  43  LEU C CA  1 
ATOM   461 C C   . LEU B 2 50 ? -0.807  -0.142  4.452   1.00 48.31  ?  43  LEU C C   1 
ATOM   462 O O   . LEU B 2 50 ? -1.569  -0.601  5.316   1.00 46.86  ?  43  LEU C O   1 
ATOM   463 C CB  . LEU B 2 50 ? -1.899  1.716   3.178   1.00 51.69  ?  43  LEU C CB  1 
ATOM   464 C CG  . LEU B 2 50 ? -1.727  2.587   1.935   1.00 59.54  ?  43  LEU C CG  1 
ATOM   465 C CD1 . LEU B 2 50 ? -2.355  3.980   2.163   1.00 60.04  ?  43  LEU C CD1 1 
ATOM   466 C CD2 . LEU B 2 50 ? -0.268  2.729   1.472   1.00 47.93  ?  43  LEU C CD2 1 
ATOM   467 N N   . ILE B 2 51 ? 0.512   -0.075  4.597   1.00 51.57  ?  44  ILE C N   1 
ATOM   468 C CA  . ILE B 2 51 ? 1.224   -0.628  5.746   1.00 56.60  ?  44  ILE C CA  1 
ATOM   469 C C   . ILE B 2 51 ? 2.199   0.415   6.277   1.00 53.07  ?  44  ILE C C   1 
ATOM   470 O O   . ILE B 2 51 ? 2.943   1.032   5.490   1.00 50.53  ?  44  ILE C O   1 
ATOM   471 C CB  . ILE B 2 51 ? 1.979   -1.918  5.367   1.00 46.02  ?  44  ILE C CB  1 
ATOM   472 C CG1 . ILE B 2 51 ? 0.986   -3.021  4.978   1.00 47.36  ?  44  ILE C CG1 1 
ATOM   473 C CG2 . ILE B 2 51 ? 2.860   -2.361  6.528   1.00 45.64  ?  44  ILE C CG2 1 
ATOM   474 C CD1 . ILE B 2 51 ? 1.569   -4.027  4.003   1.00 43.14  ?  44  ILE C CD1 1 
ATOM   475 N N   . PHE B 2 52 ? 2.217   0.600   7.600   1.00 48.08  ?  45  PHE C N   1 
ATOM   476 C CA  . PHE B 2 52 ? 3.217   1.467   8.223   1.00 39.10  ?  45  PHE C CA  1 
ATOM   477 C C   . PHE B 2 52 ? 3.491   0.990   9.647   1.00 45.58  ?  45  PHE C C   1 
ATOM   478 O O   . PHE B 2 52 ? 2.567   0.565   10.342  1.00 51.07  ?  45  PHE C O   1 
ATOM   479 C CB  . PHE B 2 52 ? 2.732   2.937   8.261   1.00 53.36  ?  45  PHE C CB  1 
ATOM   480 C CG  . PHE B 2 52 ? 3.748   3.915   8.841   1.00 52.22  ?  45  PHE C CG  1 
ATOM   481 C CD1 . PHE B 2 52 ? 4.887   4.278   8.093   1.00 59.18  ?  45  PHE C CD1 1 
ATOM   482 C CD2 . PHE B 2 52 ? 3.586   4.443   10.100  1.00 59.03  ?  45  PHE C CD2 1 
ATOM   483 C CE1 . PHE B 2 52 ? 5.828   5.190   8.616   1.00 56.21  ?  45  PHE C CE1 1 
ATOM   484 C CE2 . PHE B 2 52 ? 4.514   5.353   10.640  1.00 60.64  ?  45  PHE C CE2 1 
ATOM   485 C CZ  . PHE B 2 52 ? 5.633   5.720   9.901   1.00 63.40  ?  45  PHE C CZ  1 
ATOM   486 N N   . ALA B 2 53 ? 4.742   1.147   10.098  1.00 51.92  ?  46  ALA C N   1 
ATOM   487 C CA  . ALA B 2 53 ? 5.138   0.798   11.467  1.00 57.15  ?  46  ALA C CA  1 
ATOM   488 C C   . ALA B 2 53 ? 4.436   -0.472  11.938  1.00 56.83  ?  46  ALA C C   1 
ATOM   489 O O   . ALA B 2 53 ? 3.799   -0.507  13.005  1.00 48.87  ?  46  ALA C O   1 
ATOM   490 C CB  . ALA B 2 53 ? 4.865   1.956   12.438  1.00 46.05  ?  46  ALA C CB  1 
ATOM   491 N N   . GLY B 2 54 ? 4.482   -1.498  11.079  1.00 51.45  ?  47  GLY C N   1 
ATOM   492 C CA  . GLY B 2 54 ? 4.087   -2.814  11.539  1.00 47.07  ?  47  GLY C CA  1 
ATOM   493 C C   . GLY B 2 54 ? 2.608   -3.059  11.591  1.00 50.92  ?  47  GLY C C   1 
ATOM   494 O O   . GLY B 2 54 ? 2.190   -4.045  12.203  1.00 53.55  ?  47  GLY C O   1 
ATOM   495 N N   . MET B 2 55 ? 1.800   -2.213  10.935  1.00 47.18  ?  48  MET C N   1 
ATOM   496 C CA  . MET B 2 55 ? 0.349   -2.357  10.899  1.00 50.54  ?  48  MET C CA  1 
ATOM   497 C C   . MET B 2 55 ? -0.169  -2.111  9.485   1.00 48.06  ?  48  MET C C   1 
ATOM   498 O O   . MET B 2 55 ? 0.430   -1.352  8.715   1.00 46.51  ?  48  MET C O   1 
ATOM   499 C CB  . MET B 2 55 ? -0.385  -1.377  11.839  1.00 56.82  ?  48  MET C CB  1 
ATOM   500 C CG  . MET B 2 55 ? 0.309   -1.071  13.129  1.00 65.21  ?  48  MET C CG  1 
ATOM   501 S SD  . MET B 2 55 ? -0.162  0.585   13.719  1.00 65.49  ?  48  MET C SD  1 
ATOM   502 C CE  . MET B 2 55 ? -1.815  0.274   14.302  1.00 68.25  ?  48  MET C CE  1 
ATOM   503 N N   . GLN B 2 56 ? -1.290  -2.778  9.165   1.00 52.99  ?  49  GLN C N   1 
ATOM   504 C CA  . GLN B 2 56 ? -2.172  -2.416  8.054   1.00 53.77  ?  49  GLN C CA  1 
ATOM   505 C C   . GLN B 2 56 ? -3.040  -1.246  8.479   1.00 57.69  ?  49  GLN C C   1 
ATOM   506 O O   . GLN B 2 56 ? -3.587  -1.245  9.585   1.00 63.20  ?  49  GLN C O   1 
ATOM   507 C CB  . GLN B 2 56 ? -3.082  -3.586  7.673   1.00 47.74  ?  49  GLN C CB  1 
ATOM   508 C CG  . GLN B 2 56 ? -2.361  -4.716  7.039   1.00 64.96  ?  49  GLN C CG  1 
ATOM   509 C CD  . GLN B 2 56 ? -3.316  -5.700  6.393   1.00 60.78  ?  49  GLN C CD  1 
ATOM   510 O OE1 . GLN B 2 56 ? -3.981  -5.370  5.399   1.00 62.45  ?  49  GLN C OE1 1 
ATOM   511 N NE2 . GLN B 2 56 ? -3.419  -6.903  6.975   1.00 65.94  ?  49  GLN C NE2 1 
ATOM   512 N N   . LEU B 2 57 ? -3.203  -0.263  7.614   1.00 58.82  ?  50  LEU C N   1 
ATOM   513 C CA  . LEU B 2 57 ? -3.833  0.963   8.098   1.00 64.71  ?  50  LEU C CA  1 
ATOM   514 C C   . LEU B 2 57 ? -5.296  0.955   7.719   1.00 65.05  ?  50  LEU C C   1 
ATOM   515 O O   . LEU B 2 57 ? -5.673  0.421   6.676   1.00 64.19  ?  50  LEU C O   1 
ATOM   516 C CB  . LEU B 2 57 ? -3.130  2.199   7.559   1.00 48.78  ?  50  LEU C CB  1 
ATOM   517 C CG  . LEU B 2 57 ? -1.605  2.129   7.672   1.00 52.56  ?  50  LEU C CG  1 
ATOM   518 C CD1 . LEU B 2 57 ? -0.986  3.199   6.804   1.00 59.33  ?  50  LEU C CD1 1 
ATOM   519 C CD2 . LEU B 2 57 ? -1.107  2.305   9.133   1.00 55.38  ?  50  LEU C CD2 1 
ATOM   520 N N   . GLU B 2 58 ? -6.121  1.495   8.605   1.00 65.88  ?  51  GLU C N   1 
ATOM   521 C CA  . GLU B 2 58 ? -7.565  1.439   8.435   1.00 73.39  ?  51  GLU C CA  1 
ATOM   522 C C   . GLU B 2 58 ? -8.053  2.708   7.758   1.00 59.11  ?  51  GLU C C   1 
ATOM   523 O O   . GLU B 2 58 ? -7.611  3.810   8.091   1.00 65.31  ?  51  GLU C O   1 
ATOM   524 C CB  . GLU B 2 58 ? -8.260  1.273   9.778   1.00 84.30  ?  51  GLU C CB  1 
ATOM   525 C CG  . GLU B 2 58 ? -7.925  0.007   10.516  1.00 90.00  ?  51  GLU C CG  1 
ATOM   526 C CD  . GLU B 2 58 ? -8.614  -0.031  11.864  1.00 103.79 ?  51  GLU C CD  1 
ATOM   527 O OE1 . GLU B 2 58 ? -8.805  1.054   12.466  1.00 110.64 ?  51  GLU C OE1 1 
ATOM   528 O OE2 . GLU B 2 58 ? -8.974  -1.133  12.320  1.00 109.91 -1 51  GLU C OE2 1 
ATOM   529 N N   . ASP B 2 59 ? -8.998  2.540   6.843   1.00 60.93  ?  52  ASP C N   1 
ATOM   530 C CA  . ASP B 2 59 ? -9.339  3.590   5.892   1.00 80.38  ?  52  ASP C CA  1 
ATOM   531 C C   . ASP B 2 59 ? -9.770  4.878   6.589   1.00 89.86  ?  52  ASP C C   1 
ATOM   532 O O   . ASP B 2 59 ? -9.350  5.975   6.195   1.00 90.76  ?  52  ASP C O   1 
ATOM   533 C CB  . ASP B 2 59 ? -10.421 3.067   4.944   1.00 73.43  ?  52  ASP C CB  1 
ATOM   534 C CG  . ASP B 2 59 ? -9.850  2.171   3.882   1.00 80.96  ?  52  ASP C CG  1 
ATOM   535 O OD1 . ASP B 2 59 ? -8.681  1.770   4.024   1.00 85.30  ?  52  ASP C OD1 1 
ATOM   536 O OD2 . ASP B 2 59 ? -10.552 1.833   2.921   1.00 89.16  -1 52  ASP C OD2 1 
ATOM   537 N N   . GLY B 2 60 ? -10.582 4.766   7.649   1.00 88.96  ?  53  GLY C N   1 
ATOM   538 C CA  . GLY B 2 60 ? -11.130 5.927   8.315   1.00 83.99  ?  53  GLY C CA  1 
ATOM   539 C C   . GLY B 2 60 ? -10.227 6.594   9.321   1.00 81.62  ?  53  GLY C C   1 
ATOM   540 O O   . GLY B 2 60 ? -10.704 7.425   10.086  1.00 85.51  ?  53  GLY C O   1 
ATOM   541 N N   . ARG B 2 61 ? -8.946  6.254   9.376   1.00 78.44  ?  54  ARG C N   1 
ATOM   542 C CA  . ARG B 2 61 ? -8.003  6.965   10.222  1.00 80.52  ?  54  ARG C CA  1 
ATOM   543 C C   . ARG B 2 61 ? -7.202  7.958   9.391   1.00 79.14  ?  54  ARG C C   1 
ATOM   544 O O   . ARG B 2 61 ? -7.143  7.864   8.165   1.00 76.42  ?  54  ARG C O   1 
ATOM   545 C CB  . ARG B 2 61 ? -7.051  5.999   10.925  1.00 72.74  ?  54  ARG C CB  1 
ATOM   546 C CG  . ARG B 2 61 ? -7.753  4.989   11.768  1.00 73.60  ?  54  ARG C CG  1 
ATOM   547 C CD  . ARG B 2 61 ? -7.842  5.499   13.163  1.00 86.86  ?  54  ARG C CD  1 
ATOM   548 N NE  . ARG B 2 61 ? -8.195  4.421   14.063  1.00 92.31  ?  54  ARG C NE  1 
ATOM   549 C CZ  . ARG B 2 61 ? -8.527  4.611   15.325  1.00 86.89  ?  54  ARG C CZ  1 
ATOM   550 N NH1 . ARG B 2 61 ? -8.539  5.835   15.811  1.00 87.38  ?  54  ARG C NH1 1 
ATOM   551 N NH2 . ARG B 2 61 ? -8.826  3.575   16.092  1.00 94.27  ?  54  ARG C NH2 1 
ATOM   552 N N   . THR B 2 62 ? -6.585  8.915   10.073  1.00 73.64  ?  55  THR C N   1 
ATOM   553 C CA  . THR B 2 62 ? -5.765  9.906   9.402   1.00 71.48  ?  55  THR C CA  1 
ATOM   554 C C   . THR B 2 62 ? -4.299  9.552   9.545   1.00 76.16  ?  55  THR C C   1 
ATOM   555 O O   . THR B 2 62 ? -3.893  8.819   10.457  1.00 76.25  ?  55  THR C O   1 
ATOM   556 C CB  . THR B 2 62 ? -5.973  11.315  9.994   1.00 82.00  ?  55  THR C CB  1 
ATOM   557 O OG1 . THR B 2 62 ? -5.443  11.327  11.315  1.00 65.32  ?  55  THR C OG1 1 
ATOM   558 C CG2 . THR B 2 62 ? -7.437  11.733  10.012  1.00 68.13  ?  55  THR C CG2 1 
ATOM   559 N N   . LEU B 2 63 ? -3.491  10.130  8.653   1.00 77.88  ?  56  LEU C N   1 
ATOM   560 C CA  . LEU B 2 63 ? -2.042  9.959   8.738   1.00 73.55  ?  56  LEU C CA  1 
ATOM   561 C C   . LEU B 2 63 ? -1.502  10.413  10.081  1.00 75.71  ?  56  LEU C C   1 
ATOM   562 O O   . LEU B 2 63 ? -0.555  9.813   10.607  1.00 70.89  ?  56  LEU C O   1 
ATOM   563 C CB  . LEU B 2 63 ? -1.366  10.729  7.609   1.00 75.88  ?  56  LEU C CB  1 
ATOM   564 C CG  . LEU B 2 63 ? -1.754  10.255  6.208   1.00 65.91  ?  56  LEU C CG  1 
ATOM   565 C CD1 . LEU B 2 63 ? -1.193  11.220  5.214   1.00 64.08  ?  56  LEU C CD1 1 
ATOM   566 C CD2 . LEU B 2 63 ? -1.218  8.811   5.944   1.00 63.53  ?  56  LEU C CD2 1 
ATOM   567 N N   . SER B 2 64 ? -2.084  11.465  10.651  1.00 70.11  ?  57  SER C N   1 
ATOM   568 C CA  . SER B 2 64 ? -1.654  11.893  11.975  1.00 77.40  ?  57  SER C CA  1 
ATOM   569 C C   . SER B 2 64 ? -1.971  10.828  13.015  1.00 72.15  ?  57  SER C C   1 
ATOM   570 O O   . SER B 2 64 ? -1.212  10.661  13.976  1.00 71.04  ?  57  SER C O   1 
ATOM   571 C CB  . SER B 2 64 ? -2.309  13.244  12.375  1.00 73.84  ?  57  SER C CB  1 
ATOM   572 N N   . ASP B 2 65 ? -3.092  10.118  12.849  1.00 71.04  ?  58  ASP C N   1 
ATOM   573 C CA  . ASP B 2 65 ? -3.420  9.042   13.781  1.00 75.35  ?  58  ASP C CA  1 
ATOM   574 C C   . ASP B 2 65 ? -2.277  8.050   13.913  1.00 62.73  ?  58  ASP C C   1 
ATOM   575 O O   . ASP B 2 65 ? -2.131  7.420   14.958  1.00 61.49  ?  58  ASP C O   1 
ATOM   576 C CB  . ASP B 2 65 ? -4.688  8.297   13.342  1.00 78.38  ?  58  ASP C CB  1 
ATOM   577 C CG  . ASP B 2 65 ? -5.962  8.988   13.770  1.00 84.13  ?  58  ASP C CG  1 
ATOM   578 O OD1 . ASP B 2 65 ? -5.907  10.021  14.503  1.00 90.97  ?  58  ASP C OD1 1 
ATOM   579 O OD2 . ASP B 2 65 ? -7.025  8.476   13.368  1.00 84.14  -1 58  ASP C OD2 1 
ATOM   580 N N   . TYR B 2 66 ? -1.491  7.864   12.853  1.00 64.33  ?  59  TYR C N   1 
ATOM   581 C CA  . TYR B 2 66 ? -0.405  6.890   12.842  1.00 60.03  ?  59  TYR C CA  1 
ATOM   582 C C   . TYR B 2 66 ? 0.952   7.553   12.965  1.00 62.13  ?  59  TYR C C   1 
ATOM   583 O O   . TYR B 2 66 ? 1.962   6.894   12.696  1.00 60.03  ?  59  TYR C O   1 
ATOM   584 C CB  . TYR B 2 66 ? -0.443  6.023   11.560  1.00 61.33  ?  59  TYR C CB  1 
ATOM   585 C CG  . TYR B 2 66 ? -1.650  5.146   11.409  1.00 57.13  ?  59  TYR C CG  1 
ATOM   586 C CD1 . TYR B 2 66 ? -1.790  3.974   12.155  1.00 54.81  ?  59  TYR C CD1 1 
ATOM   587 C CD2 . TYR B 2 66 ? -2.640  5.468   10.504  1.00 58.34  ?  59  TYR C CD2 1 
ATOM   588 C CE1 . TYR B 2 66 ? -2.923  3.163   12.024  1.00 53.86  ?  59  TYR C CE1 1 
ATOM   589 C CE2 . TYR B 2 66 ? -3.766  4.675   10.358  1.00 57.46  ?  59  TYR C CE2 1 
ATOM   590 C CZ  . TYR B 2 66 ? -3.901  3.526   11.116  1.00 55.27  ?  59  TYR C CZ  1 
ATOM   591 O OH  . TYR B 2 66 ? -5.031  2.747   10.935  1.00 62.32  ?  59  TYR C OH  1 
ATOM   592 N N   . ASN B 2 67 ? 0.995   8.840   13.366  1.00 64.06  ?  60  ASN C N   1 
ATOM   593 C CA  . ASN B 2 67 ? 2.237   9.616   13.459  1.00 65.97  ?  60  ASN C CA  1 
ATOM   594 C C   . ASN B 2 67 ? 3.049   9.519   12.162  1.00 73.27  ?  60  ASN C C   1 
ATOM   595 O O   . ASN B 2 67 ? 4.287   9.437   12.176  1.00 70.53  ?  60  ASN C O   1 
ATOM   596 C CB  . ASN B 2 67 ? 3.115   9.196   14.646  1.00 65.29  ?  60  ASN C CB  1 
ATOM   597 C CG  . ASN B 2 67 ? 2.413   9.252   15.998  1.00 65.43  ?  60  ASN C CG  1 
ATOM   598 O OD1 . ASN B 2 67 ? 1.399   9.943   16.229  1.00 66.87  ?  60  ASN C OD1 1 
ATOM   599 N ND2 . ASN B 2 67 ? 3.004   8.545   16.940  1.00 80.00  ?  60  ASN C ND2 1 
ATOM   600 N N   . ILE B 2 68 ? 2.367   9.496   11.023  1.00 66.07  ?  61  ILE C N   1 
ATOM   601 C CA  . ILE B 2 68 ? 3.062   9.475   9.738   1.00 66.93  ?  61  ILE C CA  1 
ATOM   602 C C   . ILE B 2 68 ? 3.505   10.913  9.460   1.00 72.68  ?  61  ILE C C   1 
ATOM   603 O O   . ILE B 2 68 ? 2.677   11.811  9.296   1.00 71.95  ?  61  ILE C O   1 
ATOM   604 C CB  . ILE B 2 68 ? 2.178   8.903   8.618   1.00 65.63  ?  61  ILE C CB  1 
ATOM   605 C CG1 . ILE B 2 68 ? 2.141   7.365   8.705   1.00 69.90  ?  61  ILE C CG1 1 
ATOM   606 C CG2 . ILE B 2 68 ? 2.703   9.318   7.245   1.00 67.43  ?  61  ILE C CG2 1 
ATOM   607 C CD1 . ILE B 2 68 ? 0.942   6.655   7.966   1.00 61.14  ?  61  ILE C CD1 1 
ATOM   608 N N   . LYS B 2 69 ? 4.810   11.141  9.479   1.00 73.28  ?  62  LYS C N   1 
ATOM   609 C CA  . LYS B 2 69 ? 5.388   12.470  9.389   1.00 80.32  ?  62  LYS C CA  1 
ATOM   610 C C   . LYS B 2 69 ? 6.041   12.612  8.018   1.00 83.28  ?  62  LYS C C   1 
ATOM   611 O O   . LYS B 2 69 ? 6.013   11.686  7.214   1.00 79.62  ?  62  LYS C O   1 
ATOM   612 C CB  . LYS B 2 69 ? 6.375   12.713  10.555  1.00 75.85  ?  62  LYS C CB  1 
ATOM   613 N N   . ARG B 2 70 ? 6.600   13.785  7.714   1.00 90.80  ?  63  ARG C N   1 
ATOM   614 C CA  . ARG B 2 70 ? 7.135   13.951  6.367   1.00 87.88  ?  63  ARG C CA  1 
ATOM   615 C C   . ARG B 2 70 ? 8.361   13.064  6.173   1.00 91.37  ?  63  ARG C C   1 
ATOM   616 O O   . ARG B 2 70 ? 9.048   12.686  7.131   1.00 89.89  ?  63  ARG C O   1 
ATOM   617 C CB  . ARG B 2 70 ? 7.429   15.414  6.053   1.00 91.69  ?  63  ARG C CB  1 
ATOM   618 C CG  . ARG B 2 70 ? 8.774   15.952  6.482   1.00 97.17  ?  63  ARG C CG  1 
ATOM   619 C CD  . ARG B 2 70 ? 8.791   17.443  6.218   1.00 94.51  ?  63  ARG C CD  1 
ATOM   620 N NE  . ARG B 2 70 ? 9.925   18.102  6.840   1.00 101.01 ?  63  ARG C NE  1 
ATOM   621 C CZ  . ARG B 2 70 ? 10.478  19.220  6.381   1.00 104.88 ?  63  ARG C CZ  1 
ATOM   622 N NH1 . ARG B 2 70 ? 10.020  19.797  5.277   1.00 108.12 ?  63  ARG C NH1 1 
ATOM   623 N NH2 . ARG B 2 70 ? 11.514  19.750  7.011   1.00 103.95 ?  63  ARG C NH2 1 
ATOM   624 N N   . ASP B 2 71 ? 8.578   12.662  4.916   1.00 85.80  ?  64  ASP C N   1 
ATOM   625 C CA  . ASP B 2 71 ? 9.518   11.596  4.573   1.00 84.86  ?  64  ASP C CA  1 
ATOM   626 C C   . ASP B 2 71 ? 9.242   10.299  5.326   1.00 75.44  ?  64  ASP C C   1 
ATOM   627 O O   . ASP B 2 71 ? 10.158  9.513   5.558   1.00 77.25  ?  64  ASP C O   1 
ATOM   628 C CB  . ASP B 2 71 ? 10.953  12.028  4.825   1.00 88.59  ?  64  ASP C CB  1 
ATOM   629 C CG  . ASP B 2 71 ? 11.206  13.438  4.383   1.00 97.05  ?  64  ASP C CG  1 
ATOM   630 O OD1 . ASP B 2 71 ? 10.695  13.856  3.300   1.00 98.66  ?  64  ASP C OD1 1 
ATOM   631 O OD2 . ASP B 2 71 ? 11.910  14.124  5.159   1.00 100.16 -1 64  ASP C OD2 1 
ATOM   632 N N   . SER B 2 72 ? 8.013   10.074  5.764   1.00 73.37  ?  65  SER C N   1 
ATOM   633 C CA  . SER B 2 72 ? 7.660   8.755   6.244   1.00 69.61  ?  65  SER C CA  1 
ATOM   634 C C   . SER B 2 72 ? 7.693   7.797   5.045   1.00 76.48  ?  65  SER C C   1 
ATOM   635 O O   . SER B 2 72 ? 7.433   8.200   3.906   1.00 70.20  ?  65  SER C O   1 
ATOM   636 C CB  . SER B 2 72 ? 6.275   8.764   6.887   1.00 75.91  ?  65  SER C CB  1 
ATOM   637 O OG  . SER B 2 72 ? 6.284   9.326   8.199   1.00 70.97  ?  65  SER C OG  1 
ATOM   638 N N   . ASN B 2 73 ? 8.051   6.539   5.296   1.00 65.77  ?  66  ASN C N   1 
ATOM   639 C CA  . ASN B 2 73 ? 8.120   5.500   4.276   1.00 64.76  ?  66  ASN C CA  1 
ATOM   640 C C   . ASN B 2 73 ? 7.021   4.497   4.581   1.00 61.23  ?  66  ASN C C   1 
ATOM   641 O O   . ASN B 2 73 ? 7.115   3.778   5.580   1.00 58.86  ?  66  ASN C O   1 
ATOM   642 C CB  . ASN B 2 73 ? 9.485   4.819   4.288   1.00 78.21  ?  66  ASN C CB  1 
ATOM   643 C CG  . ASN B 2 73 ? 10.422  5.367   3.251   1.00 103.28 ?  66  ASN C CG  1 
ATOM   644 O OD1 . ASN B 2 73 ? 10.018  5.695   2.137   1.00 114.14 ?  66  ASN C OD1 1 
ATOM   645 N ND2 . ASN B 2 73 ? 11.695  5.469   3.610   1.00 113.97 ?  66  ASN C ND2 1 
ATOM   646 N N   . LEU B 2 74 ? 5.979   4.456   3.746   1.00 62.86  ?  67  LEU C N   1 
ATOM   647 C CA  . LEU B 2 74 ? 4.928   3.441   3.851   1.00 58.85  ?  67  LEU C CA  1 
ATOM   648 C C   . LEU B 2 74 ? 5.196   2.318   2.848   1.00 61.11  ?  67  LEU C C   1 
ATOM   649 O O   . LEU B 2 74 ? 5.977   2.465   1.908   1.00 59.58  ?  67  LEU C O   1 
ATOM   650 C CB  . LEU B 2 74 ? 3.520   4.027   3.608   1.00 59.84  ?  67  LEU C CB  1 
ATOM   651 C CG  . LEU B 2 74 ? 2.875   4.991   4.615   1.00 60.58  ?  67  LEU C CG  1 
ATOM   652 C CD1 . LEU B 2 74 ? 3.705   6.243   4.768   1.00 63.61  ?  67  LEU C CD1 1 
ATOM   653 C CD2 . LEU B 2 74 ? 1.430   5.331   4.241   1.00 61.41  ?  67  LEU C CD2 1 
ATOM   654 N N   . TYR B 2 75 ? 4.539   1.181   3.066   1.00 53.06  ?  68  TYR C N   1 
ATOM   655 C CA  . TYR B 2 75 ? 4.464   0.119   2.068   1.00 59.55  ?  68  TYR C CA  1 
ATOM   656 C C   . TYR B 2 75 ? 3.036   -0.056  1.579   1.00 58.84  ?  68  TYR C C   1 
ATOM   657 O O   . TYR B 2 75 ? 2.072   0.227   2.287   1.00 52.13  ?  68  TYR C O   1 
ATOM   658 C CB  . TYR B 2 75 ? 4.977   -1.225  2.623   1.00 48.37  ?  68  TYR C CB  1 
ATOM   659 C CG  . TYR B 2 75 ? 6.493   -1.256  2.717   1.00 61.87  ?  68  TYR C CG  1 
ATOM   660 C CD1 . TYR B 2 75 ? 7.141   -0.786  3.862   1.00 67.59  ?  68  TYR C CD1 1 
ATOM   661 C CD2 . TYR B 2 75 ? 7.283   -1.706  1.647   1.00 58.01  ?  68  TYR C CD2 1 
ATOM   662 C CE1 . TYR B 2 75 ? 8.517   -0.784  3.949   1.00 70.47  ?  68  TYR C CE1 1 
ATOM   663 C CE2 . TYR B 2 75 ? 8.690   -1.680  1.724   1.00 50.29  ?  68  TYR C CE2 1 
ATOM   664 C CZ  . TYR B 2 75 ? 9.278   -1.269  2.891   1.00 66.53  ?  68  TYR C CZ  1 
ATOM   665 O OH  . TYR B 2 75 ? 10.642  -1.273  2.964   1.00 77.26  ?  68  TYR C OH  1 
ATOM   666 N N   . LEU B 2 76 ? 2.920   -0.592  0.375   1.00 53.54  ?  69  LEU C N   1 
ATOM   667 C CA  . LEU B 2 76 ? 1.632   -0.912  -0.217  1.00 58.24  ?  69  LEU C CA  1 
ATOM   668 C C   . LEU B 2 76 ? 1.756   -2.245  -0.933  1.00 59.18  ?  69  LEU C C   1 
ATOM   669 O O   . LEU B 2 76 ? 2.694   -2.446  -1.712  1.00 49.39  ?  69  LEU C O   1 
ATOM   670 C CB  . LEU B 2 76 ? 1.205   0.173   -1.201  1.00 67.82  ?  69  LEU C CB  1 
ATOM   671 C CG  . LEU B 2 76 ? 0.037   -0.129  -2.133  1.00 72.49  ?  69  LEU C CG  1 
ATOM   672 C CD1 . LEU B 2 76 ? -1.255  0.262   -1.427  1.00 80.10  ?  69  LEU C CD1 1 
ATOM   673 C CD2 . LEU B 2 76 ? 0.212   0.647   -3.441  1.00 60.27  ?  69  LEU C CD2 1 
ATOM   674 N N   . VAL B 2 77 ? 0.819   -3.149  -0.669  1.00 56.65  ?  70  VAL C N   1 
ATOM   675 C CA  . VAL B 2 77 ? 0.732   -4.432  -1.360  1.00 50.54  ?  70  VAL C CA  1 
ATOM   676 C C   . VAL B 2 77 ? -0.569  -4.449  -2.126  1.00 57.21  ?  70  VAL C C   1 
ATOM   677 O O   . VAL B 2 77 ? -1.634  -4.184  -1.548  1.00 59.18  ?  70  VAL C O   1 
ATOM   678 C CB  . VAL B 2 77 ? 0.827   -5.605  -0.385  1.00 45.25  ?  70  VAL C CB  1 
ATOM   679 C CG1 . VAL B 2 77 ? 0.755   -6.933  -1.147  1.00 43.28  ?  70  VAL C CG1 1 
ATOM   680 C CG2 . VAL B 2 77 ? 2.143   -5.545  0.306   1.00 42.22  ?  70  VAL C CG2 1 
ATOM   681 N N   . SER B 2 78 ? -0.482  -4.685  -3.436  1.00 48.96  ?  71  SER C N   1 
ATOM   682 C CA  . SER B 2 78 ? -1.662  -4.741  -4.288  1.00 57.83  ?  71  SER C CA  1 
ATOM   683 C C   . SER B 2 78 ? -1.583  -5.927  -5.237  1.00 56.41  ?  71  SER C C   1 
ATOM   684 O O   . SER B 2 78 ? -0.508  -6.450  -5.535  1.00 55.32  ?  71  SER C O   1 
ATOM   685 C CB  . SER B 2 78 ? -1.863  -3.496  -5.166  1.00 54.51  ?  71  SER C CB  1 
ATOM   686 O OG  . SER B 2 78 ? -1.558  -2.305  -4.510  1.00 59.18  ?  71  SER C OG  1 
ATOM   687 N N   . SER B 2 79 ? -2.757  -6.330  -5.698  1.00 55.10  ?  72  SER C N   1 
ATOM   688 C CA  . SER B 2 79 ? -2.932  -7.242  -6.811  1.00 53.79  ?  72  SER C CA  1 
ATOM   689 C C   . SER B 2 79 ? -3.500  -6.482  -7.993  1.00 56.35  ?  72  SER C C   1 
ATOM   690 O O   . SER B 2 79 ? -4.360  -5.613  -7.818  1.00 76.30  ?  72  SER C O   1 
ATOM   691 C CB  . SER B 2 79 ? -3.861  -8.382  -6.434  1.00 57.91  ?  72  SER C CB  1 
ATOM   692 O OG  . SER B 2 79 ? -3.150  -9.275  -5.588  1.00 67.47  ?  72  SER C OG  1 
ATOM   693 N N   . LEU B 2 80 ? -2.955  -6.750  -9.177  1.00 59.33  ?  73  LEU C N   1 
ATOM   694 C CA  . LEU B 2 80 ? -3.461  -6.245  -10.451 1.00 63.82  ?  73  LEU C CA  1 
ATOM   695 C C   . LEU B 2 80 ? -3.697  -7.413  -11.405 1.00 68.36  ?  73  LEU C C   1 
ATOM   696 O O   . LEU B 2 80 ? -3.062  -8.464  -11.282 1.00 63.01  ?  73  LEU C O   1 
ATOM   697 C CB  . LEU B 2 80 ? -2.475  -5.247  -11.107 1.00 63.30  ?  73  LEU C CB  1 
ATOM   698 C CG  . LEU B 2 80 ? -2.293  -3.834  -10.520 1.00 71.23  ?  73  LEU C CG  1 
ATOM   699 C CD1 . LEU B 2 80 ? -1.746  -2.935  -11.593 1.00 76.01  ?  73  LEU C CD1 1 
ATOM   700 C CD2 . LEU B 2 80 ? -3.605  -3.251  -10.004 1.00 70.17  ?  73  LEU C CD2 1 
ATOM   701 N N   . ARG B 2 81 ? -4.593  -7.211  -12.379 1.00 74.32  ?  74  ARG C N   1 
ATOM   702 C CA  . ARG B 2 81 ? -4.746  -8.179  -13.464 1.00 72.79  ?  74  ARG C CA  1 
ATOM   703 C C   . ARG B 2 81 ? -3.766  -7.883  -14.588 1.00 82.35  ?  74  ARG C C   1 
ATOM   704 O O   . ARG B 2 81 ? -3.260  -8.805  -15.243 1.00 89.31  ?  74  ARG C O   1 
ATOM   705 C CB  . ARG B 2 81 ? -6.186  -8.182  -13.996 1.00 63.65  ?  74  ARG C CB  1 
ATOM   706 N N   . SER B 2 82 ? -3.488  -6.602  -14.812 1.00 80.25  ?  75  SER C N   1 
ATOM   707 C CA  . SER B 2 82 ? -2.572  -6.131  -15.835 1.00 76.54  ?  75  SER C CA  1 
ATOM   708 C C   . SER B 2 82 ? -1.942  -4.838  -15.332 1.00 79.81  ?  75  SER C C   1 
ATOM   709 O O   . SER B 2 82 ? -2.531  -4.126  -14.519 1.00 73.59  ?  75  SER C O   1 
ATOM   710 C CB  . SER B 2 82 ? -3.292  -5.899  -17.165 1.00 65.41  ?  75  SER C CB  1 
ATOM   711 N N   . LEU B 2 83 ? -0.740  -4.545  -15.822 1.00 87.07  ?  76  LEU C N   1 
ATOM   712 C CA  . LEU B 2 83 ? -0.009  -3.347  -15.412 1.00 96.71  ?  76  LEU C CA  1 
ATOM   713 C C   . LEU B 2 83 ? -0.528  -2.098  -16.120 1.00 110.05 ?  76  LEU C C   1 
ATOM   714 O O   . LEU B 2 83 ? -0.828  -1.095  -15.467 1.00 121.34 ?  76  LEU C O   1 
ATOM   715 C CB  . LEU B 2 83 ? 1.488   -3.506  -15.679 1.00 91.59  ?  76  LEU C CB  1 
ATOM   716 C CG  . LEU B 2 83 ? 2.233   -4.554  -14.852 1.00 89.35  ?  76  LEU C CG  1 
ATOM   717 C CD1 . LEU B 2 83 ? 3.727   -4.473  -15.148 1.00 92.96  ?  76  LEU C CD1 1 
ATOM   718 C CD2 . LEU B 2 83 ? 1.965   -4.376  -13.353 1.00 86.54  ?  76  LEU C CD2 1 
HETATM 719 O O   . HOH C 3 .  ? -5.307  -6.904  -3.903  1.00 45.87  ?  301 HOH B O   1 
HETATM 720 O O   . HOH D 3 .  ? -4.797  -0.366  4.132   1.00 58.34  ?  101 HOH C O   1 
HETATM 721 O O   . HOH D 3 .  ? -7.030  -11.061 3.774   1.00 84.39  ?  102 HOH C O   1 
HETATM 722 O O   . HOH D 3 .  ? -6.705  -5.374  -11.858 1.00 52.92  ?  103 HOH C O   1 
HETATM 723 O O   . HOH D 3 .  ? 2.806   4.404   13.860  1.00 43.85  ?  104 HOH C O   1 
HETATM 724 O O   . HOH D 3 .  ? 6.230   9.768   -7.413  1.00 60.63  ?  105 HOH C O   1 
HETATM 725 O O   . HOH D 3 .  ? -2.474  6.727   -13.906 1.00 70.38  ?  106 HOH C O   1 
HETATM 726 O O   . HOH D 3 .  ? -3.254  18.324  11.639  1.00 65.59  ?  107 HOH C O   1 
# 
loop_
_atom_site_anisotrop.id 
_atom_site_anisotrop.type_symbol 
_atom_site_anisotrop.pdbx_label_atom_id 
_atom_site_anisotrop.pdbx_label_alt_id 
_atom_site_anisotrop.pdbx_label_comp_id 
_atom_site_anisotrop.pdbx_label_asym_id 
_atom_site_anisotrop.pdbx_label_seq_id 
_atom_site_anisotrop.pdbx_PDB_ins_code 
_atom_site_anisotrop.U[1][1] 
_atom_site_anisotrop.U[2][2] 
_atom_site_anisotrop.U[3][3] 
_atom_site_anisotrop.U[1][2] 
_atom_site_anisotrop.U[1][3] 
_atom_site_anisotrop.U[2][3] 
_atom_site_anisotrop.pdbx_auth_seq_id 
_atom_site_anisotrop.pdbx_auth_comp_id 
_atom_site_anisotrop.pdbx_auth_asym_id 
_atom_site_anisotrop.pdbx_auth_atom_id 
1   N N   . TYR A 1  ? 0.6772 0.7915 0.8592 -0.1612 0.0057  -0.0444 0  TYR B N   
2   C CA  . TYR A 1  ? 0.7833 0.7861 0.8675 -0.1736 -0.0075 -0.0018 0  TYR B CA  
3   C C   . TYR A 1  ? 0.7878 0.7652 0.7937 -0.2030 0.0080  0.0079  0  TYR B C   
4   O O   . TYR A 1  ? 0.7743 0.7150 0.7529 -0.1722 -0.0066 0.0203  0  TYR B O   
5   C CB  . TYR A 1  ? 0.6090 0.5605 0.6958 -0.1186 -0.0453 0.0190  0  TYR B CB  
6   C CG  . TYR A 1  ? 0.6807 0.6824 0.8539 -0.0890 -0.0610 0.0065  0  TYR B CG  
7   C CD1 . TYR A 1  ? 0.7596 0.7547 0.9486 -0.1024 -0.0635 0.0073  0  TYR B CD1 
8   C CD2 . TYR A 1  ? 0.6318 0.6828 0.8670 -0.0515 -0.0781 -0.0043 0  TYR B CD2 
9   C CE1 . TYR A 1  ? 0.6575 0.7042 0.9268 -0.0777 -0.0784 -0.0038 0  TYR B CE1 
10  C CE2 . TYR A 1  ? 0.6692 0.7637 0.9785 -0.0312 -0.0981 -0.0117 0  TYR B CE2 
11  C CZ  . TYR A 1  ? 0.6551 0.7513 0.9823 -0.0440 -0.0960 -0.0119 0  TYR B CZ  
12  O OH  . TYR A 1  ? 0.4959 0.6241 0.8625 -0.0224 -0.1074 -0.0170 0  TYR B OH  
13  N N   . PRO A 2  ? 0.7990 0.7969 0.7629 -0.2682 0.0362  0.0048  1  PRO B N   
14  C CA  . PRO A 2  ? 0.8116 0.8412 0.7282 -0.2999 0.0599  -0.0016 1  PRO B CA  
15  C C   . PRO A 2  ? 0.9535 0.8682 0.7687 -0.3030 0.0402  0.0394  1  PRO B C   
16  O O   . PRO A 2  ? 1.0258 0.9571 0.8251 -0.2901 0.0469  0.0338  1  PRO B O   
17  C CB  . PRO A 2  ? 0.7703 0.8639 0.6656 -0.3797 0.0931  -0.0128 1  PRO B CB  
18  C CG  . PRO A 2  ? 0.8532 0.9255 0.7776 -0.3878 0.0828  -0.0066 1  PRO B CG  
19  C CD  . PRO A 2  ? 0.8707 0.8538 0.8123 -0.3223 0.0430  0.0138  1  PRO B CD  
20  N N   . GLU A 3  ? 0.9479 0.7440 0.6944 -0.3159 0.0112  0.0768  2  GLU B N   
21  C CA  . GLU A 3  ? 0.9057 0.5877 0.5486 -0.3221 -0.0130 0.1121  2  GLU B CA  
22  C C   . GLU A 3  ? 0.9078 0.5612 0.5722 -0.2450 -0.0377 0.1137  2  GLU B C   
23  O O   . GLU A 3  ? 1.1065 0.7209 0.7164 -0.2387 -0.0426 0.1264  2  GLU B O   
24  C CB  . GLU A 3  ? 1.0135 0.5691 0.5708 -0.3585 -0.0476 0.1465  2  GLU B CB  
25  N N   . ASP A 4  ? 0.7831 0.4642 0.5256 -0.1900 -0.0532 0.1012  3  ASP B N   
26  C CA  . ASP A 4  ? 0.7341 0.4123 0.5006 -0.1261 -0.0749 0.1023  3  ASP B CA  
27  C C   . ASP A 4  ? 0.8774 0.6396 0.6925 -0.1118 -0.0535 0.0807  3  ASP B C   
28  O O   . ASP A 4  ? 0.7703 0.5111 0.5626 -0.0832 -0.0648 0.0889  3  ASP B O   
29  C CB  . ASP A 4  ? 0.6856 0.3829 0.5165 -0.0820 -0.0993 0.0969  3  ASP B CB  
30  C CG  . ASP A 4  ? 0.9928 0.5981 0.7685 -0.0726 -0.1350 0.1137  3  ASP B CG  
31  O OD1 . ASP A 4  ? 1.1345 0.6510 0.8218 -0.0895 -0.1489 0.1303  3  ASP B OD1 
32  O OD2 . ASP A 4  ? 1.0646 0.6917 0.8879 -0.0464 -0.1527 0.1058  3  ASP B OD2 
33  N N   . GLU A 5  ? 0.8996 0.7576 0.7813 -0.1297 -0.0263 0.0491  4  GLU B N   
34  C CA  . GLU A 5  ? 0.7811 0.7200 0.7128 -0.1114 -0.0141 0.0186  4  GLU B CA  
35  C C   . GLU A 5  ? 0.7014 0.6262 0.5607 -0.1372 0.0035  0.0232  4  GLU B C   
36  O O   . GLU A 5  ? 0.6526 0.5813 0.5148 -0.1044 -0.0056 0.0190  4  GLU B O   
37  C CB  . GLU A 5  ? 0.7895 0.8375 0.8028 -0.1248 0.0076  -0.0251 4  GLU B CB  
38  C CG  . GLU A 5  ? 0.7807 0.8699 0.8911 -0.0775 -0.0182 -0.0433 4  GLU B CG  
39  C CD  . GLU A 5  ? 0.7905 0.9902 0.9857 -0.0771 -0.0057 -0.0972 4  GLU B CD  
40  O OE1 . GLU A 5  ? 0.6173 0.8814 0.8279 -0.0728 0.0050  -0.1341 4  GLU B OE1 
41  O OE2 . GLU A 5  ? 0.7472 0.9736 0.9945 -0.0794 -0.0084 -0.1068 4  GLU B OE2 
42  N N   . GLU A 6  ? 0.7844 0.6900 0.5726 -0.2007 0.0255  0.0347  5  GLU B N   
43  C CA  . GLU A 6  ? 0.8959 0.7929 0.6101 -0.2319 0.0410  0.0415  5  GLU B CA  
44  C C   . GLU A 6  ? 0.9772 0.7630 0.6268 -0.1992 0.0108  0.0772  5  GLU B C   
45  O O   . GLU A 6  ? 0.9017 0.6982 0.5382 -0.1806 0.0131  0.0722  5  GLU B O   
46  C CB  . GLU A 6  ? 0.9727 0.8646 0.6111 -0.3180 0.0634  0.0554  5  GLU B CB  
47  C CG  . GLU A 6  ? 1.0524 1.0853 0.7487 -0.3576 0.1008  0.0125  5  GLU B CG  
48  C CD  . GLU A 6  ? 1.3038 1.3278 0.9291 -0.4498 0.1159  0.0338  5  GLU B CD  
49  O OE1 . GLU A 6  ? 1.4445 1.3339 0.9770 -0.4789 0.0891  0.0839  5  GLU B OE1 
50  O OE2 . GLU A 6  ? 1.3076 1.4608 0.9691 -0.4937 0.1498  -0.0014 5  GLU B OE2 
51  N N   . GLU A 7  ? 0.9370 0.6243 0.5544 -0.1838 -0.0214 0.1073  6  GLU B N   
52  C CA  . GLU A 7  ? 0.8999 0.4960 0.4635 -0.1461 -0.0531 0.1330  6  GLU B CA  
53  C C   . GLU A 7  ? 0.9064 0.5515 0.5352 -0.0842 -0.0620 0.1186  6  GLU B C   
54  O O   . GLU A 7  ? 0.9555 0.5822 0.5501 -0.0702 -0.0647 0.1247  6  GLU B O   
55  C CB  . GLU A 7  ? 1.1530 0.6602 0.6872 -0.1317 -0.0898 0.1526  6  GLU B CB  
56  C CG  . GLU A 7  ? 1.1179 0.5712 0.5879 -0.1851 -0.0940 0.1612  6  GLU B CG  
57  C CD  . GLU A 7  ? 1.3274 0.7434 0.7402 -0.1934 -0.1012 0.1650  6  GLU B CD  
58  O OE1 . GLU A 7  ? 1.3262 0.7654 0.7478 -0.1669 -0.0925 0.1613  6  GLU B OE1 
59  O OE2 . GLU A 7  ? 1.5558 0.9160 0.9134 -0.2286 -0.1192 0.1723  6  GLU B OE2 
60  N N   . LEU A 8  ? 0.8359 0.5454 0.5571 -0.0528 -0.0683 0.1002  7  LEU B N   
61  C CA  . LEU A 8  ? 0.8209 0.5681 0.5976 -0.0028 -0.0868 0.0926  7  LEU B CA  
62  C C   . LEU A 8  ? 0.8749 0.6794 0.6725 -0.0025 -0.0700 0.0677  7  LEU B C   
63  O O   . LEU A 8  ? 0.8158 0.6171 0.6186 0.0312  -0.0886 0.0705  7  LEU B O   
64  C CB  . LEU A 8  ? 0.7430 0.5435 0.6074 0.0195  -0.1022 0.0812  7  LEU B CB  
65  C CG  . LEU A 8  ? 0.9214 0.6698 0.7614 0.0318  -0.1260 0.1041  7  LEU B CG  
66  C CD1 . LEU A 8  ? 0.8749 0.6753 0.7900 0.0386  -0.1343 0.0937  7  LEU B CD1 
67  C CD2 . LEU A 8  ? 0.7654 0.5503 0.6218 0.0555  -0.1194 0.0979  7  LEU B CD2 
68  N N   . ILE A 9  ? 0.7701 0.6369 0.5832 -0.0388 -0.0378 0.0392  8  ILE B N   
69  C CA  . ILE A 9  ? 0.6500 0.5848 0.4821 -0.0360 -0.0230 0.0056  8  ILE B CA  
70  C C   . ILE A 9  ? 0.6615 0.5405 0.4058 -0.0460 -0.0180 0.0274  8  ILE B C   
71  O O   . ILE A 9  ? 0.7641 0.6577 0.5164 -0.0164 -0.0271 0.0159  8  ILE B O   
72  C CB  . ILE A 9  ? 0.6085 0.6397 0.4684 -0.0783 0.0133  -0.0343 8  ILE B CB  
73  C CG1 . ILE A 9  ? 0.5947 0.6898 0.5551 -0.0569 0.0031  -0.0648 8  ILE B CG1 
74  C CG2 . ILE A 9  ? 0.6350 0.7392 0.4865 -0.0856 0.0338  -0.0699 8  ILE B CG2 
75  C CD1 . ILE A 9  ? 0.5897 0.7883 0.5830 -0.0943 0.0364  -0.1078 8  ILE B CD1 
76  N N   . ARG A 10 ? 0.7658 0.5785 0.4231 -0.0913 -0.0068 0.0577  9  ARG B N   
77  C CA  . ARG A 10 ? 0.8691 0.6127 0.4309 -0.1077 -0.0068 0.0840  9  ARG B CA  
78  C C   . ARG A 10 ? 0.9630 0.6386 0.5143 -0.0523 -0.0415 0.1061  9  ARG B C   
79  O O   . ARG A 10 ? 1.1668 0.8296 0.6861 -0.0392 -0.0432 0.1088  9  ARG B O   
80  C CB  . ARG A 10 ? 0.9033 0.5703 0.3740 -0.1680 -0.0033 0.1160  9  ARG B CB  
81  C CG  . ARG A 10 ? 1.1289 0.7101 0.4924 -0.1930 -0.0105 0.1468  9  ARG B CG  
82  C CD  . ARG A 10 ? 1.2379 0.7920 0.5486 -0.2639 -0.0055 0.1597  9  ARG B CD  
83  N NE  . ARG A 10 ? 1.3706 0.9530 0.6971 -0.3003 0.0067  0.1576  9  ARG B NE  
84  C CZ  . ARG A 10 ? 1.4295 1.0758 0.7383 -0.3748 0.0361  0.1503  9  ARG B CZ  
85  N NH1 . ARG A 10 ? 1.5097 1.1975 0.7797 -0.4214 0.0532  0.1455  9  ARG B NH1 
86  N NH2 . ARG A 10 ? 1.3089 0.9925 0.6587 -0.3963 0.0444  0.1410  9  ARG B NH2 
87  N N   . LYS A 11 ? 0.8939 0.5438 0.4803 -0.0183 -0.0689 0.1174  10 LYS B N   
88  C CA  . LYS A 11 ? 0.8755 0.5300 0.5047 0.0274  -0.0903 0.1190  10 LYS B CA  
89  C C   . LYS A 11 ? 0.8974 0.5986 0.5738 0.0604  -0.1015 0.1061  10 LYS B C   
90  O O   . LYS A 11 ? 0.8006 0.5280 0.5085 0.0717  -0.0995 0.1002  10 LYS B O   
91  C CB  . LYS A 11 ? 0.8403 0.5291 0.5394 0.0409  -0.0979 0.1123  10 LYS B CB  
92  C CG  . LYS A 11 ? 0.8487 0.5981 0.6136 0.0604  -0.0962 0.1017  10 LYS B CG  
93  C CD  . LYS A 11 ? 0.8721 0.5700 0.5821 0.0577  -0.1006 0.0979  10 LYS B CD  
94  C CE  . LYS A 11 ? 0.9427 0.6556 0.6680 0.0750  -0.1097 0.0806  10 LYS B CE  
95  N NZ  . LYS A 11 ? 1.0685 0.7294 0.7423 0.0781  -0.1185 0.0725  10 LYS B NZ  
96  N N   . ALA A 12 ? 0.8499 0.6048 0.5823 0.0676  -0.1051 0.0844  11 ALA B N   
97  C CA  . ALA A 12 ? 0.7951 0.5993 0.5917 0.1014  -0.1267 0.0632  11 ALA B CA  
98  C C   . ALA A 12 ? 0.9034 0.7292 0.6786 0.0994  -0.1111 0.0404  11 ALA B C   
99  O O   . ALA A 12 ? 0.8996 0.7242 0.6875 0.1311  -0.1366 0.0370  11 ALA B O   
100 C CB  . ALA A 12 ? 0.5182 0.3925 0.4079 0.1061  -0.1341 0.0325  11 ALA B CB  
101 N N   . ILE A 13 ? 0.9726 0.8218 0.7116 0.0586  -0.0716 0.0255  12 ILE B N   
102 C CA  . ILE A 13 ? 0.8096 0.6865 0.5143 0.0488  -0.0522 0.0056  12 ILE B CA  
103 C C   . ILE A 13 ? 0.9799 0.7715 0.6090 0.0609  -0.0653 0.0430  12 ILE B C   
104 O O   . ILE A 13 ? 0.9626 0.7649 0.5940 0.0866  -0.0761 0.0307  12 ILE B O   
105 C CB  . ILE A 13 ? 0.7928 0.7135 0.4583 -0.0124 -0.0077 -0.0075 12 ILE B CB  
106 C CG1 . ILE A 13 ? 0.8249 0.8710 0.5745 -0.0151 0.0078  -0.0665 12 ILE B CG1 
107 C CG2 . ILE A 13 ? 0.7842 0.6912 0.3662 -0.0409 0.0122  0.0004  12 ILE B CG2 
108 C CD1 . ILE A 13 ? 0.7904 0.8917 0.5086 -0.0837 0.0501  -0.0755 12 ILE B CD1 
109 N N   . GLU A 14 ? 1.0076 0.7120 0.5700 0.0465  -0.0698 0.0857  13 GLU B N   
110 C CA  . GLU A 14 ? 1.0253 0.6868 0.5738 0.0581  -0.0794 0.1048  13 GLU B CA  
111 C C   . GLU A 14 ? 0.9937 0.7068 0.6422 0.0903  -0.0956 0.0907  13 GLU B C   
112 O O   . GLU A 14 ? 1.0469 0.7675 0.7007 0.0997  -0.0970 0.0846  13 GLU B O   
113 C CB  . GLU A 14 ? 1.0976 0.7408 0.6634 0.0387  -0.0757 0.1146  13 GLU B CB  
114 C CG  . GLU A 14 ? 1.0770 0.7369 0.6885 0.0497  -0.0795 0.1092  13 GLU B CG  
115 C CD  . GLU A 14 ? 1.2996 0.9311 0.9084 0.0485  -0.0895 0.1038  13 GLU B CD  
116 O OE1 . GLU A 14 ? 1.4127 1.0481 1.0403 0.0667  -0.1008 0.0869  13 GLU B OE1 
117 O OE2 . GLU A 14 ? 1.3238 0.9287 0.9035 0.0274  -0.0874 0.1155  13 GLU B OE2 
118 N N   . LEU A 15 ? 0.8509 0.6067 0.5753 0.0948  -0.1028 0.0858  14 LEU B N   
119 C CA  . LEU A 15 ? 0.8801 0.6807 0.6722 0.1002  -0.1082 0.0752  14 LEU B CA  
120 C C   . LEU A 15 ? 0.8609 0.6790 0.6708 0.1150  -0.1199 0.0635  14 LEU B C   
121 O O   . LEU A 15 ? 0.7791 0.5912 0.5926 0.1187  -0.1277 0.0532  14 LEU B O   
122 C CB  . LEU A 15 ? 0.9056 0.7303 0.7397 0.0979  -0.1149 0.0708  14 LEU B CB  
123 C CG  . LEU A 15 ? 0.8985 0.7124 0.7223 0.0900  -0.1110 0.0738  14 LEU B CG  
124 C CD1 . LEU A 15 ? 0.7747 0.6208 0.6411 0.0873  -0.1175 0.0710  14 LEU B CD1 
125 C CD2 . LEU A 15 ? 0.8872 0.6817 0.6862 0.0918  -0.1129 0.0677  14 LEU B CD2 
126 N N   . SER A 16 ? 0.9122 0.7133 0.6877 0.1425  -0.1402 0.0467  15 SER B N   
127 C CA  . SER A 16 ? 0.9102 0.7359 0.7119 0.1714  -0.1641 0.0156  15 SER B CA  
128 C C   . SER A 16 ? 0.9105 0.7135 0.6541 0.1851  -0.1622 0.0125  15 SER B C   
129 O O   . SER A 16 ? 1.0599 0.8910 0.8241 0.2153  -0.1846 -0.0216 15 SER B O   
130 C CB  . SER A 16 ? 0.8149 0.6973 0.6507 0.1975  -0.1815 -0.0284 15 SER B CB  
131 O OG  . SER A 16 ? 0.8330 0.7565 0.6320 0.1632  -0.1303 -0.0506 15 SER B OG  
132 N N   . LEU A 17 ? 1.0145 0.7779 0.7030 0.1605  -0.1361 0.0404  16 LEU B N   
133 C CA  . LEU A 17 ? 1.0873 0.8280 0.7196 0.1653  -0.1291 0.0408  16 LEU B CA  
134 C C   . LEU A 17 ? 1.1010 0.8459 0.7803 0.1387  -0.1138 0.0543  16 LEU B C   
135 O O   . LEU A 17 ? 1.1409 0.8989 0.8656 0.1321  -0.1181 0.0500  16 LEU B O   
136 C CB  . LEU A 17 ? 1.0691 0.7814 0.5816 0.1422  -0.1040 0.0524  16 LEU B CB  
137 C CG  . LEU A 17 ? 0.9275 0.7375 0.4756 0.1160  -0.0735 0.0050  16 LEU B CG  
138 C CD1 . LEU A 17 ? 0.9086 0.7102 0.3869 0.0511  -0.0325 0.0216  16 LEU B CD1 
139 C CD2 . LEU A 17 ? 0.7590 0.6468 0.3311 0.1322  -0.0695 -0.0452 16 LEU B CD2 
140 N N   . MET B 8  ? 1.6520 1.1920 1.3714 0.0636  -0.4449 -0.2975 1  MET C N   
141 C CA  . MET B 8  ? 1.4418 1.0320 1.2358 0.0548  -0.4120 -0.2892 1  MET C CA  
142 C C   . MET B 8  ? 1.3516 1.0197 1.2170 0.0638  -0.4141 -0.2797 1  MET C C   
143 O O   . MET B 8  ? 1.4498 1.1024 1.2633 0.0923  -0.4068 -0.2701 1  MET C O   
144 C CB  . MET B 8  ? 1.4216 0.9592 1.1421 0.0778  -0.3657 -0.2815 1  MET C CB  
145 C CG  . MET B 8  ? 1.4896 1.0618 1.2788 0.0608  -0.3299 -0.2761 1  MET C CG  
146 S SD  . MET B 8  ? 1.5622 1.1033 1.2716 0.0931  -0.2598 -0.2482 1  MET C SD  
147 C CE  . MET B 8  ? 1.3999 1.0555 1.2227 0.0732  -0.2099 -0.2141 1  MET C CE  
148 N N   . GLN B 9  ? 1.2146 0.9657 1.1923 0.0410  -0.4215 -0.2794 2  GLN C N   
149 C CA  . GLN B 9  ? 1.0713 0.8906 1.1118 0.0563  -0.4200 -0.2719 2  GLN C CA  
150 C C   . GLN B 9  ? 1.0120 0.8734 1.1126 0.0431  -0.3729 -0.2615 2  GLN C C   
151 O O   . GLN B 9  ? 1.0127 0.9083 1.1775 0.0119  -0.3610 -0.2622 2  GLN C O   
152 C CB  . GLN B 9  ? 0.8993 0.7991 1.0219 0.0508  -0.4535 -0.2728 2  GLN C CB  
153 N N   . ILE B 10 ? 0.9404 0.7993 1.0139 0.0629  -0.3376 -0.2421 3  ILE C N   
154 C CA  . ILE B 10 ? 0.8539 0.7675 0.9884 0.0490  -0.2869 -0.2237 3  ILE C CA  
155 C C   . ILE B 10 ? 0.7482 0.7101 0.9308 0.0648  -0.2929 -0.2218 3  ILE C C   
156 O O   . ILE B 10 ? 0.7687 0.7098 0.9205 0.0931  -0.3296 -0.2289 3  ILE C O   
157 C CB  . ILE B 10 ? 0.8146 0.6932 0.8774 0.0497  -0.2348 -0.1978 3  ILE C CB  
158 C CG1 . ILE B 10 ? 0.8269 0.6479 0.7852 0.0744  -0.2417 -0.1863 3  ILE C CG1 
159 C CG2 . ILE B 10 ? 0.9242 0.7706 0.9550 0.0414  -0.2166 -0.1965 3  ILE C CG2 
160 C CD1 . ILE B 10 ? 0.7927 0.6189 0.7085 0.0643  -0.1894 -0.1515 3  ILE C CD1 
161 N N   . PHE B 11 ? 0.5289 0.5536 0.7837 0.0495  -0.2558 -0.2119 4  PHE C N   
162 C CA  . PHE B 11 ? 0.6314 0.6978 0.9277 0.0679  -0.2540 -0.2118 4  PHE C CA  
163 C C   . PHE B 11 ? 0.6644 0.7068 0.9186 0.0588  -0.2043 -0.1908 4  PHE C C   
164 O O   . PHE B 11 ? 0.7336 0.7949 0.9994 0.0283  -0.1639 -0.1757 4  PHE C O   
165 C CB  . PHE B 11 ? 0.4177 0.5948 0.8417 0.0570  -0.2583 -0.2204 4  PHE C CB  
166 C CG  . PHE B 11 ? 0.5456 0.7518 1.0011 0.0528  -0.3005 -0.2304 4  PHE C CG  
167 C CD1 . PHE B 11 ? 0.6025 0.8310 1.0632 0.0852  -0.3372 -0.2363 4  PHE C CD1 
168 C CD2 . PHE B 11 ? 0.6133 0.8064 1.0667 0.0167  -0.2961 -0.2260 4  PHE C CD2 
169 C CE1 . PHE B 11 ? 0.6682 0.9219 1.1406 0.0729  -0.3664 -0.2353 4  PHE C CE1 
170 C CE2 . PHE B 11 ? 0.6160 0.8202 1.0738 0.0045  -0.3299 -0.2284 4  PHE C CE2 
171 C CZ  . PHE B 11 ? 0.6871 0.9278 1.1567 0.0286  -0.3645 -0.2319 4  PHE C CZ  
172 N N   . VAL B 12 ? 0.7042 0.7009 0.9019 0.0839  -0.2092 -0.1875 5  VAL C N   
173 C CA  . VAL B 12 ? 0.6889 0.6519 0.8314 0.0688  -0.1691 -0.1668 5  VAL C CA  
174 C C   . VAL B 12 ? 0.5019 0.4865 0.6820 0.0893  -0.1660 -0.1768 5  VAL C C   
175 O O   . VAL B 12 ? 0.6632 0.6210 0.8278 0.1330  -0.2010 -0.1905 5  VAL C O   
176 C CB  . VAL B 12 ? 0.7630 0.6268 0.7730 0.0736  -0.1771 -0.1496 5  VAL C CB  
177 C CG1 . VAL B 12 ? 0.7166 0.5522 0.6640 0.0412  -0.1351 -0.1215 5  VAL C CG1 
178 C CG2 . VAL B 12 ? 0.7284 0.5797 0.7035 0.0670  -0.1846 -0.1446 5  VAL C CG2 
179 N N   . GLN B 13 ? 0.6643 0.7260 0.3701 -0.0025 -0.2527 0.0244  6  GLN C N   
180 C CA  . GLN B 13 ? 0.7092 0.8447 0.5404 -0.0017 -0.2565 0.0273  6  GLN C CA  
181 C C   . GLN B 13 ? 0.7520 0.8657 0.5147 -0.0032 -0.1936 0.0204  6  GLN C C   
182 O O   . GLN B 13 ? 0.6703 0.8310 0.3985 -0.0105 -0.1149 -0.0014 6  GLN C O   
183 C CB  . GLN B 13 ? 0.5672 0.8371 0.5265 -0.0017 -0.1992 0.0085  6  GLN C CB  
184 C CG  . GLN B 13 ? 0.6202 0.9866 0.7751 0.0146  -0.1785 0.0109  6  GLN C CG  
185 C CD  . GLN B 13 ? 0.8519 1.1848 1.1122 0.0263  -0.2589 0.0399  6  GLN C CD  
186 O OE1 . GLN B 13 ? 1.0677 1.3321 1.2908 0.0319  -0.2819 0.0478  6  GLN C OE1 
187 N NE2 . GLN B 13 ? 0.8497 1.2136 1.2170 0.0303  -0.2711 0.0502  6  GLN C NE2 
188 N N   . THR B 14 ? 0.7710 0.8068 0.5146 0.0026  -0.2332 0.0408  7  THR C N   
189 C CA  . THR B 14 ? 0.7215 0.7274 0.4085 -0.0013 -0.1811 0.0403  7  THR C CA  
190 C C   . THR B 14 ? 0.6416 0.7371 0.4882 0.0095  -0.1422 0.0243  7  THR C C   
191 O O   . THR B 14 ? 0.7291 0.8441 0.7010 0.0257  -0.1861 0.0329  7  THR C O   
192 C CB  . THR B 14 ? 0.8871 0.7571 0.4664 0.0007  -0.2396 0.0724  7  THR C CB  
193 O OG1 . THR B 14 ? 0.8834 0.7554 0.5928 0.0146  -0.2988 0.0841  7  THR C OG1 
194 C CG2 . THR B 14 ? 0.9791 0.7581 0.4345 0.0019  -0.2868 0.0844  7  THR C CG2 
195 N N   . ILE B 15 ? 0.5380 0.6838 0.3790 0.0035  -0.0630 0.0002  8  ILE C N   
196 C CA  . ILE B 15 ? 0.5715 0.7773 0.5219 0.0161  -0.0209 -0.0209 8  ILE C CA  
197 C C   . ILE B 15 ? 0.7156 0.8472 0.5965 0.0054  -0.0063 -0.0117 8  ILE C C   
198 O O   . ILE B 15 ? 0.7071 0.8156 0.4901 -0.0143 0.0359  -0.0118 8  ILE C O   
199 C CB  . ILE B 15 ? 0.4388 0.7447 0.4287 0.0178  0.0477  -0.0562 8  ILE C CB  
200 C CG1 . ILE B 15 ? 0.4876 0.8610 0.5389 0.0249  0.0358  -0.0577 8  ILE C CG1 
201 C CG2 . ILE B 15 ? 0.2876 0.6460 0.3733 0.0383  0.0894  -0.0850 8  ILE C CG2 
202 C CD1 . ILE B 15 ? 0.5465 0.9196 0.5819 0.0160  0.0750  -0.0730 8  ILE C CD1 
203 N N   . THR B 16 ? 0.6172 0.7120 0.5578 0.0183  -0.0400 -0.0009 9  THR C N   
204 C CA  . THR B 16 ? 0.6474 0.6584 0.5301 0.0072  -0.0391 0.0167  9  THR C CA  
205 C C   . THR B 16 ? 0.6231 0.6702 0.6087 0.0207  -0.0118 -0.0096 9  THR C C   
206 O O   . THR B 16 ? 0.5619 0.6533 0.6633 0.0494  -0.0278 -0.0256 9  THR C O   
207 C CB  . THR B 16 ? 0.8010 0.7080 0.6401 0.0105  -0.1156 0.0561  9  THR C CB  
208 O OG1 . THR B 16 ? 0.9547 0.8163 0.6869 0.0036  -0.1497 0.0754  9  THR C OG1 
209 C CG2 . THR B 16 ? 0.9368 0.7471 0.7041 -0.0026 -0.1138 0.0826  9  THR C CG2 
210 N N   . VAL B 17 ? 0.6579 0.6809 0.6037 0.0024  0.0275  -0.0129 10 VAL C N   
211 C CA  . VAL B 17 ? 0.6082 0.6533 0.6365 0.0136  0.0491  -0.0427 10 VAL C CA  
212 C C   . VAL B 17 ? 0.7125 0.6618 0.7257 0.0035  0.0214  -0.0143 10 VAL C C   
213 O O   . VAL B 17 ? 0.7555 0.6419 0.6784 -0.0260 0.0323  0.0201  10 VAL C O   
214 C CB  . VAL B 17 ? 0.6956 0.7931 0.7137 -0.0004 0.1090  -0.0725 10 VAL C CB  
215 C CG1 . VAL B 17 ? 0.5254 0.6561 0.6342 0.0240  0.1209  -0.1167 10 VAL C CG1 
216 C CG2 . VAL B 17 ? 0.6728 0.8413 0.6658 -0.0008 0.1342  -0.0859 10 VAL C CG2 
217 N N   . MET B 18 ? 0.5198 0.5372 0.9388 0.0893  -0.1545 0.0882  11 MET C N   
218 C CA  . MET B 18 ? 0.6565 0.5894 0.9461 0.0558  -0.1023 0.0432  11 MET C CA  
219 C C   . MET B 18 ? 0.6896 0.6489 0.9480 0.0531  -0.0458 0.0550  11 MET C C   
220 O O   . MET B 18 ? 0.6944 0.6730 1.0207 0.0858  -0.0496 0.1174  11 MET C O   
221 C CB  . MET B 18 ? 0.7001 0.4953 0.9642 0.0603  -0.1313 0.0601  11 MET C CB  
222 C CG  . MET B 18 ? 0.8460 0.5428 0.9913 0.0303  -0.0859 0.0314  11 MET C CG  
223 S SD  . MET B 18 ? 1.0808 0.6359 1.2407 0.0510  -0.1253 0.0840  11 MET C SD  
224 C CE  . MET B 18 ? 1.0540 0.7074 1.3451 0.0971  -0.1419 0.1662  11 MET C CE  
225 N N   . ARG B 19 ? 0.8107 0.7663 0.9618 0.0148  0.0052  -0.0047 12 ARG C N   
226 C CA  . ARG B 19 ? 0.7218 0.7001 0.8266 0.0112  0.0565  -0.0078 12 ARG C CA  
227 C C   . ARG B 19 ? 0.7883 0.6358 0.7975 -0.0016 0.0803  -0.0186 12 ARG C C   
228 O O   . ARG B 19 ? 0.8480 0.6104 0.7741 -0.0382 0.0816  -0.0599 12 ARG C O   
229 C CB  . ARG B 19 ? 0.8607 0.9193 0.9133 -0.0243 0.0891  -0.0646 12 ARG C CB  
230 C CG  . ARG B 19 ? 0.9976 1.0596 0.9751 -0.0355 0.1393  -0.0829 12 ARG C CG  
231 C CD  . ARG B 19 ? 1.0063 1.1103 0.9090 -0.0856 0.1652  -0.1475 12 ARG C CD  
232 N NE  . ARG B 19 ? 1.0539 1.2015 0.9136 -0.0887 0.2021  -0.1598 12 ARG C NE  
233 C CZ  . ARG B 19 ? 1.0012 1.2593 0.9289 -0.0588 0.2044  -0.1314 12 ARG C CZ  
234 N NH1 . ARG B 19 ? 1.0518 1.3877 1.1009 -0.0266 0.1689  -0.0854 12 ARG C NH1 
235 N NH2 . ARG B 19 ? 0.7517 1.0392 0.6234 -0.0623 0.2381  -0.1487 12 ARG C NH2 
236 N N   . ILE B 20 ? 0.7686 0.6009 0.7947 0.0317  0.0957  0.0226  13 ILE C N   
237 C CA  . ILE B 20 ? 0.8754 0.5836 0.8168 0.0267  0.1156  0.0141  13 ILE C CA  
238 C C   . ILE B 20 ? 0.9397 0.6704 0.8187 0.0314  0.1640  -0.0056 13 ILE C C   
239 O O   . ILE B 20 ? 0.8808 0.7258 0.8000 0.0498  0.1800  0.0043  13 ILE C O   
240 C CB  . ILE B 20 ? 0.9969 0.6443 1.0072 0.0686  0.0863  0.0799  13 ILE C CB  
241 C CG1 . ILE B 20 ? 0.9368 0.6894 1.0524 0.1217  0.0900  0.1450  13 ILE C CG1 
242 C CG2 . ILE B 20 ? 1.0539 0.6589 1.1145 0.0634  0.0306  0.0964  13 ILE C CG2 
243 C CD1 . ILE B 20 ? 0.7766 0.5021 0.9907 0.1645  0.0552  0.2239  13 ILE C CD1 
244 N N   . ALA B 21 ? 1.0920 0.7069 0.8676 0.0154  0.1838  -0.0345 14 ALA C N   
245 C CA  . ALA B 21 ? 1.1769 0.7850 0.8827 0.0270  0.2231  -0.0551 14 ALA C CA  
246 C C   . ALA B 21 ? 1.2013 0.7272 0.9114 0.0726  0.2246  -0.0180 14 ALA C C   
247 O O   . ALA B 21 ? 1.2385 0.6721 0.9596 0.0711  0.1981  0.0023  14 ALA C O   
248 C CB  . ALA B 21 ? 1.2712 0.8114 0.8435 -0.0334 0.2419  -0.1268 14 ALA C CB  
249 N N   . LEU B 22 ? 1.1266 0.6912 0.8311 0.1173  0.2541  -0.0072 15 LEU C N   
250 C CA  . LEU B 22 ? 1.2921 0.8004 1.0135 0.1711  0.2582  0.0322  15 LEU C CA  
251 C C   . LEU B 22 ? 1.3399 0.7976 0.9522 0.1891  0.2943  -0.0100 15 LEU C C   
252 O O   . LEU B 22 ? 1.3329 0.8645 0.9078 0.1903  0.3203  -0.0395 15 LEU C O   
253 C CB  . LEU B 22 ? 1.2709 0.9032 1.1347 0.2308  0.2520  0.1129  15 LEU C CB  
254 C CG  . LEU B 22 ? 1.1224 0.7686 1.1096 0.2376  0.2058  0.1778  15 LEU C CG  
255 C CD1 . LEU B 22 ? 0.9590 0.7428 1.0778 0.2948  0.2055  0.2585  15 LEU C CD1 
256 C CD2 . LEU B 22 ? 1.0815 0.5821 1.0465 0.2387  0.1847  0.1886  15 LEU C CD2 
257 N N   . GLU B 23 ? 1.2303 0.9519 0.7775 0.2254  0.0699  0.0076  16 GLU C N   
258 C CA  . GLU B 23 ? 1.4066 0.9354 0.7704 0.2379  0.0934  0.0081  16 GLU C CA  
259 C C   . GLU B 23 ? 1.3626 0.9026 0.6809 0.3110  0.0978  0.0080  16 GLU C C   
260 O O   . GLU B 23 ? 1.3729 0.9745 0.6937 0.3976  0.1132  0.0158  16 GLU C O   
261 C CB  . GLU B 23 ? 1.5362 0.9348 0.7755 0.2737  0.1322  0.0173  16 GLU C CB  
262 N N   . VAL B 24 ? 1.3909 0.8833 0.6738 0.2740  0.0832  -0.0006 17 VAL C N   
263 C CA  . VAL B 24 ? 1.3308 0.8641 0.6006 0.3277  0.0825  -0.0035 17 VAL C CA  
264 C C   . VAL B 24 ? 1.5251 0.8718 0.6261 0.3166  0.0995  -0.0100 17 VAL C C   
265 O O   . VAL B 24 ? 1.5946 0.8006 0.6098 0.2507  0.1022  -0.0134 17 VAL C O   
266 C CB  . VAL B 24 ? 1.1171 0.8215 0.5462 0.2868  0.0399  -0.0093 17 VAL C CB  
267 C CG1 . VAL B 24 ? 0.9352 0.8143 0.5234 0.2959  0.0260  -0.0047 17 VAL C CG1 
268 C CG2 . VAL B 24 ? 1.1157 0.7771 0.5625 0.1804  0.0077  -0.0158 17 VAL C CG2 
269 N N   . GLU B 25 ? 1.5824 0.9325 0.6353 0.3796  0.1125  -0.0128 18 GLU C N   
270 C CA  . GLU B 25 ? 1.7807 0.9914 0.6970 0.3724  0.1256  -0.0223 18 GLU C CA  
271 C C   . GLU B 25 ? 1.6676 0.9930 0.6762 0.3331  0.0901  -0.0309 18 GLU C C   
272 O O   . GLU B 25 ? 1.4926 1.0011 0.6413 0.3577  0.0715  -0.0281 18 GLU C O   
273 C CB  . GLU B 25 ? 1.7960 0.9192 0.5804 0.4840  0.1745  -0.0183 18 GLU C CB  
274 N N   . PRO B 26 ? 1.6848 0.9025 0.6129 0.2659  0.0789  -0.0408 19 PRO C N   
275 C CA  . PRO B 26 ? 1.5815 0.8902 0.5727 0.2358  0.0487  -0.0478 19 PRO C CA  
276 C C   . PRO B 26 ? 1.6120 1.0142 0.6200 0.3297  0.0706  -0.0485 19 PRO C C   
277 O O   . PRO B 26 ? 1.4197 0.9504 0.5217 0.3155  0.0446  -0.0516 19 PRO C O   
278 C CB  . PRO B 26 ? 1.8000 0.9240 0.6355 0.1742  0.0513  -0.0584 19 PRO C CB  
279 C CG  . PRO B 26 ? 1.8425 0.8155 0.5862 0.1319  0.0634  -0.0564 19 PRO C CG  
280 C CD  . PRO B 26 ? 1.8223 0.8210 0.5823 0.2165  0.0958  -0.0462 19 PRO C CD  
281 N N   . SER B 27 ? 1.7967 1.1370 0.7125 0.4259  0.1183  -0.0446 20 SER C N   
282 C CA  . SER B 27 ? 1.8122 1.2457 0.7665 0.5041  0.1360  -0.0391 20 SER C CA  
283 C C   . SER B 27 ? 1.4923 1.1325 0.6072 0.5497  0.1226  -0.0263 20 SER C C   
284 O O   . SER B 27 ? 1.4746 1.2217 0.6563 0.5938  0.1232  -0.0148 20 SER C O   
285 C CB  . SER B 27 ? 1.9840 1.2843 0.8366 0.5620  0.1742  -0.0235 20 SER C CB  
286 O OG  . SER B 27 ? 2.0020 1.4297 0.9362 0.6387  0.1795  -0.0020 20 SER C OG  
287 N N   . ASP B 28 ? 1.5045 1.1999 0.6782 0.5318  0.1085  -0.0266 21 ASP C N   
288 C CA  . ASP B 28 ? 1.3841 1.2731 0.7150 0.5600  0.0917  -0.0140 21 ASP C CA  
289 C C   . ASP B 28 ? 1.2883 1.3425 0.7346 0.5359  0.0634  -0.0234 21 ASP C C   
290 O O   . ASP B 28 ? 1.0379 1.0878 0.5180 0.4549  0.0315  -0.0315 21 ASP C O   
291 C CB  . ASP B 28 ? 1.2885 1.1950 0.6759 0.5252  0.0792  -0.0119 21 ASP C CB  
292 C CG  . ASP B 28 ? 1.5515 1.3157 0.8237 0.5632  0.1125  -0.0032 21 ASP C CG  
293 O OD1 . ASP B 28 ? 1.6066 1.3635 0.8576 0.6184  0.1234  0.0221  21 ASP C OD1 
294 O OD2 . ASP B 28 ? 1.6226 1.3028 0.8802 0.4988  0.1043  -0.0037 21 ASP C OD2 
295 N N   . THR B 29 ? 1.3370 1.5251 0.8756 0.5593  0.0497  -0.0036 22 THR C N   
296 C CA  . THR B 29 ? 1.1535 1.4902 0.7969 0.5211  0.0204  -0.0098 22 THR C CA  
297 C C   . THR B 29 ? 0.9579 1.3790 0.7078 0.4593  -0.0010 -0.0157 22 THR C C   
298 O O   . THR B 29 ? 0.9732 1.3655 0.7301 0.4578  0.0037  -0.0100 22 THR C O   
299 C CB  . THR B 29 ? 1.0067 1.4146 0.6579 0.5323  0.0172  0.0064  22 THR C CB  
300 O OG1 . THR B 29 ? 0.9723 1.4088 0.6342 0.5270  0.0186  0.0189  22 THR C OG1 
301 C CG2 . THR B 29 ? 0.8927 1.2153 0.4582 0.5913  0.0419  0.0150  22 THR C CG2 
302 N N   . ILE B 30 ? 0.7925 0.7429 1.1366 0.1616  0.1380  0.0070  23 ILE C N   
303 C CA  . ILE B 30 ? 0.7242 0.6582 1.0265 0.1120  0.1304  0.0076  23 ILE C CA  
304 C C   . ILE B 30 ? 0.7120 0.6724 1.0146 0.1047  0.0880  0.0264  23 ILE C C   
305 O O   . ILE B 30 ? 0.7818 0.6892 1.0239 0.0836  0.0711  0.0336  23 ILE C O   
306 C CB  . ILE B 30 ? 0.6594 0.6389 0.9858 0.0821  0.1534  -0.0066 23 ILE C CB  
307 C CG1 . ILE B 30 ? 0.7016 0.6523 1.0068 0.0847  0.1904  -0.0253 23 ILE C CG1 
308 C CG2 . ILE B 30 ? 0.6413 0.5967 0.9166 0.0379  0.1398  -0.0058 23 ILE C CG2 
309 C CD1 . ILE B 30 ? 0.9267 0.8057 1.1453 0.0669  0.1908  -0.0295 23 ILE C CD1 
310 N N   . GLU B 31 ? 0.6910 0.7447 1.0619 0.1216  0.0704  0.0332  24 GLU C N   
311 C CA  . GLU B 31 ? 0.8151 0.9102 1.1925 0.1224  0.0284  0.0498  24 GLU C CA  
312 C C   . GLU B 31 ? 0.8959 0.9068 1.2105 0.1472  0.0070  0.0653  24 GLU C C   
313 O O   . GLU B 31 ? 0.9439 0.9349 1.2182 0.1252  -0.0191 0.0756  24 GLU C O   
314 C CB  . GLU B 31 ? 0.7616 0.9783 1.2221 0.1557  0.0146  0.0533  24 GLU C CB  
315 C CG  . GLU B 31 ? 0.8610 1.1460 1.3345 0.1513  -0.0291 0.0668  24 GLU C CG  
316 C CD  . GLU B 31 ? 1.0685 1.4641 1.6051 0.2079  -0.0504 0.0731  24 GLU C CD  
317 O OE1 . GLU B 31 ? 1.1732 1.5463 1.6826 0.2555  -0.0794 0.0876  24 GLU C OE1 
318 O OE2 . GLU B 31 ? 1.0585 1.5691 1.6682 0.2061  -0.0394 0.0637  24 GLU C OE2 
319 N N   . ASN B 32 ? 0.9002 0.8552 1.1993 0.1917  0.0182  0.0669  25 ASN C N   
320 C CA  . ASN B 32 ? 0.8921 0.7481 1.1179 0.2128  0.0013  0.0831  25 ASN C CA  
321 C C   . ASN B 32 ? 0.9213 0.6976 1.0715 0.1635  0.0079  0.0826  25 ASN C C   
322 O O   . ASN B 32 ? 1.0206 0.7535 1.1165 0.1569  -0.0177 0.0993  25 ASN C O   
323 C CB  . ASN B 32 ? 0.9385 0.7275 1.1468 0.2594  0.0187  0.0804  25 ASN C CB  
324 C CG  . ASN B 32 ? 1.1665 1.0334 1.4403 0.3201  0.0094  0.0806  25 ASN C CG  
325 O OD1 . ASN B 32 ? 1.2656 1.2478 1.6007 0.3250  -0.0113 0.0840  25 ASN C OD1 
326 N ND2 . ASN B 32 ? 1.2282 1.0391 1.4876 0.3666  0.0243  0.0751  25 ASN C ND2 
327 N N   . VAL B 33 ? 0.8871 0.6481 1.0293 0.1323  0.0422  0.0630  26 VAL C N   
328 C CA  . VAL B 33 ? 0.9786 0.6786 1.0472 0.0910  0.0500  0.0594  26 VAL C CA  
329 C C   . VAL B 33 ? 0.9062 0.6383 0.9627 0.0608  0.0230  0.0656  26 VAL C C   
330 O O   . VAL B 33 ? 0.9141 0.6001 0.9066 0.0443  0.0067  0.0760  26 VAL C O   
331 C CB  . VAL B 33 ? 0.9431 0.6368 1.0078 0.0721  0.0919  0.0341  26 VAL C CB  
332 C CG1 . VAL B 33 ? 0.9912 0.6583 0.9903 0.0318  0.0987  0.0254  26 VAL C CG1 
333 C CG2 . VAL B 33 ? 0.9492 0.5849 0.9972 0.0944  0.1145  0.0289  26 VAL C CG2 
334 N N   . LYS B 34 ? 0.8302 0.6407 0.9437 0.0513  0.0167  0.0598  27 LYS C N   
335 C CA  . LYS B 34 ? 0.8158 0.6500 0.9123 0.0193  -0.0099 0.0632  27 LYS C CA  
336 C C   . LYS B 34 ? 0.8903 0.7269 0.9738 0.0354  -0.0507 0.0858  27 LYS C C   
337 O O   . LYS B 34 ? 0.9087 0.7277 0.9446 0.0125  -0.0726 0.0915  27 LYS C O   
338 C CB  . LYS B 34 ? 0.7387 0.6515 0.8947 0.0004  -0.0088 0.0532  27 LYS C CB  
339 C CG  . LYS B 34 ? 0.6172 0.5141 0.7614 -0.0232 0.0260  0.0324  27 LYS C CG  
340 C CD  . LYS B 34 ? 0.5467 0.5169 0.7522 -0.0401 0.0309  0.0262  27 LYS C CD  
341 C CE  . LYS B 34 ? 0.5850 0.5249 0.7669 -0.0580 0.0674  0.0072  27 LYS C CE  
342 N NZ  . LYS B 34 ? 0.5847 0.5782 0.8051 -0.0881 0.0729  0.0022  27 LYS C NZ  
343 N N   . ALA B 35 ? 0.8489 0.7073 0.9694 0.0801  -0.0619 0.0983  28 ALA C N   
344 C CA  . ALA B 35 ? 0.8816 0.7326 0.9788 0.1063  -0.0997 0.1210  28 ALA C CA  
345 C C   . ALA B 35 ? 0.9833 0.7238 0.9880 0.1025  -0.0999 0.1336  28 ALA C C   
346 O O   . ALA B 35 ? 0.9181 0.6422 0.8788 0.0973  -0.1293 0.1495  28 ALA C O   
347 C CB  . ALA B 35 ? 0.8149 0.7082 0.9615 0.1662  -0.1098 0.1296  28 ALA C CB  
348 N N   . LYS B 36 ? 1.0584 0.7262 1.0305 0.1023  -0.0675 0.1268  29 LYS C N   
349 C CA  . LYS B 36 ? 1.1090 0.6796 0.9893 0.0851  -0.0645 0.1370  29 LYS C CA  
350 C C   . LYS B 36 ? 1.1022 0.6808 0.9422 0.0364  -0.0661 0.1297  29 LYS C C   
351 O O   . LYS B 36 ? 1.2785 0.8116 1.0497 0.0222  -0.0816 0.1444  29 LYS C O   
352 C CB  . LYS B 36 ? 1.0611 0.5621 0.9155 0.0865  -0.0276 0.1269  29 LYS C CB  
353 N N   . ILE B 37 ? 0.9253 0.5582 0.8000 0.0133  -0.0520 0.1077  30 ILE C N   
354 C CA  . ILE B 37 ? 0.9733 0.6048 0.7979 -0.0242 -0.0535 0.0981  30 ILE C CA  
355 C C   . ILE B 37 ? 0.9789 0.6410 0.7985 -0.0295 -0.0949 0.1109  30 ILE C C   
356 O O   . ILE B 37 ? 1.0292 0.6700 0.7861 -0.0497 -0.1080 0.1142  30 ILE C O   
357 C CB  . ILE B 37 ? 0.7675 0.4296 0.6137 -0.0413 -0.0257 0.0705  30 ILE C CB  
358 C CG1 . ILE B 37 ? 0.7695 0.4019 0.6057 -0.0383 0.0153  0.0561  30 ILE C CG1 
359 C CG2 . ILE B 37 ? 0.8405 0.5031 0.6323 -0.0698 -0.0334 0.0592  30 ILE C CG2 
360 C CD1 . ILE B 37 ? 0.7194 0.3845 0.5884 -0.0417 0.0453  0.0309  30 ILE C CD1 
361 N N   . GLN B 38 ? 0.9370 0.6586 0.8226 -0.0113 -0.1164 0.1170  31 GLN C N   
362 C CA  . GLN B 38 ? 0.9162 0.6778 0.8024 -0.0144 -0.1580 0.1286  31 GLN C CA  
363 C C   . GLN B 38 ? 1.0215 0.7360 0.8536 0.0062  -0.1811 0.1546  31 GLN C C   
364 O O   . GLN B 38 ? 1.0064 0.7110 0.7877 -0.0105 -0.2041 0.1618  31 GLN C O   
365 C CB  . GLN B 38 ? 0.8566 0.7087 0.8286 0.0013  -0.1738 0.1282  31 GLN C CB  
366 C CG  . GLN B 38 ? 0.8970 0.8051 0.8754 0.0038  -0.2194 0.1407  31 GLN C CG  
367 C CD  . GLN B 38 ? 0.9688 0.9772 1.0302 0.0327  -0.2355 0.1440  31 GLN C CD  
368 O OE1 . GLN B 38 ? 1.1206 1.1297 1.2095 0.0783  -0.2260 0.1516  31 GLN C OE1 
369 N NE2 . GLN B 38 ? 0.9520 1.0487 1.0497 0.0062  -0.2599 0.1364  31 GLN C NE2 
370 N N   . ASP B 39 ? 1.0581 0.7343 0.8921 0.0434  -0.1744 0.1688  32 ASP C N   
371 C CA  . ASP B 39 ? 1.1797 0.7891 0.9492 0.0664  -0.1935 0.1961  32 ASP C CA  
372 C C   . ASP B 39 ? 1.2907 0.8295 0.9705 0.0289  -0.1832 0.1996  32 ASP C C   
373 O O   . ASP B 39 ? 1.4149 0.9235 1.0355 0.0284  -0.2078 0.2202  32 ASP C O   
374 C CB  . ASP B 39 ? 1.3113 0.8699 1.0857 0.1108  -0.1805 0.2053  32 ASP C CB  
375 C CG  . ASP B 39 ? 1.5720 1.0566 1.2794 0.1468  -0.2049 0.2360  32 ASP C CG  
376 O OD1 . ASP B 39 ? 1.6768 1.1789 1.3578 0.1485  -0.2383 0.2518  32 ASP C OD1 
377 O OD2 . ASP B 39 ? 1.8070 1.2079 1.4814 0.1749  -0.1908 0.2441  32 ASP C OD2 
378 N N   . LYS B 40 ? 1.2659 0.7874 0.9331 -0.0020 -0.1473 0.1789  33 LYS C N   
379 C CA  . LYS B 40 ? 1.2639 0.7374 0.8470 -0.0375 -0.1358 0.1796  33 LYS C CA  
380 C C   . LYS B 40 ? 1.2345 0.7551 0.7986 -0.0668 -0.1464 0.1657  33 LYS C C   
381 O O   . LYS B 40 ? 1.2314 0.7313 0.7258 -0.0851 -0.1572 0.1757  33 LYS C O   
382 C CB  . LYS B 40 ? 1.2968 0.7343 0.8644 -0.0546 -0.0921 0.1630  33 LYS C CB  
383 C CG  . LYS B 40 ? 1.4351 0.8375 0.9152 -0.0942 -0.0784 0.1631  33 LYS C CG  
384 C CD  . LYS B 40 ? 1.4032 0.8245 0.8812 -0.1182 -0.0381 0.1333  33 LYS C CD  
385 C CE  . LYS B 40 ? 1.3695 0.7457 0.8610 -0.1102 -0.0114 0.1303  33 LYS C CE  
386 N NZ  . LYS B 40 ? 1.4794 0.7991 0.9312 -0.1069 -0.0224 0.1511  33 LYS C NZ  
387 N N   . GLU B 41 ? 1.2533 0.8312 0.8697 -0.0710 -0.1441 0.1432  34 GLU C N   
388 C CA  . GLU B 41 ? 1.2302 0.8343 0.8148 -0.0960 -0.1502 0.1252  34 GLU C CA  
389 C C   . GLU B 41 ? 1.1909 0.8425 0.8063 -0.0972 -0.1850 0.1233  34 GLU C C   
390 O O   . GLU B 41 ? 1.1451 0.8044 0.7194 -0.1160 -0.1957 0.1097  34 GLU C O   
391 C CB  . GLU B 41 ? 1.1807 0.7928 0.7712 -0.1071 -0.1139 0.0952  34 GLU C CB  
392 C CG  . GLU B 41 ? 1.0932 0.6760 0.6381 -0.1163 -0.0813 0.0892  34 GLU C CG  
393 C CD  . GLU B 41 ? 1.2462 0.8103 0.7104 -0.1335 -0.0922 0.1013  34 GLU C CD  
394 O OE1 . GLU B 41 ? 1.2732 0.8559 0.7039 -0.1395 -0.1189 0.1016  34 GLU C OE1 
395 O OE2 . GLU B 41 ? 1.3618 0.8917 0.7921 -0.1440 -0.0731 0.1100  34 GLU C OE2 
396 N N   . GLY B 42 ? 1.3504 0.8273 0.8224 0.1545  -0.2326 -0.0862 35 GLY C N   
397 C CA  . GLY B 42 ? 1.1310 0.6518 0.6617 0.1564  -0.3020 -0.0697 35 GLY C CA  
398 C C   . GLY B 42 ? 1.1034 0.7070 0.7473 0.1345  -0.3219 -0.0679 35 GLY C C   
399 O O   . GLY B 42 ? 1.3164 0.9545 1.0056 0.1259  -0.3787 -0.0595 35 GLY C O   
400 N N   . ILE B 43 ? 0.9900 0.6216 0.6735 0.1215  -0.2783 -0.0762 36 ILE C N   
401 C CA  . ILE B 43 ? 1.0017 0.7035 0.7851 0.0986  -0.2970 -0.0670 36 ILE C CA  
402 C C   . ILE B 43 ? 0.9890 0.7760 0.8684 0.1105  -0.3059 -0.0302 36 ILE C C   
403 O O   . ILE B 43 ? 0.8564 0.6663 0.7523 0.1325  -0.2629 -0.0196 36 ILE C O   
404 C CB  . ILE B 43 ? 0.9930 0.6978 0.7815 0.0825  -0.2509 -0.0867 36 ILE C CB  
405 C CG1 . ILE B 43 ? 1.1568 0.7925 0.8498 0.0763  -0.2356 -0.1330 36 ILE C CG1 
406 C CG2 . ILE B 43 ? 0.9101 0.6620 0.7785 0.0541  -0.2806 -0.0760 36 ILE C CG2 
407 C CD1 . ILE B 43 ? 1.0511 0.6969 0.7424 0.0676  -0.1863 -0.1595 36 ILE C CD1 
408 N N   . PRO B 44 ? 0.9162 0.7567 0.8603 0.0954  -0.3597 -0.0152 37 PRO C N   
409 C CA  . PRO B 44 ? 0.9030 0.8486 0.9499 0.0983  -0.3663 0.0116  37 PRO C CA  
410 C C   . PRO B 44 ? 0.8120 0.8099 0.9168 0.0797  -0.3184 0.0177  37 PRO C C   
411 O O   . PRO B 44 ? 0.7648 0.7400 0.8632 0.0470  -0.3108 0.0093  37 PRO C O   
412 C CB  . PRO B 44 ? 0.9574 0.9441 1.0527 0.0648  -0.4294 0.0172  37 PRO C CB  
413 C CG  . PRO B 44 ? 0.9140 0.8146 0.9261 0.0645  -0.4623 -0.0028 37 PRO C CG  
414 C CD  . PRO B 44 ? 0.9561 0.7700 0.8828 0.0723  -0.4177 -0.0267 37 PRO C CD  
415 N N   . PRO B 45 ? 0.7754 0.8454 0.9369 0.1017  -0.2894 0.0307  38 PRO C N   
416 C CA  . PRO B 45 ? 0.7495 0.8697 0.9576 0.0851  -0.2367 0.0336  38 PRO C CA  
417 C C   . PRO B 45 ? 0.7369 0.9251 1.0166 0.0303  -0.2549 0.0464  38 PRO C C   
418 O O   . PRO B 45 ? 0.6550 0.8532 0.9448 0.0061  -0.2191 0.0473  38 PRO C O   
419 C CB  . PRO B 45 ? 0.6722 0.8606 0.9291 0.1251  -0.2104 0.0402  38 PRO C CB  
420 C CG  . PRO B 45 ? 0.7452 0.8858 0.9535 0.1727  -0.2444 0.0399  38 PRO C CG  
421 C CD  . PRO B 45 ? 0.8739 0.9876 1.0615 0.1458  -0.3055 0.0401  38 PRO C CD  
422 N N   . ASP B 46 ? 0.6686 0.9021 0.9920 0.0073  -0.3095 0.0564  39 ASP C N   
423 C CA  . ASP B 46 ? 0.7349 1.0184 1.1120 -0.0544 -0.3323 0.0699  39 ASP C CA  
424 C C   . ASP B 46 ? 0.7652 0.9468 1.0812 -0.0857 -0.3567 0.0639  39 ASP C C   
425 O O   . ASP B 46 ? 0.6928 0.8858 1.0330 -0.1378 -0.3721 0.0769  39 ASP C O   
426 C CB  . ASP B 46 ? 0.6802 1.0522 1.1226 -0.0721 -0.3807 0.0774  39 ASP C CB  
427 C CG  . ASP B 46 ? 1.0494 1.3764 1.4494 -0.0351 -0.4240 0.0669  39 ASP C CG  
428 O OD1 . ASP B 46 ? 1.0544 1.3177 1.3941 0.0178  -0.4059 0.0577  39 ASP C OD1 
429 O OD2 . ASP B 46 ? 1.0661 1.4225 1.4892 -0.0624 -0.4757 0.0677  39 ASP C OD2 
430 N N   . GLN B 47 ? 0.7810 0.8626 1.0153 -0.0558 -0.3615 0.0425  40 GLN C N   
431 C CA  . GLN B 47 ? 0.7412 0.7282 0.9149 -0.0717 -0.3759 0.0258  40 GLN C CA  
432 C C   . GLN B 47 ? 0.8711 0.8233 1.0051 -0.0552 -0.3224 0.0108  40 GLN C C   
433 O O   . GLN B 47 ? 0.9182 0.7971 0.9994 -0.0577 -0.3323 -0.0113 40 GLN C O   
434 C CB  . GLN B 47 ? 0.7922 0.7057 0.9023 -0.0532 -0.4144 0.0022  40 GLN C CB  
435 C CG  . GLN B 47 ? 0.8693 0.8120 1.0150 -0.0780 -0.4741 0.0129  40 GLN C CG  
436 C CD  . GLN B 47 ? 0.9809 0.8770 1.0718 -0.0532 -0.5076 -0.0070 40 GLN C CD  
437 O OE1 . GLN B 47 ? 0.9771 0.9183 1.0975 -0.0562 -0.5449 0.0014  40 GLN C OE1 
438 N NE2 . GLN B 47 ? 1.0907 0.9038 1.1004 -0.0314 -0.4943 -0.0364 40 GLN C NE2 
439 N N   . GLN B 48 ? 0.7691 0.7772 0.9289 -0.0366 -0.2671 0.0177  41 GLN C N   
440 C CA  . GLN B 48 ? 0.6239 0.6105 0.7463 -0.0197 -0.2096 -0.0001 41 GLN C CA  
441 C C   . GLN B 48 ? 0.7327 0.7733 0.9025 -0.0497 -0.1844 0.0166  41 GLN C C   
442 O O   . GLN B 48 ? 0.7502 0.8782 0.9921 -0.0680 -0.1760 0.0417  41 GLN C O   
443 C CB  . GLN B 48 ? 0.6090 0.6119 0.7196 0.0190  -0.1608 -0.0058 41 GLN C CB  
444 C CG  . GLN B 48 ? 0.8164 0.7467 0.8509 0.0500  -0.1705 -0.0246 41 GLN C CG  
445 C CD  . GLN B 48 ? 0.7846 0.7125 0.7952 0.0844  -0.1198 -0.0274 41 GLN C CD  
446 O OE1 . GLN B 48 ? 0.7452 0.6810 0.7475 0.0861  -0.0628 -0.0383 41 GLN C OE1 
447 N NE2 . GLN B 48 ? 0.8236 0.7387 0.8217 0.1128  -0.1421 -0.0176 41 GLN C NE2 
448 N N   . ARG B 49 ? 0.7180 0.7144 0.8460 -0.0529 -0.1701 -0.0006 42 ARG C N   
449 C CA  . ARG B 49 ? 0.6060 0.6465 0.7647 -0.0781 -0.1436 0.0143  42 ARG C CA  
450 C C   . ARG B 49 ? 0.6406 0.6730 0.7577 -0.0502 -0.0847 -0.0160 42 ARG C C   
451 O O   . ARG B 49 ? 0.6625 0.6317 0.7176 -0.0344 -0.0894 -0.0491 42 ARG C O   
452 C CB  . ARG B 49 ? 0.5889 0.5836 0.7379 -0.1139 -0.1954 0.0276  42 ARG C CB  
453 C CG  . ARG B 49 ? 0.6269 0.6396 0.8191 -0.1513 -0.2474 0.0568  42 ARG C CG  
454 C CD  . ARG B 49 ? 0.8852 0.8763 1.0840 -0.2069 -0.2884 0.0855  42 ARG C CD  
455 N NE  . ARG B 49 ? 1.0545 0.9516 1.2132 -0.2135 -0.3533 0.0761  42 ARG C NE  
456 C CZ  . ARG B 49 ? 1.0912 0.9355 1.2388 -0.2606 -0.4046 0.0963  42 ARG C CZ  
457 N NH1 . ARG B 49 ? 1.0460 0.9190 1.2144 -0.3146 -0.4029 0.1323  42 ARG C NH1 
458 N NH2 . ARG B 49 ? 1.2069 0.9626 1.3152 -0.2566 -0.4590 0.0786  42 ARG C NH2 
459 N N   . LEU B 50 ? 0.5818 0.6838 0.7342 -0.0431 -0.0285 -0.0104 43 LEU C N   
460 C CA  . LEU B 50 ? 0.5106 0.6149 0.6278 -0.0217 0.0350  -0.0396 43 LEU C CA  
461 C C   . LEU B 50 ? 0.5191 0.6639 0.6527 -0.0440 0.0564  -0.0350 43 LEU C C   
462 O O   . LEU B 50 ? 0.4627 0.6647 0.6531 -0.0766 0.0464  -0.0012 43 LEU C O   
463 C CB  . LEU B 50 ? 0.5574 0.7066 0.6997 -0.0017 0.0836  -0.0378 43 LEU C CB  
464 C CG  . LEU B 50 ? 0.7000 0.7817 0.7805 0.0321  0.0891  -0.0583 43 LEU C CG  
465 C CD1 . LEU B 50 ? 0.6862 0.8034 0.7917 0.0551  0.1333  -0.0531 43 LEU C CD1 
466 C CD2 . LEU B 50 ? 0.6068 0.6187 0.5957 0.0412  0.1122  -0.1011 43 LEU C CD2 
467 N N   . ILE B 51 ? 0.5882 0.7041 0.6671 -0.0292 0.0815  -0.0709 44 ILE C N   
468 C CA  . ILE B 51 ? 0.6440 0.7843 0.7220 -0.0428 0.0911  -0.0725 44 ILE C CA  
469 C C   . ILE B 51 ? 0.5949 0.7718 0.6496 -0.0267 0.1634  -0.1090 44 ILE C C   
470 O O   . ILE B 51 ? 0.5989 0.7235 0.5977 -0.0010 0.1667  -0.1326 44 ILE C O   
471 C CB  . ILE B 51 ? 0.5511 0.6160 0.5815 -0.0375 0.0326  -0.0879 44 ILE C CB  
472 C CG1 . ILE B 51 ? 0.5741 0.5994 0.6260 -0.0621 -0.0381 -0.0499 44 ILE C CG1 
473 C CG2 . ILE B 51 ? 0.5436 0.6290 0.5615 -0.0402 0.0431  -0.0953 44 ILE C CG2 
474 C CD1 . ILE B 51 ? 0.5695 0.5008 0.5689 -0.0459 -0.0985 -0.0752 44 ILE C CD1 
475 N N   . PHE B 52 ? 0.6997 0.6426 0.4843 -0.0157 -0.0691 -0.0516 45 PHE C N   
476 C CA  . PHE B 52 ? 0.5900 0.5555 0.3399 -0.0092 -0.0722 -0.0712 45 PHE C CA  
477 C C   . PHE B 52 ? 0.6488 0.6951 0.3880 0.0073  -0.0410 -0.0613 45 PHE C C   
478 O O   . PHE B 52 ? 0.6940 0.7841 0.4623 0.0199  -0.0191 -0.0544 45 PHE C O   
479 C CB  . PHE B 52 ? 0.7719 0.7244 0.5312 -0.0023 -0.0960 -0.1143 45 PHE C CB  
480 C CG  . PHE B 52 ? 0.7662 0.7292 0.4886 -0.0026 -0.1047 -0.1396 45 PHE C CG  
481 C CD1 . PHE B 52 ? 0.8794 0.7961 0.5730 -0.0227 -0.1209 -0.1387 45 PHE C CD1 
482 C CD2 . PHE B 52 ? 0.8362 0.8544 0.5521 0.0160  -0.0969 -0.1633 45 PHE C CD2 
483 C CE1 . PHE B 52 ? 0.8464 0.7755 0.5137 -0.0307 -0.1314 -0.1631 45 PHE C CE1 
484 C CE2 . PHE B 52 ? 0.8666 0.8906 0.5469 0.0119  -0.1102 -0.1911 45 PHE C CE2 
485 C CZ  . PHE B 52 ? 0.9225 0.9039 0.5826 -0.0148 -0.1282 -0.1914 45 PHE C CZ  
486 N N   . ALA B 53 ? 0.7344 0.8049 0.4335 0.0089  -0.0395 -0.0620 46 ALA C N   
487 C CA  . ALA B 53 ? 0.7815 0.9303 0.4599 0.0300  -0.0143 -0.0562 46 ALA C CA  
488 C C   . ALA B 53 ? 0.7634 0.9402 0.4556 0.0430  0.0228  -0.0212 46 ALA C C   
489 O O   . ALA B 53 ? 0.6407 0.8725 0.3435 0.0647  0.0448  -0.0245 46 ALA C O   
490 C CB  . ALA B 53 ? 0.6291 0.8154 0.3053 0.0455  -0.0238 -0.0981 46 ALA C CB  
491 N N   . GLY B 54 ? 0.7111 0.8413 0.4025 0.0292  0.0303  0.0125  47 GLY C N   
492 C CA  . GLY B 54 ? 0.6499 0.7967 0.3417 0.0377  0.0684  0.0503  47 GLY C CA  
493 C C   . GLY B 54 ? 0.6785 0.8289 0.4274 0.0318  0.0796  0.0529  47 GLY C C   
494 O O   . GLY B 54 ? 0.7018 0.8762 0.4565 0.0385  0.1164  0.0829  47 GLY C O   
495 N N   . MET B 55 ? 0.6245 0.7516 0.4165 0.0196  0.0498  0.0245  48 MET C N   
496 C CA  . MET B 55 ? 0.6404 0.7823 0.4975 0.0132  0.0555  0.0250  48 MET C CA  
497 C C   . MET B 55 ? 0.6214 0.6973 0.5077 -0.0103 0.0178  0.0129  48 MET C C   
498 O O   . MET B 55 ? 0.6269 0.6542 0.4861 -0.0136 -0.0141 -0.0075 48 MET C O   
499 C CB  . MET B 55 ? 0.6886 0.8966 0.5737 0.0378  0.0600  -0.0026 48 MET C CB  
500 C CG  . MET B 55 ? 0.7917 1.0547 0.6315 0.0677  0.0798  -0.0094 48 MET C CG  
501 S SD  . MET B 55 ? 0.7839 1.0771 0.6272 0.0948  0.0600  -0.0603 48 MET C SD  
502 C CE  . MET B 55 ? 0.7746 1.1312 0.6875 0.1116  0.0921  -0.0461 48 MET C CE  
503 N N   . GLN B 56 ? 0.6651 0.7413 0.6071 -0.0269 0.0225  0.0269  49 GLN C N   
504 C CA  . GLN B 56 ? 0.6715 0.7127 0.6588 -0.0425 -0.0141 0.0093  49 GLN C CA  
505 C C   . GLN B 56 ? 0.6880 0.7851 0.7189 -0.0218 -0.0230 -0.0218 49 GLN C C   
506 O O   . GLN B 56 ? 0.7224 0.8962 0.7829 -0.0054 0.0074  -0.0172 49 GLN C O   
507 C CB  . GLN B 56 ? 0.5808 0.6148 0.6182 -0.0703 -0.0067 0.0343  49 GLN C CB  
508 C CG  . GLN B 56 ? 0.8412 0.7979 0.8291 -0.0897 -0.0042 0.0616  49 GLN C CG  
509 C CD  . GLN B 56 ? 0.7822 0.7101 0.8173 -0.1233 -0.0112 0.0763  49 GLN C CD  
510 O OE1 . GLN B 56 ? 0.8008 0.7021 0.8699 -0.1361 -0.0517 0.0560  49 GLN C OE1 
511 N NE2 . GLN B 56 ? 0.8450 0.7780 0.8822 -0.1379 0.0275  0.1110  49 GLN C NE2 
512 N N   . LEU B 57 ? 0.7156 0.7727 0.7463 -0.0178 -0.0620 -0.0515 50 LEU C N   
513 C CA  . LEU B 57 ? 0.7691 0.8692 0.8204 0.0103  -0.0685 -0.0825 50 LEU C CA  
514 C C   . LEU B 57 ? 0.7348 0.8716 0.8651 0.0096  -0.0795 -0.0858 50 LEU C C   
515 O O   . LEU B 57 ? 0.7275 0.8277 0.8838 -0.0139 -0.1026 -0.0787 50 LEU C O   
516 C CB  . LEU B 57 ? 0.6060 0.6433 0.6042 0.0212  -0.0996 -0.1144 50 LEU C CB  
517 C CG  . LEU B 57 ? 0.6894 0.6893 0.6183 0.0130  -0.0949 -0.1084 50 LEU C CG  
518 C CD1 . LEU B 57 ? 0.8142 0.7384 0.7018 0.0126  -0.1278 -0.1334 50 LEU C CD1 
519 C CD2 . LEU B 57 ? 0.7126 0.7751 0.6168 0.0311  -0.0663 -0.1117 50 LEU C CD2 
520 N N   . GLU B 58 ? 0.7070 0.9212 0.8749 0.0369  -0.0623 -0.0955 51 GLU C N   
521 C CA  . GLU B 58 ? 0.7527 1.0285 1.0074 0.0393  -0.0662 -0.0941 51 GLU C CA  
522 C C   . GLU B 58 ? 0.5794 0.8330 0.8337 0.0657  -0.1037 -0.1295 51 GLU C C   
523 O O   . GLU B 58 ? 0.6847 0.9134 0.8834 0.0960  -0.1079 -0.1556 51 GLU C O   
524 C CB  . GLU B 58 ? 0.8412 1.2217 1.1401 0.0599  -0.0211 -0.0791 51 GLU C CB  
525 C CG  . GLU B 58 ? 0.9040 1.3103 1.2054 0.0389  0.0219  -0.0405 51 GLU C CG  
526 C CD  . GLU B 58 ? 1.0324 1.5407 1.3706 0.0671  0.0693  -0.0255 51 GLU C CD  
527 O OE1 . GLU B 58 ? 1.1149 1.6546 1.4342 0.1112  0.0711  -0.0502 51 GLU C OE1 
528 O OE2 . GLU B 58 ? 1.0810 1.6326 1.4624 0.0472  0.1064  0.0116  51 GLU C OE2 
529 N N   . ASP B 59 ? 0.5789 0.8421 0.8941 0.0554  -0.1308 -0.1307 52 ASP C N   
530 C CA  . ASP B 59 ? 0.8436 1.0636 1.1468 0.0785  -0.1728 -0.1612 52 ASP C CA  
531 C C   . ASP B 59 ? 0.9556 1.2116 1.2472 0.1298  -0.1652 -0.1863 52 ASP C C   
532 O O   . ASP B 59 ? 1.0126 1.1961 1.2397 0.1538  -0.1871 -0.2141 52 ASP C O   
533 C CB  . ASP B 59 ? 0.7200 0.9682 1.1016 0.0609  -0.2015 -0.1564 52 ASP C CB  
534 C CG  . ASP B 59 ? 0.8507 1.0165 1.2088 0.0202  -0.2257 -0.1453 52 ASP C CG  
535 O OD1 . ASP B 59 ? 0.9474 1.0527 1.2408 0.0040  -0.2108 -0.1333 52 ASP C OD1 
536 O OD2 . ASP B 59 ? 0.9410 1.1042 1.3427 0.0059  -0.2597 -0.1480 52 ASP C OD2 
537 N N   . GLY B 60 ? 0.8905 1.2520 1.2375 0.1488  -0.1317 -0.1755 53 GLY C N   
538 C CA  . GLY B 60 ? 0.8186 1.2180 1.1546 0.2039  -0.1231 -0.1976 53 GLY C CA  
539 C C   . GLY B 60 ? 0.8282 1.1947 1.0782 0.2277  -0.1021 -0.2128 53 GLY C C   
540 O O   . GLY B 60 ? 0.8698 1.2725 1.1067 0.2754  -0.0879 -0.2283 53 GLY C O   
541 N N   . ARG B 61 ? 0.8294 1.1320 1.0190 0.1985  -0.1001 -0.2091 54 ARG C N   
542 C CA  . ARG B 61 ? 0.8959 1.1621 1.0013 0.2170  -0.0896 -0.2290 54 ARG C CA  
543 C C   . ARG B 61 ? 0.9408 1.0925 0.9737 0.2144  -0.1261 -0.2594 54 ARG C C   
544 O O   . ARG B 61 ? 0.9228 1.0182 0.9628 0.1936  -0.1547 -0.2579 54 ARG C O   
545 C CB  . ARG B 61 ? 0.7993 1.0803 0.8842 0.1899  -0.0624 -0.2051 54 ARG C CB  
546 C CG  . ARG B 61 ? 0.7554 1.1378 0.9033 0.1911  -0.0210 -0.1713 54 ARG C CG  
547 C CD  . ARG B 61 ? 0.9166 1.3511 1.0328 0.2358  0.0096  -0.1806 54 ARG C CD  
548 N NE  . ARG B 61 ? 0.9426 1.4630 1.1017 0.2346  0.0562  -0.1425 54 ARG C NE  
549 C CZ  . ARG B 61 ? 0.8560 1.4421 1.0036 0.2770  0.0923  -0.1398 54 ARG C CZ  
550 N NH1 . ARG B 61 ? 0.8859 1.4567 0.9773 0.3229  0.0833  -0.1760 54 ARG C NH1 
551 N NH2 . ARG B 61 ? 0.9124 1.5716 1.0977 0.2748  0.1383  -0.1005 54 ARG C NH2 
552 N N   . THR B 62 ? 0.9077 1.0220 0.8683 0.2357  -0.1245 -0.2870 55 THR C N   
553 C CA  . THR B 62 ? 0.9409 0.9440 0.8310 0.2293  -0.1544 -0.3151 55 THR C CA  
554 C C   . THR B 62 ? 1.0269 0.9942 0.8727 0.1906  -0.1532 -0.3094 55 THR C C   
555 O O   . THR B 62 ? 1.0069 1.0338 0.8565 0.1826  -0.1283 -0.2933 55 THR C O   
556 C CB  . THR B 62 ? 1.1055 1.0736 0.9365 0.2740  -0.1582 -0.3539 55 THR C CB  
557 O OG1 . THR B 62 ? 0.8951 0.8973 0.6895 0.2818  -0.1365 -0.3613 55 THR C OG1 
558 C CG2 . THR B 62 ? 0.9014 0.9166 0.7708 0.3237  -0.1549 -0.3591 55 THR C CG2 
559 N N   . LEU B 63 ? 1.0955 0.9666 0.8970 0.1702  -0.1790 -0.3222 56 LEU C N   
560 C CA  . LEU B 63 ? 1.0650 0.9043 0.8253 0.1347  -0.1800 -0.3187 56 LEU C CA  
561 C C   . LEU B 63 ? 1.0949 0.9642 0.8176 0.1430  -0.1654 -0.3339 56 LEU C C   
562 O O   . LEU B 63 ? 1.0277 0.9282 0.7378 0.1222  -0.1556 -0.3232 56 LEU C O   
563 C CB  . LEU B 63 ? 1.1253 0.8838 0.8739 0.1052  -0.1866 -0.2972 56 LEU C CB  
564 C CG  . LEU B 63 ? 0.9994 0.7281 0.7768 0.0977  -0.1988 -0.2756 56 LEU C CG  
565 C CD1 . LEU B 63 ? 1.0020 0.6702 0.7627 0.0825  -0.1968 -0.2580 56 LEU C CD1 
566 C CD2 . LEU B 63 ? 0.9574 0.7062 0.7503 0.0711  -0.1966 -0.2524 56 LEU C CD2 
567 N N   . SER B 64 ? 1.0812 0.8177 0.7650 0.0815  0.0457  -0.0751 57 SER C N   
568 C CA  . SER B 64 ? 1.1800 0.8961 0.8646 0.0743  0.0409  -0.0939 57 SER C CA  
569 C C   . SER B 64 ? 1.0730 0.8681 0.8004 0.0767  0.0237  -0.1000 57 SER C C   
570 O O   . SER B 64 ? 1.0517 0.8479 0.7996 0.0559  0.0161  -0.1185 57 SER C O   
571 C CB  . SER B 64 ? 1.1785 0.8268 0.8001 0.1087  0.0467  -0.0931 57 SER C CB  
572 N N   . ASP B 65 ? 1.0326 0.8918 0.7750 0.1029  0.0165  -0.0841 58 ASP C N   
573 C CA  . ASP B 65 ? 1.0460 0.9832 0.8338 0.1054  0.0031  -0.0864 58 ASP C CA  
574 C C   . ASP B 65 ? 0.8572 0.8304 0.6960 0.0620  -0.0041 -0.1001 58 ASP C C   
575 O O   . ASP B 65 ? 0.8188 0.8317 0.6859 0.0567  -0.0135 -0.1102 58 ASP C O   
576 C CB  . ASP B 65 ? 1.0535 1.0587 0.8657 0.1328  -0.0043 -0.0647 58 ASP C CB  
577 C CG  . ASP B 65 ? 1.1395 1.1361 0.9209 0.1804  -0.0005 -0.0515 58 ASP C CG  
578 O OD1 . ASP B 65 ? 1.2614 1.1990 0.9959 0.1953  0.0080  -0.0601 58 ASP C OD1 
579 O OD2 . ASP B 65 ? 1.1140 1.1629 0.9201 0.2037  -0.0075 -0.0324 58 ASP C OD2 
580 N N   . TYR B 66 ? 0.8779 0.8386 0.7277 0.0333  0.0016  -0.0994 59 TYR C N   
581 C CA  . TYR B 66 ? 0.7948 0.7912 0.6948 -0.0070 -0.0033 -0.1100 59 TYR C CA  
582 C C   . TYR B 66 ? 0.8424 0.7780 0.7404 -0.0399 0.0053  -0.1264 59 TYR C C   
583 O O   . TYR B 66 ? 0.7960 0.7505 0.7345 -0.0749 0.0058  -0.1326 59 TYR C O   
584 C CB  . TYR B 66 ? 0.7925 0.8248 0.7128 -0.0156 -0.0033 -0.0960 59 TYR C CB  
585 C CG  . TYR B 66 ? 0.7101 0.8109 0.6496 0.0097  -0.0182 -0.0810 59 TYR C CG  
586 C CD1 . TYR B 66 ? 0.6381 0.8154 0.6291 0.0031  -0.0332 -0.0844 59 TYR C CD1 
587 C CD2 . TYR B 66 ? 0.7393 0.8282 0.6492 0.0398  -0.0184 -0.0632 59 TYR C CD2 
588 C CE1 . TYR B 66 ? 0.5958 0.8372 0.6135 0.0254  -0.0475 -0.0688 59 TYR C CE1 
589 C CE2 . TYR B 66 ? 0.6985 0.8504 0.6345 0.0625  -0.0356 -0.0489 59 TYR C CE2 
590 C CZ  . TYR B 66 ? 0.6262 0.8548 0.6191 0.0543  -0.0497 -0.0513 59 TYR C CZ  
591 O OH  . TYR B 66 ? 0.6834 0.9743 0.7102 0.0758  -0.0671 -0.0352 59 TYR C OH  
592 N N   . ASN B 67 ? 0.9055 0.7680 0.7606 -0.0292 0.0113  -0.1331 60 ASN C N   
593 C CA  . ASN B 67 ? 0.9514 0.7478 0.8074 -0.0595 0.0178  -0.1474 60 ASN C CA  
594 C C   . ASN B 67 ? 1.0431 0.8239 0.9169 -0.0869 0.0361  -0.1376 60 ASN C C   
595 O O   . ASN B 67 ? 0.9999 0.7679 0.9120 -0.1240 0.0396  -0.1475 60 ASN C O   
596 C CB  . ASN B 67 ? 0.9244 0.7370 0.8191 -0.0849 0.0006  -0.1709 60 ASN C CB  
597 C CG  . ASN B 67 ? 0.9308 0.7528 0.8024 -0.0562 -0.0159 -0.1812 60 ASN C CG  
598 O OD1 . ASN B 67 ? 0.9742 0.7709 0.7957 -0.0177 -0.0128 -0.1738 60 ASN C OD1 
599 N ND2 . ASN B 67 ? 1.0930 0.9473 0.9994 -0.0735 -0.0326 -0.1986 60 ASN C ND2 
600 N N   . ILE B 68 ? 0.9607 0.7421 0.8075 -0.0671 0.0477  -0.1172 61 ILE C N   
601 C CA  . ILE B 68 ? 0.9789 0.7353 0.8288 -0.0854 0.0686  -0.1053 61 ILE C CA  
602 C C   . ILE B 68 ? 1.0949 0.7573 0.9091 -0.0875 0.0885  -0.1039 61 ILE C C   
603 O O   . ILE B 68 ? 1.1186 0.7373 0.8777 -0.0562 0.0930  -0.0964 61 ILE C O   
604 C CB  . ILE B 68 ? 0.9605 0.7451 0.7879 -0.0606 0.0701  -0.0853 61 ILE C CB  
605 C CG1 . ILE B 68 ? 0.9689 0.8417 0.8454 -0.0712 0.0528  -0.0868 61 ILE C CG1 
606 C CG2 . ILE B 68 ? 1.0110 0.7395 0.8115 -0.0655 0.0967  -0.0705 61 ILE C CG2 
607 C CD1 . ILE B 68 ? 0.8485 0.7644 0.7102 -0.0405 0.0402  -0.0706 61 ILE C CD1 
608 N N   . LYS B 69 ? 1.1008 0.7327 0.9508 -0.1245 0.0994  -0.1113 62 LYS C N   
609 C CA  . LYS B 69 ? 1.2252 0.7696 1.0570 -0.1333 0.1157  -0.1120 62 LYS C CA  
610 C C   . LYS B 69 ? 1.2741 0.7837 1.1063 -0.1461 0.1489  -0.0922 62 LYS C C   
611 O O   . LYS B 69 ? 1.2113 0.7625 1.0515 -0.1455 0.1561  -0.0802 62 LYS C O   
612 C CB  . LYS B 69 ? 1.1577 0.6886 1.0358 -0.1648 0.1002  -0.1355 62 LYS C CB  
613 N N   . ARG B 70 ? 1.4007 0.8292 1.2200 -0.1548 0.1702  -0.0873 63 ARG C N   
614 C CA  . ARG B 70 ? 1.3787 0.7694 1.1909 -0.1609 0.2068  -0.0646 63 ARG C CA  
615 C C   . ARG B 70 ? 1.3857 0.8143 1.2717 -0.1998 0.2168  -0.0640 63 ARG C C   
616 O O   . ARG B 70 ? 1.3351 0.7970 1.2832 -0.2292 0.1977  -0.0829 63 ARG C O   
617 C CB  . ARG B 70 ? 1.4689 0.7627 1.2524 -0.1603 0.2305  -0.0565 63 ARG C CB  
618 C CG  . ARG B 70 ? 1.5292 0.7854 1.3772 -0.2025 0.2384  -0.0642 63 ARG C CG  
619 C CD  . ARG B 70 ? 1.5409 0.6999 1.3502 -0.1948 0.2575  -0.0560 63 ARG C CD  
620 N NE  . ARG B 70 ? 1.6163 0.7340 1.4877 -0.2329 0.2554  -0.0669 63 ARG C NE  
621 C CZ  . ARG B 70 ? 1.6922 0.7278 1.5649 -0.2432 0.2822  -0.0543 63 ARG C CZ  
622 N NH1 . ARG B 70 ? 1.7713 0.7558 1.5808 -0.2169 0.3161  -0.0298 63 ARG C NH1 
623 N NH2 . ARG B 70 ? 1.6691 0.6719 1.6085 -0.2799 0.2744  -0.0658 63 ARG C NH2 
624 N N   . ASP B 71 ? 1.3204 0.7452 1.1945 -0.1959 0.2457  -0.0420 64 ASP C N   
625 C CA  . ASP B 71 ? 1.2736 0.7449 1.2058 -0.2232 0.2560  -0.0379 64 ASP C CA  
626 C C   . ASP B 71 ? 1.1125 0.6757 1.0780 -0.2283 0.2208  -0.0552 64 ASP C C   
627 O O   . ASP B 71 ? 1.0997 0.7053 1.1301 -0.2591 0.2196  -0.0611 64 ASP C O   
628 C CB  . ASP B 71 ? 1.3062 0.7490 1.3110 -0.2655 0.2737  -0.0398 64 ASP C CB  
629 C CG  . ASP B 71 ? 1.4519 0.8021 1.4335 -0.2637 0.3029  -0.0264 64 ASP C CG  
630 O OD1 . ASP B 71 ? 1.5104 0.8143 1.4241 -0.2342 0.3301  -0.0044 64 ASP C OD1 
631 O OD2 . ASP B 71 ? 1.4842 0.8063 1.5153 -0.2913 0.2959  -0.0388 64 ASP C OD2 
632 N N   . SER B 72 ? 1.0884 0.6837 1.0156 -0.1990 0.1927  -0.0628 65 SER C N   
633 C CA  . SER B 72 ? 1.0029 0.6851 0.9570 -0.1995 0.1647  -0.0730 65 SER C CA  
634 C C   . SER B 72 ? 1.0848 0.7917 1.0292 -0.1932 0.1779  -0.0557 65 SER C C   
635 O O   . SER B 72 ? 1.0394 0.6978 0.9303 -0.1714 0.2006  -0.0364 65 SER C O   
636 C CB  . SER B 72 ? 1.0861 0.7947 1.0035 -0.1665 0.1361  -0.0800 65 SER C CB  
637 O OG  . SER B 72 ? 1.0216 0.7224 0.9525 -0.1723 0.1181  -0.0996 65 SER C OG  
638 N N   . ASN B 73 ? 0.9101 0.6868 0.9021 -0.2108 0.1638  -0.0629 66 ASN C N   
639 C CA  . ASN B 73 ? 0.8907 0.6946 0.8754 -0.2055 0.1712  -0.0496 66 ASN C CA  
640 C C   . ASN B 73 ? 0.8252 0.6982 0.8032 -0.1855 0.1355  -0.0556 66 ASN C C   
641 O O   . ASN B 73 ? 0.7581 0.6928 0.7855 -0.2022 0.1121  -0.0717 66 ASN C O   
642 C CB  . ASN B 73 ? 1.0310 0.8594 1.0811 -0.2430 0.1848  -0.0517 66 ASN C CB  
643 C CG  . ASN B 73 ? 1.3717 1.1371 1.4154 -0.2511 0.2290  -0.0319 66 ASN C CG  
644 O OD1 . ASN B 73 ? 1.5465 1.2640 1.5263 -0.2233 0.2497  -0.0126 66 ASN C OD1 
645 N ND2 . ASN B 73 ? 1.4850 1.2484 1.5970 -0.2881 0.2445  -0.0357 66 ASN C ND2 
646 N N   . LEU B 74 ? 0.8692 0.7306 0.7887 -0.1495 0.1302  -0.0425 67 LEU C N   
647 C CA  . LEU B 74 ? 0.7970 0.7229 0.7160 -0.1301 0.0963  -0.0444 67 LEU C CA  
648 C C   . LEU B 74 ? 0.8205 0.7662 0.7353 -0.1297 0.0965  -0.0352 67 LEU C C   
649 O O   . LEU B 74 ? 0.8238 0.7227 0.7171 -0.1339 0.1259  -0.0235 67 LEU C O   
650 C CB  . LEU B 74 ? 0.8345 0.7404 0.6987 -0.0890 0.0828  -0.0367 67 LEU C CB  
651 C CG  . LEU B 74 ? 0.8492 0.7444 0.7083 -0.0779 0.0755  -0.0446 67 LEU C CG  
652 C CD1 . LEU B 74 ? 0.9147 0.7390 0.7631 -0.0929 0.1037  -0.0470 67 LEU C CD1 
653 C CD2 . LEU B 74 ? 0.8786 0.7654 0.6895 -0.0349 0.0605  -0.0342 67 LEU C CD2 
654 N N   . TYR B 75 ? 1.0104 0.3793 0.6264 -0.0388 0.0312  -0.0749 68 TYR C N   
655 C CA  . TYR B 75 ? 1.0342 0.5094 0.7191 -0.0463 0.0136  -0.0790 68 TYR C CA  
656 C C   . TYR B 75 ? 1.0117 0.4977 0.7264 0.0087  -0.0028 -0.0418 68 TYR C C   
657 O O   . TYR B 75 ? 0.9339 0.3914 0.6551 0.0628  -0.0012 -0.0189 68 TYR C O   
658 C CB  . TYR B 75 ? 0.8237 0.4122 0.6021 -0.0508 0.0092  -0.1127 68 TYR C CB  
659 C CG  . TYR B 75 ? 0.9920 0.6099 0.7486 -0.1090 0.0208  -0.1527 68 TYR C CG  
660 C CD1 . TYR B 75 ? 1.0847 0.6668 0.8165 -0.1230 0.0393  -0.1710 68 TYR C CD1 
661 C CD2 . TYR B 75 ? 0.9202 0.6072 0.6765 -0.1498 0.0135  -0.1714 68 TYR C CD2 
662 C CE1 . TYR B 75 ? 1.1142 0.7377 0.8257 -0.1783 0.0497  -0.2065 68 TYR C CE1 
663 C CE2 . TYR B 75 ? 0.8147 0.5475 0.5486 -0.2024 0.0251  -0.2074 68 TYR C CE2 
664 C CZ  . TYR B 75 ? 1.0344 0.7422 0.7512 -0.2161 0.0426  -0.2249 68 TYR C CZ  
665 O OH  . TYR B 75 ? 1.1448 0.9298 0.8610 -0.2530 0.0512  -0.2430 68 TYR C OH  
666 N N   . LEU B 76 ? 0.9189 0.4598 0.6556 -0.0046 -0.0194 -0.0370 69 LEU C N   
667 C CA  . LEU B 76 ? 0.9556 0.5291 0.7281 0.0388  -0.0383 -0.0039 69 LEU C CA  
668 C C   . LEU B 76 ? 0.9087 0.5876 0.7521 0.0206  -0.0591 -0.0177 69 LEU C C   
669 O O   . LEU B 76 ? 0.7845 0.4826 0.6095 -0.0236 -0.0609 -0.0398 69 LEU C O   
670 C CB  . LEU B 76 ? 1.1332 0.6238 0.8198 0.0453  -0.0397 0.0252  69 LEU C CB  
671 C CG  . LEU B 76 ? 1.1685 0.7024 0.8837 0.0803  -0.0609 0.0573  69 LEU C CG  
672 C CD1 . LEU B 76 ? 1.2667 0.7880 0.9888 0.1510  -0.0610 0.0896  69 LEU C CD1 
673 C CD2 . LEU B 76 ? 1.0632 0.5323 0.6943 0.0578  -0.0639 0.0696  69 LEU C CD2 
674 N N   . VAL B 77 ? 0.8297 0.5761 0.7465 0.0532  -0.0758 -0.0043 70 VAL C N   
675 C CA  . VAL B 77 ? 0.7066 0.5361 0.6776 0.0401  -0.1013 -0.0117 70 VAL C CA  
676 C C   . VAL B 77 ? 0.7790 0.6309 0.7637 0.0673  -0.1205 0.0284  70 VAL C C   
677 O O   . VAL B 77 ? 0.7954 0.6538 0.7994 0.1085  -0.1198 0.0575  70 VAL C O   
678 C CB  . VAL B 77 ? 0.5992 0.4859 0.6344 0.0438  -0.1088 -0.0324 70 VAL C CB  
679 C CG1 . VAL B 77 ? 0.5415 0.4923 0.6107 0.0292  -0.1394 -0.0406 70 VAL C CG1 
680 C CG2 . VAL B 77 ? 0.5715 0.4427 0.5900 0.0199  -0.0901 -0.0730 70 VAL C CG2 
681 N N   . SER B 78 ? 0.6742 0.5417 0.6444 0.0466  -0.1366 0.0306  71 SER C N   
682 C CA  . SER B 78 ? 0.7734 0.6689 0.7550 0.0681  -0.1570 0.0673  71 SER C CA  
683 C C   . SER B 78 ? 0.7261 0.6814 0.7360 0.0421  -0.1858 0.0580  71 SER C C   
684 O O   . SER B 78 ? 0.7140 0.6744 0.7137 0.0101  -0.1878 0.0237  71 SER C O   
685 C CB  . SER B 78 ? 0.7777 0.6060 0.6873 0.0778  -0.1491 0.0899  71 SER C CB  
686 O OG  . SER B 78 ? 0.8864 0.6270 0.7354 0.0895  -0.1233 0.0902  71 SER C OG  
687 N N   . SER B 79 ? 0.6832 0.6865 0.7239 0.0586  -0.2090 0.0897  72 SER C N   
688 C CA  . SER B 79 ? 0.6492 0.6942 0.7003 0.0376  -0.2399 0.0912  72 SER C CA  
689 C C   . SER B 79 ? 0.6980 0.7284 0.7146 0.0486  -0.2445 0.1203  72 SER C C   
690 O O   . SER B 79 ? 0.9569 0.9775 0.9649 0.0847  -0.2357 0.1518  72 SER C O   
691 C CB  . SER B 79 ? 0.6595 0.7733 0.7677 0.0389  -0.2673 0.1061  72 SER C CB  
692 O OG  . SER B 79 ? 0.7742 0.8898 0.8995 0.0222  -0.2689 0.0728  72 SER C OG  
693 N N   . LEU B 80 ? 0.7469 0.7718 0.7356 0.0219  -0.2569 0.1078  73 LEU C N   
694 C CA  . LEU B 80 ? 0.8174 0.8333 0.7739 0.0274  -0.2670 0.1332  73 LEU C CA  
695 C C   . LEU B 80 ? 0.8511 0.9185 0.8278 0.0069  -0.3027 0.1324  73 LEU C C   
696 O O   . LEU B 80 ? 0.7732 0.8579 0.7629 -0.0163 -0.3159 0.1030  73 LEU C O   
697 C CB  . LEU B 80 ? 0.8590 0.8034 0.7427 0.0102  -0.2457 0.1195  73 LEU C CB  
698 C CG  . LEU B 80 ? 1.0048 0.8676 0.8341 0.0256  -0.2140 0.1267  73 LEU C CG  
699 C CD1 . LEU B 80 ? 1.1139 0.9113 0.8626 0.0050  -0.2055 0.1281  73 LEU C CD1 
700 C CD2 . LEU B 80 ? 0.9895 0.8492 0.8274 0.0789  -0.2133 0.1645  73 LEU C CD2 
701 N N   . ARG B 81 ? 0.9228 1.0082 0.8927 0.0182  -0.3197 0.1643  74 ARG C N   
702 C CA  . ARG B 81 ? 0.8910 1.0107 0.8641 -0.0040 -0.3539 0.1639  74 ARG C CA  
703 C C   . ARG B 81 ? 1.0444 1.1226 0.9619 -0.0233 -0.3492 0.1439  74 ARG C C   
704 O O   . ARG B 81 ? 1.1308 1.2223 1.0400 -0.0460 -0.3705 0.1225  74 ARG C O   
705 C CB  . ARG B 81 ? 0.7505 0.9224 0.7454 0.0138  -0.3769 0.2075  74 ARG C CB  
706 N N   . SER B 82 ? 1.0513 1.0755 0.9223 -0.0144 -0.3225 0.1507  75 SER C N   
707 C CA  . SER B 82 ? 1.0375 1.0220 0.8488 -0.0370 -0.3139 0.1359  75 SER C CA  
708 C C   . SER B 82 ? 1.1192 1.0329 0.8801 -0.0386 -0.2773 0.1315  75 SER C C   
709 O O   . SER B 82 ? 1.0507 0.9344 0.8111 -0.0099 -0.2634 0.1508  75 SER C O   
710 C CB  . SER B 82 ? 0.9044 0.8896 0.6915 -0.0291 -0.3326 0.1642  75 SER C CB  
711 N N   . LEU B 83 ? 1.2361 1.1242 0.9478 -0.0736 -0.2632 0.1065  76 LEU C N   
712 C CA  . LEU B 83 ? 1.4026 1.2190 1.0529 -0.0902 -0.2308 0.1007  76 LEU C CA  
713 C C   . LEU B 83 ? 1.6234 1.3589 1.1991 -0.0790 -0.2248 0.1334  76 LEU C C   
714 O O   . LEU B 83 ? 1.8048 1.4663 1.3394 -0.0595 -0.2079 0.1492  76 LEU C O   
715 C CB  . LEU B 83 ? 1.3406 1.1757 0.9637 -0.1383 -0.2185 0.0628  76 LEU C CB  
716 C CG  . LEU B 83 ? 1.2724 1.1740 0.9485 -0.1460 -0.2191 0.0249  76 LEU C CG  
717 C CD1 . LEU B 83 ? 1.3221 1.2503 0.9598 -0.1900 -0.2032 -0.0099 76 LEU C CD1 
718 C CD2 . LEU B 83 ? 1.2330 1.1145 0.9407 -0.1265 -0.2048 0.0254  76 LEU C CD2 
# 
loop_
_pdbx_poly_seq_scheme.asym_id 
_pdbx_poly_seq_scheme.entity_id 
_pdbx_poly_seq_scheme.seq_id 
_pdbx_poly_seq_scheme.mon_id 
_pdbx_poly_seq_scheme.ndb_seq_num 
_pdbx_poly_seq_scheme.pdb_seq_num 
_pdbx_poly_seq_scheme.auth_seq_num 
_pdbx_poly_seq_scheme.pdb_mon_id 
_pdbx_poly_seq_scheme.auth_mon_id 
_pdbx_poly_seq_scheme.pdb_strand_id 
_pdbx_poly_seq_scheme.pdb_ins_code 
_pdbx_poly_seq_scheme.hetero 
A 1 1  TYR 1  0  255 TYR TYR B . n 
A 1 2  PRO 2  1  256 PRO PRO B . n 
A 1 3  GLU 3  2  257 GLU GLU B . n 
A 1 4  ASP 4  3  258 ASP ASP B . n 
A 1 5  GLU 5  4  259 GLU GLU B . n 
A 1 6  GLU 6  5  260 GLU GLU B . n 
A 1 7  GLU 7  6  261 GLU GLU B . n 
A 1 8  LEU 8  7  262 LEU LEU B . n 
A 1 9  ILE 9  8  263 ILE ILE B . n 
A 1 10 ARG 10 9  264 ARG ARG B . n 
A 1 11 LYS 11 10 265 LYS LYS B . n 
A 1 12 ALA 12 11 266 ALA ALA B . n 
A 1 13 ILE 13 12 267 ILE ILE B . n 
A 1 14 GLU 14 13 268 GLU GLU B . n 
A 1 15 LEU 15 14 269 LEU LEU B . n 
A 1 16 SER 16 15 270 SER SER B . n 
A 1 17 LEU 17 16 271 LEU LEU B . n 
A 1 18 LYS 18 17 ?   ?   ?   B . n 
A 1 19 GLU 19 18 ?   ?   ?   B . n 
A 1 20 SER 20 19 ?   ?   ?   B . n 
A 1 21 ARG 21 20 ?   ?   ?   B . n 
A 1 22 ASN 22 21 ?   ?   ?   B . n 
A 1 23 SER 23 22 ?   ?   ?   B . n 
A 1 24 ALA 24 23 ?   ?   ?   B . n 
B 2 1  GLY 1  -6 ?   ?   ?   C . n 
B 2 2  GLY 2  -5 ?   ?   ?   C . n 
B 2 3  ALA 3  -4 ?   ?   ?   C . n 
B 2 4  ALA 4  -3 ?   ?   ?   C . n 
B 2 5  GLN 5  -2 ?   ?   ?   C . n 
B 2 6  PRO 6  -1 ?   ?   ?   C . n 
B 2 7  ALA 7  0  ?   ?   ?   C . n 
B 2 8  MET 8  1  1   MET MET C . n 
B 2 9  GLN 9  2  2   GLN GLN C . n 
B 2 10 ILE 10 3  3   ILE ILE C . n 
B 2 11 PHE 11 4  4   PHE PHE C . n 
B 2 12 VAL 12 5  5   VAL VAL C . n 
B 2 13 GLN 13 6  6   GLN GLN C . n 
B 2 14 THR 14 7  7   THR THR C . n 
B 2 15 ILE 15 8  8   ILE ILE C . n 
B 2 16 THR 16 9  9   THR THR C . n 
B 2 17 VAL 17 10 10  VAL VAL C . n 
B 2 18 MET 18 11 11  MET MET C . n 
B 2 19 ARG 19 12 12  ARG ARG C . n 
B 2 20 ILE 20 13 13  ILE ILE C . n 
B 2 21 ALA 21 14 14  ALA ALA C . n 
B 2 22 LEU 22 15 15  LEU LEU C . n 
B 2 23 GLU 23 16 16  GLU GLU C . n 
B 2 24 VAL 24 17 17  VAL VAL C . n 
B 2 25 GLU 25 18 18  GLU GLU C . n 
B 2 26 PRO 26 19 19  PRO PRO C . n 
B 2 27 SER 27 20 20  SER SER C . n 
B 2 28 ASP 28 21 21  ASP ASP C . n 
B 2 29 THR 29 22 22  THR THR C . n 
B 2 30 ILE 30 23 23  ILE ILE C . n 
B 2 31 GLU 31 24 24  GLU GLU C . n 
B 2 32 ASN 32 25 25  ASN ASN C . n 
B 2 33 VAL 33 26 26  VAL VAL C . n 
B 2 34 LYS 34 27 27  LYS LYS C . n 
B 2 35 ALA 35 28 28  ALA ALA C . n 
B 2 36 LYS 36 29 29  LYS LYS C . n 
B 2 37 ILE 37 30 30  ILE ILE C . n 
B 2 38 GLN 38 31 31  GLN GLN C . n 
B 2 39 ASP 39 32 32  ASP ASP C . n 
B 2 40 LYS 40 33 33  LYS LYS C . n 
B 2 41 GLU 41 34 34  GLU GLU C . n 
B 2 42 GLY 42 35 35  GLY GLY C . n 
B 2 43 ILE 43 36 36  ILE ILE C . n 
B 2 44 PRO 44 37 37  PRO PRO C . n 
B 2 45 PRO 45 38 38  PRO PRO C . n 
B 2 46 ASP 46 39 39  ASP ASP C . n 
B 2 47 GLN 47 40 40  GLN GLN C . n 
B 2 48 GLN 48 41 41  GLN GLN C . n 
B 2 49 ARG 49 42 42  ARG ARG C . n 
B 2 50 LEU 50 43 43  LEU LEU C . n 
B 2 51 ILE 51 44 44  ILE ILE C . n 
B 2 52 PHE 52 45 45  PHE PHE C . n 
B 2 53 ALA 53 46 46  ALA ALA C . n 
B 2 54 GLY 54 47 47  GLY GLY C . n 
B 2 55 MET 55 48 48  MET MET C . n 
B 2 56 GLN 56 49 49  GLN GLN C . n 
B 2 57 LEU 57 50 50  LEU LEU C . n 
B 2 58 GLU 58 51 51  GLU GLU C . n 
B 2 59 ASP 59 52 52  ASP ASP C . n 
B 2 60 GLY 60 53 53  GLY GLY C . n 
B 2 61 ARG 61 54 54  ARG ARG C . n 
B 2 62 THR 62 55 55  THR THR C . n 
B 2 63 LEU 63 56 56  LEU LEU C . n 
B 2 64 SER 64 57 57  SER SER C . n 
B 2 65 ASP 65 58 58  ASP ASP C . n 
B 2 66 TYR 66 59 59  TYR TYR C . n 
B 2 67 ASN 67 60 60  ASN ASN C . n 
B 2 68 ILE 68 61 61  ILE ILE C . n 
B 2 69 LYS 69 62 62  LYS LYS C . n 
B 2 70 ARG 70 63 63  ARG ARG C . n 
B 2 71 ASP 71 64 64  ASP ASP C . n 
B 2 72 SER 72 65 65  SER SER C . n 
B 2 73 ASN 73 66 66  ASN ASN C . n 
B 2 74 LEU 74 67 67  LEU LEU C . n 
B 2 75 TYR 75 68 68  TYR TYR C . n 
B 2 76 LEU 76 69 69  LEU LEU C . n 
B 2 77 VAL 77 70 70  VAL VAL C . n 
B 2 78 SER 78 71 71  SER SER C . n 
B 2 79 SER 79 72 72  SER SER C . n 
B 2 80 LEU 80 73 73  LEU LEU C . n 
B 2 81 ARG 81 74 74  ARG ARG C . n 
B 2 82 SER 82 75 75  SER SER C . n 
B 2 83 LEU 83 76 76  LEU LEU C . n 
B 2 84 ARG 84 77 ?   ?   ?   C . n 
B 2 85 ALA 85 78 ?   ?   ?   C . n 
B 2 86 GLY 86 79 ?   ?   ?   C . n 
B 2 87 ALA 87 80 ?   ?   ?   C . n 
B 2 88 ALA 88 81 ?   ?   ?   C . n 
B 2 89 ALA 89 82 ?   ?   ?   C . n 
# 
loop_
_pdbx_nonpoly_scheme.asym_id 
_pdbx_nonpoly_scheme.entity_id 
_pdbx_nonpoly_scheme.mon_id 
_pdbx_nonpoly_scheme.ndb_seq_num 
_pdbx_nonpoly_scheme.pdb_seq_num 
_pdbx_nonpoly_scheme.auth_seq_num 
_pdbx_nonpoly_scheme.pdb_mon_id 
_pdbx_nonpoly_scheme.auth_mon_id 
_pdbx_nonpoly_scheme.pdb_strand_id 
_pdbx_nonpoly_scheme.pdb_ins_code 
C 3 HOH 1 301 102 HOH HOH B . 
D 3 HOH 1 101 103 HOH HOH C . 
D 3 HOH 2 102 106 HOH HOH C . 
D 3 HOH 3 103 104 HOH HOH C . 
D 3 HOH 4 104 105 HOH HOH C . 
D 3 HOH 5 105 101 HOH HOH C . 
D 3 HOH 6 106 107 HOH HOH C . 
D 3 HOH 7 107 108 HOH HOH C . 
# 
_pdbx_struct_assembly.id                   1 
_pdbx_struct_assembly.details              author_and_software_defined_assembly 
_pdbx_struct_assembly.method_details       PISA 
_pdbx_struct_assembly.oligomeric_details   tetrameric 
_pdbx_struct_assembly.oligomeric_count     4 
# 
_pdbx_struct_assembly_gen.assembly_id       1 
_pdbx_struct_assembly_gen.oper_expression   1,2 
_pdbx_struct_assembly_gen.asym_id_list      A,B,C,D 
# 
loop_
_pdbx_struct_assembly_prop.biol_id 
_pdbx_struct_assembly_prop.type 
_pdbx_struct_assembly_prop.value 
_pdbx_struct_assembly_prop.details 
1 'ABSA (A^2)' 7620 ? 
1 MORE         -55  ? 
1 'SSA (A^2)'  8750 ? 
# 
loop_
_pdbx_struct_oper_list.id 
_pdbx_struct_oper_list.type 
_pdbx_struct_oper_list.name 
_pdbx_struct_oper_list.symmetry_operation 
_pdbx_struct_oper_list.matrix[1][1] 
_pdbx_struct_oper_list.matrix[1][2] 
_pdbx_struct_oper_list.matrix[1][3] 
_pdbx_struct_oper_list.vector[1] 
_pdbx_struct_oper_list.matrix[2][1] 
_pdbx_struct_oper_list.matrix[2][2] 
_pdbx_struct_oper_list.matrix[2][3] 
_pdbx_struct_oper_list.vector[2] 
_pdbx_struct_oper_list.matrix[3][1] 
_pdbx_struct_oper_list.matrix[3][2] 
_pdbx_struct_oper_list.matrix[3][3] 
_pdbx_struct_oper_list.vector[3] 
1 'identity operation'         1_555 x,y,z            1.0000000000  0.0000000000  0.0000000000 0.0000000000  0.0000000000  1.0000000000  0.0000000000  0.0000000000   0.0000000000 0.0000000000  1.0000000000 0.0000000000   
2 'crystal symmetry operation' 8_667 -y+1,-x+1,-z+5/2 -0.7948410557 -0.3171323346 0.5173536300 10.7197996070 -0.3171323346 -0.5097804875 -0.7997192863 -12.9596622311 0.5173536300 -0.7997192863 0.3046215432 -12.1951221439 
# 
loop_
_pdbx_audit_revision_history.ordinal 
_pdbx_audit_revision_history.data_content_type 
_pdbx_audit_revision_history.major_revision 
_pdbx_audit_revision_history.minor_revision 
_pdbx_audit_revision_history.revision_date 
1 'Structure model' 1 0 2019-03-06 
2 'Structure model' 1 1 2019-04-24 
3 'Structure model' 1 2 2020-01-08 
4 'Structure model' 1 3 2023-10-11 
# 
_pdbx_audit_revision_details.ordinal             1 
_pdbx_audit_revision_details.revision_ordinal    1 
_pdbx_audit_revision_details.data_content_type   'Structure model' 
_pdbx_audit_revision_details.provider            repository 
_pdbx_audit_revision_details.type                'Initial release' 
_pdbx_audit_revision_details.description         ? 
_pdbx_audit_revision_details.details             ? 
# 
loop_
_pdbx_audit_revision_group.ordinal 
_pdbx_audit_revision_group.revision_ordinal 
_pdbx_audit_revision_group.data_content_type 
_pdbx_audit_revision_group.group 
1 2 'Structure model' 'Data collection'            
2 2 'Structure model' 'Database references'        
3 3 'Structure model' 'Author supporting evidence' 
4 4 'Structure model' 'Data collection'            
5 4 'Structure model' 'Database references'        
6 4 'Structure model' 'Refinement description'     
# 
loop_
_pdbx_audit_revision_category.ordinal 
_pdbx_audit_revision_category.revision_ordinal 
_pdbx_audit_revision_category.data_content_type 
_pdbx_audit_revision_category.category 
1 2 'Structure model' citation                      
2 3 'Structure model' pdbx_audit_support            
3 4 'Structure model' chem_comp_atom                
4 4 'Structure model' chem_comp_bond                
5 4 'Structure model' database_2                    
6 4 'Structure model' pdbx_initial_refinement_model 
# 
loop_
_pdbx_audit_revision_item.ordinal 
_pdbx_audit_revision_item.revision_ordinal 
_pdbx_audit_revision_item.data_content_type 
_pdbx_audit_revision_item.item 
1 2 'Structure model' '_citation.journal_volume'                 
2 2 'Structure model' '_citation.page_first'                     
3 2 'Structure model' '_citation.page_last'                      
4 3 'Structure model' '_pdbx_audit_support.funding_organization' 
5 4 'Structure model' '_database_2.pdbx_DOI'                     
6 4 'Structure model' '_database_2.pdbx_database_accession'      
# 
loop_
_pdbx_refine_tls.pdbx_refine_id 
_pdbx_refine_tls.id 
_pdbx_refine_tls.details 
_pdbx_refine_tls.method 
_pdbx_refine_tls.origin_x 
_pdbx_refine_tls.origin_y 
_pdbx_refine_tls.origin_z 
_pdbx_refine_tls.T[1][1] 
_pdbx_refine_tls.T[2][2] 
_pdbx_refine_tls.T[3][3] 
_pdbx_refine_tls.T[1][2] 
_pdbx_refine_tls.T[1][3] 
_pdbx_refine_tls.T[2][3] 
_pdbx_refine_tls.L[1][1] 
_pdbx_refine_tls.L[2][2] 
_pdbx_refine_tls.L[3][3] 
_pdbx_refine_tls.L[1][2] 
_pdbx_refine_tls.L[1][3] 
_pdbx_refine_tls.L[2][3] 
_pdbx_refine_tls.S[1][1] 
_pdbx_refine_tls.S[1][2] 
_pdbx_refine_tls.S[1][3] 
_pdbx_refine_tls.S[2][1] 
_pdbx_refine_tls.S[2][2] 
_pdbx_refine_tls.S[2][3] 
_pdbx_refine_tls.S[3][1] 
_pdbx_refine_tls.S[3][2] 
_pdbx_refine_tls.S[3][3] 
'X-RAY DIFFRACTION' 1  ? refined 3.0303  -9.9339  2.9821   0.6501 0.4327 0.3778 -0.0487 -0.0433 0.0719  5.3248 1.0725  7.8683  1.9025  6.4382  2.6164  0.2699  -1.1155 0.0345  1.1896  -0.1388 1.1747  1.4281  -1.1856 0.7026  
'X-RAY DIFFRACTION' 2  ? refined 3.7124  -21.4852 -17.4250 0.6156 0.5365 0.7558 0.0568  -0.2983 -0.2259 3.2730 1.2308  11.2843 0.4797  1.0691  -3.4220 0.2642  0.3487  -0.4150 -1.7810 -0.7138 1.3904  -0.0049 -1.1282 0.1803  
'X-RAY DIFFRACTION' 3  ? refined 5.8696  -8.9820  -8.7031  0.5320 0.6638 0.4264 0.0119  -0.0641 0.0026  4.2708 11.8560 3.1160  -3.1833 2.6667  -1.9803 -0.1607 0.2511  1.3252  -2.4245 -0.8501 1.3956  -0.7239 -0.9534 -0.5915 
'X-RAY DIFFRACTION' 4  ? refined 6.3391  6.3192   -4.5688  0.8086 0.6032 0.8017 0.0434  0.1182  0.0304  4.8049 3.7772  5.0685  -0.7448 4.1478  -2.1371 0.1941  -1.5054 -0.5381 -0.5167 0.1018  0.5202  -1.8013 0.1292  -1.7627 
'X-RAY DIFFRACTION' 5  ? refined -3.3032 14.1222  4.7149   1.2587 0.9133 0.4937 0.4431  0.0833  -0.0187 1.8639 4.1898  7.7273  1.7723  -1.2069 -0.6553 0.9872  0.0169  0.4253  1.0037  0.3710  0.1486  -3.9532 -0.6922 -0.2385 
'X-RAY DIFFRACTION' 6  ? refined -5.0283 7.0670   -3.7012  0.7082 0.4318 0.6920 0.0432  -0.0566 0.1033  2.3604 0.7384  10.8970 -0.8295 0.3317  1.2339  -0.1188 0.6129  0.6867  -0.9458 0.1628  1.3211  -1.0732 -1.4543 -0.1349 
'X-RAY DIFFRACTION' 7  ? refined -5.0374 -1.1083  -2.5735  0.6443 0.6225 0.7540 0.0000  -0.2187 -0.0023 4.2619 2.3759  9.0525  1.8672  1.1979  4.0735  0.8966  -0.1694 -0.5605 -1.0550 0.3255  1.5737  0.3427  -1.3202 -0.9513 
'X-RAY DIFFRACTION' 8  ? refined -3.3590 2.8922   9.4512   0.5849 0.7175 0.5800 0.0599  -0.0647 -0.1299 2.8489 4.4067  7.2776  -3.0620 -0.7207 -0.9529 -0.5920 -1.5415 -0.0726 0.1271  -0.1418 1.0844  -0.4380 -1.2013 0.1317  
'X-RAY DIFFRACTION' 9  ? refined 3.8726  9.2894   8.6758   0.9814 0.7213 0.8429 -0.1063 0.0882  -0.0958 1.0743 4.8439  1.4505  -2.2939 0.4369  -0.8988 0.2666  0.0320  0.7904  -0.5028 0.1519  -0.7537 -1.6355 -0.2963 -0.2346 
'X-RAY DIFFRACTION' 10 ? refined 0.0835  -4.0189  -6.3153  0.7660 0.5973 0.6404 0.0004  -0.1501 0.0385  0.5337 0.7298  10.9152 -0.5028 1.8118  -0.2578 0.0668  0.6527  0.3271  -0.5445 0.5224  0.4383  -1.6918 -0.3923 -0.8819  
# 
loop_
_pdbx_refine_tls_group.pdbx_refine_id 
_pdbx_refine_tls_group.id 
_pdbx_refine_tls_group.refine_tls_id 
_pdbx_refine_tls_group.beg_auth_asym_id 
_pdbx_refine_tls_group.beg_auth_seq_id 
_pdbx_refine_tls_group.beg_label_asym_id 
_pdbx_refine_tls_group.beg_label_seq_id 
_pdbx_refine_tls_group.end_auth_asym_id 
_pdbx_refine_tls_group.end_auth_seq_id 
_pdbx_refine_tls_group.end_label_asym_id 
_pdbx_refine_tls_group.end_label_seq_id 
_pdbx_refine_tls_group.selection 
_pdbx_refine_tls_group.selection_details 
'X-RAY DIFFRACTION' 1  1  ? ? ? ? ? ? ? ? ? 
;chain 'B' and (resid 255 through 271 )
;
'X-RAY DIFFRACTION' 2  2  ? ? ? ? ? ? ? ? ? 
;chain 'C' and (resid 1 through 5 )
;
'X-RAY DIFFRACTION' 3  3  ? ? ? ? ? ? ? ? ? 
;chain 'C' and (resid 6 through 10 )
;
'X-RAY DIFFRACTION' 4  4  ? ? ? ? ? ? ? ? ? 
;chain 'C' and (resid 11 through 15 )
;
'X-RAY DIFFRACTION' 5  5  ? ? ? ? ? ? ? ? ? 
;chain 'C' and (resid 16 through 22 )
;
'X-RAY DIFFRACTION' 6  6  ? ? ? ? ? ? ? ? ? 
;chain 'C' and (resid 23 through 34 )
;
'X-RAY DIFFRACTION' 7  7  ? ? ? ? ? ? ? ? ? 
;chain 'C' and (resid 35 through 44 )
;
'X-RAY DIFFRACTION' 8  8  ? ? ? ? ? ? ? ? ? 
;chain 'C' and (resid 45 through 56 )
;
'X-RAY DIFFRACTION' 9  9  ? ? ? ? ? ? ? ? ? 
;chain 'C' and (resid 57 through 67 )
;
'X-RAY DIFFRACTION' 10 10 ? ? ? ? ? ? ? ? ? 
;chain 'C' and (resid 68 through 76 )
;
# 
loop_
_software.citation_id 
_software.classification 
_software.compiler_name 
_software.compiler_version 
_software.contact_author 
_software.contact_author_email 
_software.date 
_software.description 
_software.dependencies 
_software.hardware 
_software.language 
_software.location 
_software.mods 
_software.name 
_software.os 
_software.os_version 
_software.type 
_software.version 
_software.pdbx_ordinal 
? refinement       ? ? ? ? ? ? ? ? ? ? ? PHENIX   ? ? ? '(1.14_3211:000)' 1 
? refinement       ? ? ? ? ? ? ? ? ? ? ? REFMAC   ? ? ? 5.8.0103          2 
? 'data reduction' ? ? ? ? ? ? ? ? ? ? ? HKL-2000 ? ? ? 2000.0.98.706     3 
? 'data scaling'   ? ? ? ? ? ? ? ? ? ? ? HKL-2000 ? ? ? 2000.0.98.706     4 
? phasing          ? ? ? ? ? ? ? ? ? ? ? PHASER   ? ? ? 6.5.0             5 
# 
_pdbx_validate_symm_contact.id                1 
_pdbx_validate_symm_contact.PDB_model_num     1 
_pdbx_validate_symm_contact.auth_atom_id_1    NH1 
_pdbx_validate_symm_contact.auth_asym_id_1    B 
_pdbx_validate_symm_contact.auth_comp_id_1    ARG 
_pdbx_validate_symm_contact.auth_seq_id_1     9 
_pdbx_validate_symm_contact.PDB_ins_code_1    ? 
_pdbx_validate_symm_contact.label_alt_id_1    ? 
_pdbx_validate_symm_contact.site_symmetry_1   1_555 
_pdbx_validate_symm_contact.auth_atom_id_2    OD2 
_pdbx_validate_symm_contact.auth_asym_id_2    C 
_pdbx_validate_symm_contact.auth_comp_id_2    ASP 
_pdbx_validate_symm_contact.auth_seq_id_2     64 
_pdbx_validate_symm_contact.PDB_ins_code_2    ? 
_pdbx_validate_symm_contact.label_alt_id_2    ? 
_pdbx_validate_symm_contact.site_symmetry_2   6_567 
_pdbx_validate_symm_contact.dist              1.84 
# 
_pdbx_validate_torsion.id              1 
_pdbx_validate_torsion.PDB_model_num   1 
_pdbx_validate_torsion.auth_comp_id    ALA 
_pdbx_validate_torsion.auth_asym_id    C 
_pdbx_validate_torsion.auth_seq_id     46 
_pdbx_validate_torsion.PDB_ins_code    ? 
_pdbx_validate_torsion.label_alt_id    ? 
_pdbx_validate_torsion.phi             38.08 
_pdbx_validate_torsion.psi             48.39 
# 
loop_
_pdbx_unobs_or_zero_occ_atoms.id 
_pdbx_unobs_or_zero_occ_atoms.PDB_model_num 
_pdbx_unobs_or_zero_occ_atoms.polymer_flag 
_pdbx_unobs_or_zero_occ_atoms.occupancy_flag 
_pdbx_unobs_or_zero_occ_atoms.auth_asym_id 
_pdbx_unobs_or_zero_occ_atoms.auth_comp_id 
_pdbx_unobs_or_zero_occ_atoms.auth_seq_id 
_pdbx_unobs_or_zero_occ_atoms.PDB_ins_code 
_pdbx_unobs_or_zero_occ_atoms.auth_atom_id 
_pdbx_unobs_or_zero_occ_atoms.label_alt_id 
_pdbx_unobs_or_zero_occ_atoms.label_asym_id 
_pdbx_unobs_or_zero_occ_atoms.label_comp_id 
_pdbx_unobs_or_zero_occ_atoms.label_seq_id 
_pdbx_unobs_or_zero_occ_atoms.label_atom_id 
1  1 Y 1 B GLU 2  ? CG  ? A GLU 3  CG  
2  1 Y 1 B GLU 2  ? CD  ? A GLU 3  CD  
3  1 Y 1 B GLU 2  ? OE1 ? A GLU 3  OE1 
4  1 Y 1 B GLU 2  ? OE2 ? A GLU 3  OE2 
5  1 Y 1 C GLN 2  ? CG  ? B GLN 9  CG  
6  1 Y 1 C GLN 2  ? CD  ? B GLN 9  CD  
7  1 Y 1 C GLN 2  ? OE1 ? B GLN 9  OE1 
8  1 Y 1 C GLN 2  ? NE2 ? B GLN 9  NE2 
9  1 Y 1 C GLU 16 ? CG  ? B GLU 23 CG  
10 1 Y 1 C GLU 16 ? CD  ? B GLU 23 CD  
11 1 Y 1 C GLU 16 ? OE1 ? B GLU 23 OE1 
12 1 Y 1 C GLU 16 ? OE2 ? B GLU 23 OE2 
13 1 Y 1 C GLU 18 ? CG  ? B GLU 25 CG  
14 1 Y 1 C GLU 18 ? CD  ? B GLU 25 CD  
15 1 Y 1 C GLU 18 ? OE1 ? B GLU 25 OE1 
16 1 Y 1 C GLU 18 ? OE2 ? B GLU 25 OE2 
17 1 Y 1 C LYS 29 ? CG  ? B LYS 36 CG  
18 1 Y 1 C LYS 29 ? CD  ? B LYS 36 CD  
19 1 Y 1 C LYS 29 ? CE  ? B LYS 36 CE  
20 1 Y 1 C LYS 29 ? NZ  ? B LYS 36 NZ  
21 1 Y 1 C SER 57 ? OG  ? B SER 64 OG  
22 1 Y 1 C LYS 62 ? CG  ? B LYS 69 CG  
23 1 Y 1 C LYS 62 ? CD  ? B LYS 69 CD  
24 1 Y 1 C LYS 62 ? CE  ? B LYS 69 CE  
25 1 Y 1 C LYS 62 ? NZ  ? B LYS 69 NZ  
26 1 Y 1 C ARG 74 ? CG  ? B ARG 81 CG  
27 1 Y 1 C ARG 74 ? CD  ? B ARG 81 CD  
28 1 Y 1 C ARG 74 ? NE  ? B ARG 81 NE  
29 1 Y 1 C ARG 74 ? CZ  ? B ARG 81 CZ  
30 1 Y 1 C ARG 74 ? NH1 ? B ARG 81 NH1 
31 1 Y 1 C ARG 74 ? NH2 ? B ARG 81 NH2 
32 1 Y 1 C SER 75 ? OG  ? B SER 82 OG  
# 
loop_
_pdbx_unobs_or_zero_occ_residues.id 
_pdbx_unobs_or_zero_occ_residues.PDB_model_num 
_pdbx_unobs_or_zero_occ_residues.polymer_flag 
_pdbx_unobs_or_zero_occ_residues.occupancy_flag 
_pdbx_unobs_or_zero_occ_residues.auth_asym_id 
_pdbx_unobs_or_zero_occ_residues.auth_comp_id 
_pdbx_unobs_or_zero_occ_residues.auth_seq_id 
_pdbx_unobs_or_zero_occ_residues.PDB_ins_code 
_pdbx_unobs_or_zero_occ_residues.label_asym_id 
_pdbx_unobs_or_zero_occ_residues.label_comp_id 
_pdbx_unobs_or_zero_occ_residues.label_seq_id 
1  1 Y 1 B LYS 17 ? A LYS 18 
2  1 Y 1 B GLU 18 ? A GLU 19 
3  1 Y 1 B SER 19 ? A SER 20 
4  1 Y 1 B ARG 20 ? A ARG 21 
5  1 Y 1 B ASN 21 ? A ASN 22 
6  1 Y 1 B SER 22 ? A SER 23 
7  1 Y 1 B ALA 23 ? A ALA 24 
8  1 Y 1 C GLY -6 ? B GLY 1  
9  1 Y 1 C GLY -5 ? B GLY 2  
10 1 Y 1 C ALA -4 ? B ALA 3  
11 1 Y 1 C ALA -3 ? B ALA 4  
12 1 Y 1 C GLN -2 ? B GLN 5  
13 1 Y 1 C PRO -1 ? B PRO 6  
14 1 Y 1 C ALA 0  ? B ALA 7  
15 1 Y 1 C ARG 77 ? B ARG 84 
16 1 Y 1 C ALA 78 ? B ALA 85 
17 1 Y 1 C GLY 79 ? B GLY 86 
18 1 Y 1 C ALA 80 ? B ALA 87 
19 1 Y 1 C ALA 81 ? B ALA 88 
20 1 Y 1 C ALA 82 ? B ALA 89 
# 
loop_
_chem_comp_atom.comp_id 
_chem_comp_atom.atom_id 
_chem_comp_atom.type_symbol 
_chem_comp_atom.pdbx_aromatic_flag 
_chem_comp_atom.pdbx_stereo_config 
_chem_comp_atom.pdbx_ordinal 
ALA N    N N N 1   
ALA CA   C N S 2   
ALA C    C N N 3   
ALA O    O N N 4   
ALA CB   C N N 5   
ALA OXT  O N N 6   
ALA H    H N N 7   
ALA H2   H N N 8   
ALA HA   H N N 9   
ALA HB1  H N N 10  
ALA HB2  H N N 11  
ALA HB3  H N N 12  
ALA HXT  H N N 13  
ARG N    N N N 14  
ARG CA   C N S 15  
ARG C    C N N 16  
ARG O    O N N 17  
ARG CB   C N N 18  
ARG CG   C N N 19  
ARG CD   C N N 20  
ARG NE   N N N 21  
ARG CZ   C N N 22  
ARG NH1  N N N 23  
ARG NH2  N N N 24  
ARG OXT  O N N 25  
ARG H    H N N 26  
ARG H2   H N N 27  
ARG HA   H N N 28  
ARG HB2  H N N 29  
ARG HB3  H N N 30  
ARG HG2  H N N 31  
ARG HG3  H N N 32  
ARG HD2  H N N 33  
ARG HD3  H N N 34  
ARG HE   H N N 35  
ARG HH11 H N N 36  
ARG HH12 H N N 37  
ARG HH21 H N N 38  
ARG HH22 H N N 39  
ARG HXT  H N N 40  
ASN N    N N N 41  
ASN CA   C N S 42  
ASN C    C N N 43  
ASN O    O N N 44  
ASN CB   C N N 45  
ASN CG   C N N 46  
ASN OD1  O N N 47  
ASN ND2  N N N 48  
ASN OXT  O N N 49  
ASN H    H N N 50  
ASN H2   H N N 51  
ASN HA   H N N 52  
ASN HB2  H N N 53  
ASN HB3  H N N 54  
ASN HD21 H N N 55  
ASN HD22 H N N 56  
ASN HXT  H N N 57  
ASP N    N N N 58  
ASP CA   C N S 59  
ASP C    C N N 60  
ASP O    O N N 61  
ASP CB   C N N 62  
ASP CG   C N N 63  
ASP OD1  O N N 64  
ASP OD2  O N N 65  
ASP OXT  O N N 66  
ASP H    H N N 67  
ASP H2   H N N 68  
ASP HA   H N N 69  
ASP HB2  H N N 70  
ASP HB3  H N N 71  
ASP HD2  H N N 72  
ASP HXT  H N N 73  
GLN N    N N N 74  
GLN CA   C N S 75  
GLN C    C N N 76  
GLN O    O N N 77  
GLN CB   C N N 78  
GLN CG   C N N 79  
GLN CD   C N N 80  
GLN OE1  O N N 81  
GLN NE2  N N N 82  
GLN OXT  O N N 83  
GLN H    H N N 84  
GLN H2   H N N 85  
GLN HA   H N N 86  
GLN HB2  H N N 87  
GLN HB3  H N N 88  
GLN HG2  H N N 89  
GLN HG3  H N N 90  
GLN HE21 H N N 91  
GLN HE22 H N N 92  
GLN HXT  H N N 93  
GLU N    N N N 94  
GLU CA   C N S 95  
GLU C    C N N 96  
GLU O    O N N 97  
GLU CB   C N N 98  
GLU CG   C N N 99  
GLU CD   C N N 100 
GLU OE1  O N N 101 
GLU OE2  O N N 102 
GLU OXT  O N N 103 
GLU H    H N N 104 
GLU H2   H N N 105 
GLU HA   H N N 106 
GLU HB2  H N N 107 
GLU HB3  H N N 108 
GLU HG2  H N N 109 
GLU HG3  H N N 110 
GLU HE2  H N N 111 
GLU HXT  H N N 112 
GLY N    N N N 113 
GLY CA   C N N 114 
GLY C    C N N 115 
GLY O    O N N 116 
GLY OXT  O N N 117 
GLY H    H N N 118 
GLY H2   H N N 119 
GLY HA2  H N N 120 
GLY HA3  H N N 121 
GLY HXT  H N N 122 
HIS N    N N N 123 
HIS CA   C N S 124 
HIS C    C N N 125 
HIS O    O N N 126 
HIS CB   C N N 127 
HIS CG   C Y N 128 
HIS ND1  N Y N 129 
HIS CD2  C Y N 130 
HIS CE1  C Y N 131 
HIS NE2  N Y N 132 
HIS OXT  O N N 133 
HIS H    H N N 134 
HIS H2   H N N 135 
HIS HA   H N N 136 
HIS HB2  H N N 137 
HIS HB3  H N N 138 
HIS HD1  H N N 139 
HIS HD2  H N N 140 
HIS HE1  H N N 141 
HIS HE2  H N N 142 
HIS HXT  H N N 143 
HOH O    O N N 144 
HOH H1   H N N 145 
HOH H2   H N N 146 
ILE N    N N N 147 
ILE CA   C N S 148 
ILE C    C N N 149 
ILE O    O N N 150 
ILE CB   C N S 151 
ILE CG1  C N N 152 
ILE CG2  C N N 153 
ILE CD1  C N N 154 
ILE OXT  O N N 155 
ILE H    H N N 156 
ILE H2   H N N 157 
ILE HA   H N N 158 
ILE HB   H N N 159 
ILE HG12 H N N 160 
ILE HG13 H N N 161 
ILE HG21 H N N 162 
ILE HG22 H N N 163 
ILE HG23 H N N 164 
ILE HD11 H N N 165 
ILE HD12 H N N 166 
ILE HD13 H N N 167 
ILE HXT  H N N 168 
LEU N    N N N 169 
LEU CA   C N S 170 
LEU C    C N N 171 
LEU O    O N N 172 
LEU CB   C N N 173 
LEU CG   C N N 174 
LEU CD1  C N N 175 
LEU CD2  C N N 176 
LEU OXT  O N N 177 
LEU H    H N N 178 
LEU H2   H N N 179 
LEU HA   H N N 180 
LEU HB2  H N N 181 
LEU HB3  H N N 182 
LEU HG   H N N 183 
LEU HD11 H N N 184 
LEU HD12 H N N 185 
LEU HD13 H N N 186 
LEU HD21 H N N 187 
LEU HD22 H N N 188 
LEU HD23 H N N 189 
LEU HXT  H N N 190 
LYS N    N N N 191 
LYS CA   C N S 192 
LYS C    C N N 193 
LYS O    O N N 194 
LYS CB   C N N 195 
LYS CG   C N N 196 
LYS CD   C N N 197 
LYS CE   C N N 198 
LYS NZ   N N N 199 
LYS OXT  O N N 200 
LYS H    H N N 201 
LYS H2   H N N 202 
LYS HA   H N N 203 
LYS HB2  H N N 204 
LYS HB3  H N N 205 
LYS HG2  H N N 206 
LYS HG3  H N N 207 
LYS HD2  H N N 208 
LYS HD3  H N N 209 
LYS HE2  H N N 210 
LYS HE3  H N N 211 
LYS HZ1  H N N 212 
LYS HZ2  H N N 213 
LYS HZ3  H N N 214 
LYS HXT  H N N 215 
MET N    N N N 216 
MET CA   C N S 217 
MET C    C N N 218 
MET O    O N N 219 
MET CB   C N N 220 
MET CG   C N N 221 
MET SD   S N N 222 
MET CE   C N N 223 
MET OXT  O N N 224 
MET H    H N N 225 
MET H2   H N N 226 
MET HA   H N N 227 
MET HB2  H N N 228 
MET HB3  H N N 229 
MET HG2  H N N 230 
MET HG3  H N N 231 
MET HE1  H N N 232 
MET HE2  H N N 233 
MET HE3  H N N 234 
MET HXT  H N N 235 
PHE N    N N N 236 
PHE CA   C N S 237 
PHE C    C N N 238 
PHE O    O N N 239 
PHE CB   C N N 240 
PHE CG   C Y N 241 
PHE CD1  C Y N 242 
PHE CD2  C Y N 243 
PHE CE1  C Y N 244 
PHE CE2  C Y N 245 
PHE CZ   C Y N 246 
PHE OXT  O N N 247 
PHE H    H N N 248 
PHE H2   H N N 249 
PHE HA   H N N 250 
PHE HB2  H N N 251 
PHE HB3  H N N 252 
PHE HD1  H N N 253 
PHE HD2  H N N 254 
PHE HE1  H N N 255 
PHE HE2  H N N 256 
PHE HZ   H N N 257 
PHE HXT  H N N 258 
PRO N    N N N 259 
PRO CA   C N S 260 
PRO C    C N N 261 
PRO O    O N N 262 
PRO CB   C N N 263 
PRO CG   C N N 264 
PRO CD   C N N 265 
PRO OXT  O N N 266 
PRO H    H N N 267 
PRO HA   H N N 268 
PRO HB2  H N N 269 
PRO HB3  H N N 270 
PRO HG2  H N N 271 
PRO HG3  H N N 272 
PRO HD2  H N N 273 
PRO HD3  H N N 274 
PRO HXT  H N N 275 
SER N    N N N 276 
SER CA   C N S 277 
SER C    C N N 278 
SER O    O N N 279 
SER CB   C N N 280 
SER OG   O N N 281 
SER OXT  O N N 282 
SER H    H N N 283 
SER H2   H N N 284 
SER HA   H N N 285 
SER HB2  H N N 286 
SER HB3  H N N 287 
SER HG   H N N 288 
SER HXT  H N N 289 
THR N    N N N 290 
THR CA   C N S 291 
THR C    C N N 292 
THR O    O N N 293 
THR CB   C N R 294 
THR OG1  O N N 295 
THR CG2  C N N 296 
THR OXT  O N N 297 
THR H    H N N 298 
THR H2   H N N 299 
THR HA   H N N 300 
THR HB   H N N 301 
THR HG1  H N N 302 
THR HG21 H N N 303 
THR HG22 H N N 304 
THR HG23 H N N 305 
THR HXT  H N N 306 
TYR N    N N N 307 
TYR CA   C N S 308 
TYR C    C N N 309 
TYR O    O N N 310 
TYR CB   C N N 311 
TYR CG   C Y N 312 
TYR CD1  C Y N 313 
TYR CD2  C Y N 314 
TYR CE1  C Y N 315 
TYR CE2  C Y N 316 
TYR CZ   C Y N 317 
TYR OH   O N N 318 
TYR OXT  O N N 319 
TYR H    H N N 320 
TYR H2   H N N 321 
TYR HA   H N N 322 
TYR HB2  H N N 323 
TYR HB3  H N N 324 
TYR HD1  H N N 325 
TYR HD2  H N N 326 
TYR HE1  H N N 327 
TYR HE2  H N N 328 
TYR HH   H N N 329 
TYR HXT  H N N 330 
VAL N    N N N 331 
VAL CA   C N S 332 
VAL C    C N N 333 
VAL O    O N N 334 
VAL CB   C N N 335 
VAL CG1  C N N 336 
VAL CG2  C N N 337 
VAL OXT  O N N 338 
VAL H    H N N 339 
VAL H2   H N N 340 
VAL HA   H N N 341 
VAL HB   H N N 342 
VAL HG11 H N N 343 
VAL HG12 H N N 344 
VAL HG13 H N N 345 
VAL HG21 H N N 346 
VAL HG22 H N N 347 
VAL HG23 H N N 348 
VAL HXT  H N N 349 
# 
loop_
_chem_comp_bond.comp_id 
_chem_comp_bond.atom_id_1 
_chem_comp_bond.atom_id_2 
_chem_comp_bond.value_order 
_chem_comp_bond.pdbx_aromatic_flag 
_chem_comp_bond.pdbx_stereo_config 
_chem_comp_bond.pdbx_ordinal 
ALA N   CA   sing N N 1   
ALA N   H    sing N N 2   
ALA N   H2   sing N N 3   
ALA CA  C    sing N N 4   
ALA CA  CB   sing N N 5   
ALA CA  HA   sing N N 6   
ALA C   O    doub N N 7   
ALA C   OXT  sing N N 8   
ALA CB  HB1  sing N N 9   
ALA CB  HB2  sing N N 10  
ALA CB  HB3  sing N N 11  
ALA OXT HXT  sing N N 12  
ARG N   CA   sing N N 13  
ARG N   H    sing N N 14  
ARG N   H2   sing N N 15  
ARG CA  C    sing N N 16  
ARG CA  CB   sing N N 17  
ARG CA  HA   sing N N 18  
ARG C   O    doub N N 19  
ARG C   OXT  sing N N 20  
ARG CB  CG   sing N N 21  
ARG CB  HB2  sing N N 22  
ARG CB  HB3  sing N N 23  
ARG CG  CD   sing N N 24  
ARG CG  HG2  sing N N 25  
ARG CG  HG3  sing N N 26  
ARG CD  NE   sing N N 27  
ARG CD  HD2  sing N N 28  
ARG CD  HD3  sing N N 29  
ARG NE  CZ   sing N N 30  
ARG NE  HE   sing N N 31  
ARG CZ  NH1  sing N N 32  
ARG CZ  NH2  doub N N 33  
ARG NH1 HH11 sing N N 34  
ARG NH1 HH12 sing N N 35  
ARG NH2 HH21 sing N N 36  
ARG NH2 HH22 sing N N 37  
ARG OXT HXT  sing N N 38  
ASN N   CA   sing N N 39  
ASN N   H    sing N N 40  
ASN N   H2   sing N N 41  
ASN CA  C    sing N N 42  
ASN CA  CB   sing N N 43  
ASN CA  HA   sing N N 44  
ASN C   O    doub N N 45  
ASN C   OXT  sing N N 46  
ASN CB  CG   sing N N 47  
ASN CB  HB2  sing N N 48  
ASN CB  HB3  sing N N 49  
ASN CG  OD1  doub N N 50  
ASN CG  ND2  sing N N 51  
ASN ND2 HD21 sing N N 52  
ASN ND2 HD22 sing N N 53  
ASN OXT HXT  sing N N 54  
ASP N   CA   sing N N 55  
ASP N   H    sing N N 56  
ASP N   H2   sing N N 57  
ASP CA  C    sing N N 58  
ASP CA  CB   sing N N 59  
ASP CA  HA   sing N N 60  
ASP C   O    doub N N 61  
ASP C   OXT  sing N N 62  
ASP CB  CG   sing N N 63  
ASP CB  HB2  sing N N 64  
ASP CB  HB3  sing N N 65  
ASP CG  OD1  doub N N 66  
ASP CG  OD2  sing N N 67  
ASP OD2 HD2  sing N N 68  
ASP OXT HXT  sing N N 69  
GLN N   CA   sing N N 70  
GLN N   H    sing N N 71  
GLN N   H2   sing N N 72  
GLN CA  C    sing N N 73  
GLN CA  CB   sing N N 74  
GLN CA  HA   sing N N 75  
GLN C   O    doub N N 76  
GLN C   OXT  sing N N 77  
GLN CB  CG   sing N N 78  
GLN CB  HB2  sing N N 79  
GLN CB  HB3  sing N N 80  
GLN CG  CD   sing N N 81  
GLN CG  HG2  sing N N 82  
GLN CG  HG3  sing N N 83  
GLN CD  OE1  doub N N 84  
GLN CD  NE2  sing N N 85  
GLN NE2 HE21 sing N N 86  
GLN NE2 HE22 sing N N 87  
GLN OXT HXT  sing N N 88  
GLU N   CA   sing N N 89  
GLU N   H    sing N N 90  
GLU N   H2   sing N N 91  
GLU CA  C    sing N N 92  
GLU CA  CB   sing N N 93  
GLU CA  HA   sing N N 94  
GLU C   O    doub N N 95  
GLU C   OXT  sing N N 96  
GLU CB  CG   sing N N 97  
GLU CB  HB2  sing N N 98  
GLU CB  HB3  sing N N 99  
GLU CG  CD   sing N N 100 
GLU CG  HG2  sing N N 101 
GLU CG  HG3  sing N N 102 
GLU CD  OE1  doub N N 103 
GLU CD  OE2  sing N N 104 
GLU OE2 HE2  sing N N 105 
GLU OXT HXT  sing N N 106 
GLY N   CA   sing N N 107 
GLY N   H    sing N N 108 
GLY N   H2   sing N N 109 
GLY CA  C    sing N N 110 
GLY CA  HA2  sing N N 111 
GLY CA  HA3  sing N N 112 
GLY C   O    doub N N 113 
GLY C   OXT  sing N N 114 
GLY OXT HXT  sing N N 115 
HIS N   CA   sing N N 116 
HIS N   H    sing N N 117 
HIS N   H2   sing N N 118 
HIS CA  C    sing N N 119 
HIS CA  CB   sing N N 120 
HIS CA  HA   sing N N 121 
HIS C   O    doub N N 122 
HIS C   OXT  sing N N 123 
HIS CB  CG   sing N N 124 
HIS CB  HB2  sing N N 125 
HIS CB  HB3  sing N N 126 
HIS CG  ND1  sing Y N 127 
HIS CG  CD2  doub Y N 128 
HIS ND1 CE1  doub Y N 129 
HIS ND1 HD1  sing N N 130 
HIS CD2 NE2  sing Y N 131 
HIS CD2 HD2  sing N N 132 
HIS CE1 NE2  sing Y N 133 
HIS CE1 HE1  sing N N 134 
HIS NE2 HE2  sing N N 135 
HIS OXT HXT  sing N N 136 
HOH O   H1   sing N N 137 
HOH O   H2   sing N N 138 
ILE N   CA   sing N N 139 
ILE N   H    sing N N 140 
ILE N   H2   sing N N 141 
ILE CA  C    sing N N 142 
ILE CA  CB   sing N N 143 
ILE CA  HA   sing N N 144 
ILE C   O    doub N N 145 
ILE C   OXT  sing N N 146 
ILE CB  CG1  sing N N 147 
ILE CB  CG2  sing N N 148 
ILE CB  HB   sing N N 149 
ILE CG1 CD1  sing N N 150 
ILE CG1 HG12 sing N N 151 
ILE CG1 HG13 sing N N 152 
ILE CG2 HG21 sing N N 153 
ILE CG2 HG22 sing N N 154 
ILE CG2 HG23 sing N N 155 
ILE CD1 HD11 sing N N 156 
ILE CD1 HD12 sing N N 157 
ILE CD1 HD13 sing N N 158 
ILE OXT HXT  sing N N 159 
LEU N   CA   sing N N 160 
LEU N   H    sing N N 161 
LEU N   H2   sing N N 162 
LEU CA  C    sing N N 163 
LEU CA  CB   sing N N 164 
LEU CA  HA   sing N N 165 
LEU C   O    doub N N 166 
LEU C   OXT  sing N N 167 
LEU CB  CG   sing N N 168 
LEU CB  HB2  sing N N 169 
LEU CB  HB3  sing N N 170 
LEU CG  CD1  sing N N 171 
LEU CG  CD2  sing N N 172 
LEU CG  HG   sing N N 173 
LEU CD1 HD11 sing N N 174 
LEU CD1 HD12 sing N N 175 
LEU CD1 HD13 sing N N 176 
LEU CD2 HD21 sing N N 177 
LEU CD2 HD22 sing N N 178 
LEU CD2 HD23 sing N N 179 
LEU OXT HXT  sing N N 180 
LYS N   CA   sing N N 181 
LYS N   H    sing N N 182 
LYS N   H2   sing N N 183 
LYS CA  C    sing N N 184 
LYS CA  CB   sing N N 185 
LYS CA  HA   sing N N 186 
LYS C   O    doub N N 187 
LYS C   OXT  sing N N 188 
LYS CB  CG   sing N N 189 
LYS CB  HB2  sing N N 190 
LYS CB  HB3  sing N N 191 
LYS CG  CD   sing N N 192 
LYS CG  HG2  sing N N 193 
LYS CG  HG3  sing N N 194 
LYS CD  CE   sing N N 195 
LYS CD  HD2  sing N N 196 
LYS CD  HD3  sing N N 197 
LYS CE  NZ   sing N N 198 
LYS CE  HE2  sing N N 199 
LYS CE  HE3  sing N N 200 
LYS NZ  HZ1  sing N N 201 
LYS NZ  HZ2  sing N N 202 
LYS NZ  HZ3  sing N N 203 
LYS OXT HXT  sing N N 204 
MET N   CA   sing N N 205 
MET N   H    sing N N 206 
MET N   H2   sing N N 207 
MET CA  C    sing N N 208 
MET CA  CB   sing N N 209 
MET CA  HA   sing N N 210 
MET C   O    doub N N 211 
MET C   OXT  sing N N 212 
MET CB  CG   sing N N 213 
MET CB  HB2  sing N N 214 
MET CB  HB3  sing N N 215 
MET CG  SD   sing N N 216 
MET CG  HG2  sing N N 217 
MET CG  HG3  sing N N 218 
MET SD  CE   sing N N 219 
MET CE  HE1  sing N N 220 
MET CE  HE2  sing N N 221 
MET CE  HE3  sing N N 222 
MET OXT HXT  sing N N 223 
PHE N   CA   sing N N 224 
PHE N   H    sing N N 225 
PHE N   H2   sing N N 226 
PHE CA  C    sing N N 227 
PHE CA  CB   sing N N 228 
PHE CA  HA   sing N N 229 
PHE C   O    doub N N 230 
PHE C   OXT  sing N N 231 
PHE CB  CG   sing N N 232 
PHE CB  HB2  sing N N 233 
PHE CB  HB3  sing N N 234 
PHE CG  CD1  doub Y N 235 
PHE CG  CD2  sing Y N 236 
PHE CD1 CE1  sing Y N 237 
PHE CD1 HD1  sing N N 238 
PHE CD2 CE2  doub Y N 239 
PHE CD2 HD2  sing N N 240 
PHE CE1 CZ   doub Y N 241 
PHE CE1 HE1  sing N N 242 
PHE CE2 CZ   sing Y N 243 
PHE CE2 HE2  sing N N 244 
PHE CZ  HZ   sing N N 245 
PHE OXT HXT  sing N N 246 
PRO N   CA   sing N N 247 
PRO N   CD   sing N N 248 
PRO N   H    sing N N 249 
PRO CA  C    sing N N 250 
PRO CA  CB   sing N N 251 
PRO CA  HA   sing N N 252 
PRO C   O    doub N N 253 
PRO C   OXT  sing N N 254 
PRO CB  CG   sing N N 255 
PRO CB  HB2  sing N N 256 
PRO CB  HB3  sing N N 257 
PRO CG  CD   sing N N 258 
PRO CG  HG2  sing N N 259 
PRO CG  HG3  sing N N 260 
PRO CD  HD2  sing N N 261 
PRO CD  HD3  sing N N 262 
PRO OXT HXT  sing N N 263 
SER N   CA   sing N N 264 
SER N   H    sing N N 265 
SER N   H2   sing N N 266 
SER CA  C    sing N N 267 
SER CA  CB   sing N N 268 
SER CA  HA   sing N N 269 
SER C   O    doub N N 270 
SER C   OXT  sing N N 271 
SER CB  OG   sing N N 272 
SER CB  HB2  sing N N 273 
SER CB  HB3  sing N N 274 
SER OG  HG   sing N N 275 
SER OXT HXT  sing N N 276 
THR N   CA   sing N N 277 
THR N   H    sing N N 278 
THR N   H2   sing N N 279 
THR CA  C    sing N N 280 
THR CA  CB   sing N N 281 
THR CA  HA   sing N N 282 
THR C   O    doub N N 283 
THR C   OXT  sing N N 284 
THR CB  OG1  sing N N 285 
THR CB  CG2  sing N N 286 
THR CB  HB   sing N N 287 
THR OG1 HG1  sing N N 288 
THR CG2 HG21 sing N N 289 
THR CG2 HG22 sing N N 290 
THR CG2 HG23 sing N N 291 
THR OXT HXT  sing N N 292 
TYR N   CA   sing N N 293 
TYR N   H    sing N N 294 
TYR N   H2   sing N N 295 
TYR CA  C    sing N N 296 
TYR CA  CB   sing N N 297 
TYR CA  HA   sing N N 298 
TYR C   O    doub N N 299 
TYR C   OXT  sing N N 300 
TYR CB  CG   sing N N 301 
TYR CB  HB2  sing N N 302 
TYR CB  HB3  sing N N 303 
TYR CG  CD1  doub Y N 304 
TYR CG  CD2  sing Y N 305 
TYR CD1 CE1  sing Y N 306 
TYR CD1 HD1  sing N N 307 
TYR CD2 CE2  doub Y N 308 
TYR CD2 HD2  sing N N 309 
TYR CE1 CZ   doub Y N 310 
TYR CE1 HE1  sing N N 311 
TYR CE2 CZ   sing Y N 312 
TYR CE2 HE2  sing N N 313 
TYR CZ  OH   sing N N 314 
TYR OH  HH   sing N N 315 
TYR OXT HXT  sing N N 316 
VAL N   CA   sing N N 317 
VAL N   H    sing N N 318 
VAL N   H2   sing N N 319 
VAL CA  C    sing N N 320 
VAL CA  CB   sing N N 321 
VAL CA  HA   sing N N 322 
VAL C   O    doub N N 323 
VAL C   OXT  sing N N 324 
VAL CB  CG1  sing N N 325 
VAL CB  CG2  sing N N 326 
VAL CB  HB   sing N N 327 
VAL CG1 HG11 sing N N 328 
VAL CG1 HG12 sing N N 329 
VAL CG1 HG13 sing N N 330 
VAL CG2 HG21 sing N N 331 
VAL CG2 HG22 sing N N 332 
VAL CG2 HG23 sing N N 333 
VAL OXT HXT  sing N N 334 
# 
_pdbx_audit_support.funding_organization   'Canadian Institutes of Health Research (CIHR)' 
_pdbx_audit_support.country                Canada 
_pdbx_audit_support.grant_number           FDN-143277 
_pdbx_audit_support.ordinal                1 
# 
_pdbx_entity_nonpoly.entity_id   3 
_pdbx_entity_nonpoly.name        water 
_pdbx_entity_nonpoly.comp_id     HOH 
# 
loop_
_pdbx_initial_refinement_model.id 
_pdbx_initial_refinement_model.entity_id_list 
_pdbx_initial_refinement_model.type 
_pdbx_initial_refinement_model.source_name 
_pdbx_initial_refinement_model.accession_code 
_pdbx_initial_refinement_model.details 
1 ? 'experimental model' PDB 1Q0W '1Q0W, 1UBQ' 
2 ? 'experimental model' PDB 1UBQ '1Q0W, 1UBQ' 
# 
_pdbx_struct_assembly_auth_evidence.id                     1 
_pdbx_struct_assembly_auth_evidence.assembly_id            1 
_pdbx_struct_assembly_auth_evidence.experimental_support   'gel filtration' 
_pdbx_struct_assembly_auth_evidence.details                ? 
# 
